data_1EWQ
#
_entry.id   1EWQ
#
_cell.length_a   103.167
_cell.length_b   114.216
_cell.length_c   160.792
_cell.angle_alpha   90.00
_cell.angle_beta   90.00
_cell.angle_gamma   90.00
#
_symmetry.space_group_name_H-M   'P 21 21 21'
#
loop_
_entity.id
_entity.type
_entity.pdbx_description
1 polymer "DNA (5'-D(*GP*CP*GP*AP*CP*GP*CP*TP*AP*GP*CP*GP*TP*GP*CP*GP*GP*CP*TP*CP*GP*TP*C)-3')"
2 polymer "DNA (5'-D(*GP*GP*AP*CP*GP*AP*GP*CP*CP*GP*CP*CP*GP*CP*TP*AP*GP*CP*GP*TP*CP*G)-3')"
3 polymer 'DNA MISMATCH REPAIR PROTEIN MUTS'
4 non-polymer 'SULFATE ION'
5 non-polymer 1,2-ETHANEDIOL
6 water water
#
loop_
_entity_poly.entity_id
_entity_poly.type
_entity_poly.pdbx_seq_one_letter_code
_entity_poly.pdbx_strand_id
1 'polydeoxyribonucleotide'
;(DG)(DC)(DG)(DA)(DC)(DG)(DC)(DT)(DA)(DG)(DC)(DG)(DT)(DG)(DC)(DG)(DG)(DC)(DT)(DC)
(DG)(DT)(DC)
;
C
2 'polydeoxyribonucleotide'
;(DG)(DG)(DA)(DC)(DG)(DA)(DG)(DC)(DC)(DG)(DC)(DC)(DG)(DC)(DT)(DA)(DG)(DC)(DG)(DT)
(DC)(DG)
;
D
3 'polypeptide(L)'
;(MSE)EG(MSE)LKGEGPGPLPPLLQQYVELRDQYPDYLLLFQVGDFYECFGEDAERLARALGLVLTHKTSKDFTTP
(MSE)AGIPLRAFEAYAERLLK(MSE)GFRLAVADQVEPAEEAEGLVRREVTQLLTPGTLLQESLLPREANYLAAIATGD
GWGLAFLDVSTGEFKGTVLKSKSALYDELFRHRPAEVLLAPELLENGAFLDEFRKRFPV(MSE)LSEAPFEPEGEGPLAL
RRARGALLAYAQRTQGGALSLQPFRFYDPGAF(MSE)RLPEATLRALEVFEPLRGQDTLFSVLDETRTAPGRRLLQSWLR
HPLLDRGPLEARLDRVEGFVREGALREGVRRLLYRLADLERLATRLELGRASPKDLGALRRSLQILPELRALLGEEVGLP
DLSPLKEELEAALVEDPPLKVSEGGLIREGYDPDLDALRAAHREGVAYFLELEERERERTGIPTLKVGYNAVFGYYLEVT
RPYYERVPKEYRPVQTLKDRQRYTLPE(MSE)KEKEREVYRLEALIRRREEEVFLEVRERAKRQAEALREAARILAELDV
YAALAEVAVRYGYVRPRFGDRLQIRAGRHPVVERRTEFVPNDLE(MSE)AHELVLITGPN(MSE)AGKSTFLRQTALIAL
LAQVGSFVPAEEAHLPLFDGIYTRIGASDDLAGGKSTF(MSE)VE(MSE)EEVALILKEATENSLVLLDEVGRGTSSLDG
VAIATAVAEALHERRAYTLFATHYFELTALGLPRLKNLHVAAREEAGGLVFYHQVLPGPASKSYGVEVAA(MSE)AGLPK
EVVARARALLQA(MSE)AAR
;
A,B
#
# COMPACT_ATOMS: atom_id res chain seq x y z
N GLU C 2 3.46 31.50 -16.61
CA GLU C 2 3.11 30.18 -17.13
C GLU C 2 2.56 30.29 -18.54
N GLY C 3 3.02 29.39 -19.40
CA GLY C 3 2.60 29.39 -20.79
C GLY C 3 3.78 28.88 -21.59
N LEU C 5 6.38 25.37 -22.17
CA LEU C 5 6.58 23.94 -22.01
C LEU C 5 8.05 23.59 -21.79
N LYS C 6 8.30 22.65 -20.89
CA LYS C 6 9.67 22.21 -20.61
C LYS C 6 10.22 21.46 -21.80
N GLY C 7 11.52 21.60 -22.04
CA GLY C 7 12.13 20.93 -23.16
C GLY C 7 13.32 21.70 -23.69
N GLU C 8 14.32 21.00 -24.18
CA GLU C 8 15.52 21.65 -24.70
C GLU C 8 15.36 22.06 -26.15
N GLY C 9 16.06 23.13 -26.53
CA GLY C 9 15.99 23.63 -27.89
C GLY C 9 15.33 25.00 -27.88
N PRO C 10 15.82 25.95 -28.70
CA PRO C 10 15.22 27.29 -28.74
C PRO C 10 14.06 27.40 -29.72
N GLY C 11 13.76 28.64 -30.14
CA GLY C 11 12.68 28.85 -31.09
C GLY C 11 11.30 28.82 -30.47
N PRO C 12 10.24 29.05 -31.27
CA PRO C 12 8.85 29.05 -30.80
C PRO C 12 8.31 27.66 -30.44
N LEU C 13 7.01 27.62 -30.17
CA LEU C 13 6.34 26.37 -29.80
C LEU C 13 5.42 25.95 -30.95
N PRO C 14 5.51 24.69 -31.39
CA PRO C 14 4.65 24.24 -32.49
C PRO C 14 3.19 24.55 -32.16
N PRO C 15 2.34 24.75 -33.18
CA PRO C 15 0.92 25.04 -32.97
C PRO C 15 0.22 24.11 -31.97
N LEU C 16 0.39 22.80 -32.16
CA LEU C 16 -0.22 21.81 -31.28
C LEU C 16 0.17 22.04 -29.82
N LEU C 17 1.47 22.20 -29.59
CA LEU C 17 1.97 22.43 -28.25
C LEU C 17 1.40 23.72 -27.65
N GLN C 18 0.95 24.62 -28.52
CA GLN C 18 0.37 25.87 -28.06
C GLN C 18 -1.03 25.56 -27.57
N GLN C 19 -1.82 24.96 -28.45
CA GLN C 19 -3.18 24.57 -28.14
C GLN C 19 -3.16 23.80 -26.82
N TYR C 20 -2.11 23.00 -26.64
CA TYR C 20 -1.92 22.19 -25.44
C TYR C 20 -1.62 23.02 -24.19
N VAL C 21 -0.56 23.82 -24.27
CA VAL C 21 -0.13 24.67 -23.17
C VAL C 21 -1.20 25.65 -22.72
N GLU C 22 -2.01 26.13 -23.65
CA GLU C 22 -3.07 27.08 -23.36
C GLU C 22 -4.10 26.47 -22.41
N LEU C 23 -4.56 25.27 -22.74
CA LEU C 23 -5.54 24.56 -21.92
C LEU C 23 -4.94 24.18 -20.58
N ARG C 24 -3.73 23.63 -20.62
CA ARG C 24 -3.03 23.19 -19.42
C ARG C 24 -3.06 24.23 -18.31
N ASP C 25 -2.54 25.42 -18.59
CA ASP C 25 -2.49 26.49 -17.61
C ASP C 25 -3.85 26.86 -17.04
N GLN C 26 -4.92 26.55 -17.77
CA GLN C 26 -6.26 26.83 -17.31
C GLN C 26 -6.67 25.94 -16.14
N TYR C 27 -6.00 24.80 -15.98
CA TYR C 27 -6.31 23.88 -14.88
C TYR C 27 -5.04 23.45 -14.12
N PRO C 28 -4.39 24.41 -13.45
CA PRO C 28 -3.17 24.28 -12.66
C PRO C 28 -3.08 23.08 -11.70
N ASP C 29 -4.20 22.68 -11.11
CA ASP C 29 -4.19 21.58 -10.16
C ASP C 29 -4.68 20.26 -10.71
N TYR C 30 -4.71 20.14 -12.03
CA TYR C 30 -5.15 18.91 -12.68
C TYR C 30 -4.07 18.42 -13.62
N LEU C 31 -4.04 17.12 -13.87
CA LEU C 31 -3.09 16.57 -14.81
C LEU C 31 -3.89 16.55 -16.10
N LEU C 32 -3.46 17.35 -17.06
CA LEU C 32 -4.16 17.44 -18.34
C LEU C 32 -3.78 16.34 -19.32
N LEU C 33 -4.80 15.64 -19.82
CA LEU C 33 -4.63 14.57 -20.79
C LEU C 33 -5.11 15.17 -22.11
N PHE C 34 -4.14 15.50 -22.95
CA PHE C 34 -4.37 16.14 -24.25
C PHE C 34 -4.54 15.15 -25.37
N GLN C 35 -5.77 15.02 -25.87
CA GLN C 35 -6.08 14.10 -26.96
C GLN C 35 -5.48 14.50 -28.31
N VAL C 36 -4.77 13.58 -28.94
CA VAL C 36 -4.17 13.80 -30.25
C VAL C 36 -4.30 12.46 -30.97
N GLY C 37 -5.35 12.32 -31.78
CA GLY C 37 -5.56 11.06 -32.47
C GLY C 37 -6.08 10.02 -31.49
N ASP C 38 -5.51 8.82 -31.50
CA ASP C 38 -5.95 7.76 -30.60
C ASP C 38 -5.13 7.67 -29.31
N PHE C 39 -4.54 8.79 -28.91
CA PHE C 39 -3.75 8.84 -27.69
C PHE C 39 -4.01 10.11 -26.89
N TYR C 40 -3.94 9.99 -25.56
CA TYR C 40 -4.08 11.12 -24.64
C TYR C 40 -2.63 11.37 -24.27
N GLU C 41 -2.09 12.50 -24.70
CA GLU C 41 -0.69 12.79 -24.43
C GLU C 41 -0.40 13.92 -23.46
N CYS C 42 0.81 13.92 -22.93
CA CYS C 42 1.28 14.92 -21.99
C CYS C 42 2.68 15.30 -22.48
N PHE C 43 3.07 16.56 -22.28
CA PHE C 43 4.38 17.02 -22.70
C PHE C 43 5.14 17.69 -21.56
N GLY C 44 6.41 18.03 -21.79
CA GLY C 44 7.21 18.65 -20.75
C GLY C 44 7.24 17.82 -19.48
N GLU C 45 7.24 18.49 -18.33
CA GLU C 45 7.26 17.77 -17.05
C GLU C 45 6.05 16.88 -16.91
N ASP C 46 4.91 17.37 -17.37
CA ASP C 46 3.67 16.61 -17.30
C ASP C 46 3.81 15.26 -17.99
N ALA C 47 4.64 15.21 -19.04
CA ALA C 47 4.89 13.99 -19.77
C ALA C 47 5.77 13.12 -18.88
N GLU C 48 6.62 13.77 -18.10
CA GLU C 48 7.51 13.07 -17.18
C GLU C 48 6.67 12.48 -16.06
N ARG C 49 5.79 13.30 -15.50
CA ARG C 49 4.89 12.85 -14.44
C ARG C 49 4.12 11.62 -14.90
N LEU C 50 3.40 11.77 -16.00
CA LEU C 50 2.59 10.70 -16.58
C LEU C 50 3.38 9.42 -16.79
N ALA C 51 4.54 9.54 -17.43
CA ALA C 51 5.40 8.41 -17.71
C ALA C 51 5.77 7.60 -16.48
N ARG C 52 6.25 8.28 -15.44
CA ARG C 52 6.62 7.55 -14.23
C ARG C 52 5.41 7.08 -13.44
N ALA C 53 4.38 7.92 -13.37
CA ALA C 53 3.16 7.57 -12.65
C ALA C 53 2.58 6.25 -13.14
N LEU C 54 2.62 6.03 -14.46
CA LEU C 54 2.08 4.82 -15.03
C LEU C 54 3.16 3.89 -15.59
N GLY C 55 4.41 4.25 -15.39
CA GLY C 55 5.49 3.42 -15.88
C GLY C 55 5.42 3.25 -17.39
N LEU C 56 5.21 4.36 -18.09
CA LEU C 56 5.12 4.35 -19.53
C LEU C 56 6.47 4.71 -20.13
N VAL C 57 6.61 4.48 -21.44
CA VAL C 57 7.85 4.81 -22.13
C VAL C 57 7.82 6.33 -22.30
N LEU C 58 8.96 6.98 -22.05
CA LEU C 58 9.03 8.42 -22.20
C LEU C 58 9.70 8.79 -23.51
N THR C 59 8.91 9.25 -24.48
CA THR C 59 9.48 9.64 -25.79
C THR C 59 9.72 11.15 -25.84
N HIS C 60 9.56 11.72 -27.02
CA HIS C 60 9.76 13.15 -27.24
C HIS C 60 9.02 13.59 -28.49
N LYS C 61 8.74 14.89 -28.57
CA LYS C 61 8.04 15.47 -29.72
C LYS C 61 8.95 16.53 -30.31
N THR C 62 9.70 16.16 -31.34
CA THR C 62 10.64 17.08 -31.97
C THR C 62 10.04 17.91 -33.09
N SER C 63 10.41 19.20 -33.10
CA SER C 63 9.99 20.17 -34.10
C SER C 63 11.17 21.11 -34.29
N LYS C 64 11.40 21.55 -35.53
CA LYS C 64 12.53 22.45 -35.84
C LYS C 64 12.93 23.30 -34.64
N ASP C 65 11.98 24.09 -34.17
CA ASP C 65 12.17 24.96 -33.02
C ASP C 65 12.90 24.19 -31.91
N PHE C 66 12.19 23.30 -31.23
CA PHE C 66 12.80 22.50 -30.18
C PHE C 66 12.10 21.16 -29.99
N THR C 67 12.62 20.36 -29.06
CA THR C 67 12.04 19.06 -28.76
C THR C 67 11.60 19.08 -27.30
N THR C 68 10.49 18.41 -27.01
CA THR C 68 9.97 18.36 -25.66
C THR C 68 9.61 16.93 -25.27
N PRO C 69 9.63 16.63 -23.97
CA PRO C 69 9.29 15.29 -23.50
C PRO C 69 7.84 14.96 -23.86
N ALA C 71 4.66 11.78 -23.37
CA ALA C 71 4.16 10.52 -22.82
C ALA C 71 2.68 10.45 -23.21
N GLY C 72 2.18 9.26 -23.51
CA GLY C 72 0.79 9.15 -23.90
C GLY C 72 0.20 7.78 -23.71
N ILE C 73 -1.12 7.71 -23.73
CA ILE C 73 -1.84 6.45 -23.56
C ILE C 73 -2.94 6.36 -24.60
N PRO C 74 -3.22 5.14 -25.09
CA PRO C 74 -4.28 4.97 -26.08
C PRO C 74 -5.66 5.23 -25.50
N LEU C 75 -6.51 5.93 -26.26
CA LEU C 75 -7.86 6.24 -25.79
C LEU C 75 -8.63 4.97 -25.45
N ARG C 76 -8.21 3.85 -26.04
CA ARG C 76 -8.87 2.57 -25.82
C ARG C 76 -9.01 2.24 -24.34
N ALA C 77 -7.91 2.35 -23.61
CA ALA C 77 -7.88 2.03 -22.19
C ALA C 77 -7.86 3.26 -21.29
N PHE C 78 -8.56 4.32 -21.71
CA PHE C 78 -8.61 5.55 -20.93
C PHE C 78 -9.05 5.35 -19.48
N GLU C 79 -10.26 4.85 -19.28
CA GLU C 79 -10.78 4.64 -17.94
C GLU C 79 -9.83 3.81 -17.05
N ALA C 80 -9.27 2.73 -17.61
CA ALA C 80 -8.36 1.89 -16.85
C ALA C 80 -7.17 2.68 -16.34
N TYR C 81 -6.60 3.53 -17.21
CA TYR C 81 -5.46 4.35 -16.83
C TYR C 81 -5.89 5.42 -15.82
N ALA C 82 -7.06 6.02 -16.06
CA ALA C 82 -7.56 7.05 -15.15
C ALA C 82 -7.76 6.44 -13.77
N GLU C 83 -8.34 5.25 -13.74
CA GLU C 83 -8.58 4.53 -12.48
C GLU C 83 -7.29 4.55 -11.67
N ARG C 84 -6.20 4.20 -12.34
CA ARG C 84 -4.90 4.16 -11.66
C ARG C 84 -4.44 5.54 -11.22
N LEU C 85 -4.53 6.52 -12.12
CA LEU C 85 -4.10 7.87 -11.80
C LEU C 85 -4.89 8.39 -10.60
N LEU C 86 -6.20 8.16 -10.61
CA LEU C 86 -7.05 8.62 -9.52
C LEU C 86 -6.61 8.08 -8.17
N LYS C 87 -6.29 6.79 -8.13
CA LYS C 87 -5.89 6.16 -6.88
C LYS C 87 -4.54 6.65 -6.37
N GLY C 89 -3.76 9.83 -6.40
CA GLY C 89 -3.93 11.19 -5.90
C GLY C 89 -4.00 12.29 -6.94
N PHE C 90 -4.12 11.94 -8.21
CA PHE C 90 -4.20 12.93 -9.29
C PHE C 90 -5.63 13.38 -9.55
N ARG C 91 -5.77 14.58 -10.12
CA ARG C 91 -7.07 15.10 -10.55
C ARG C 91 -6.83 15.13 -12.06
N LEU C 92 -7.83 14.82 -12.87
CA LEU C 92 -7.63 14.81 -14.31
C LEU C 92 -8.50 15.73 -15.13
N ALA C 93 -7.87 16.51 -16.01
CA ALA C 93 -8.58 17.40 -16.91
C ALA C 93 -8.48 16.72 -18.27
N VAL C 94 -9.61 16.32 -18.82
CA VAL C 94 -9.66 15.63 -20.09
C VAL C 94 -9.95 16.57 -21.25
N ALA C 95 -8.97 16.71 -22.13
CA ALA C 95 -9.11 17.56 -23.29
C ALA C 95 -9.26 16.65 -24.51
N ASP C 96 -10.42 16.69 -25.15
CA ASP C 96 -10.65 15.86 -26.33
C ASP C 96 -10.74 16.70 -27.60
N GLN C 97 -10.84 16.01 -28.73
CA GLN C 97 -10.99 16.65 -30.02
C GLN C 97 -12.49 16.80 -30.19
N VAL C 98 -12.95 18.04 -30.15
CA VAL C 98 -14.37 18.37 -30.26
C VAL C 98 -14.86 18.48 -31.71
N GLU C 99 -13.91 18.53 -32.63
CA GLU C 99 -14.23 18.68 -34.03
C GLU C 99 -13.67 17.54 -34.88
N PRO C 100 -14.53 16.84 -35.63
CA PRO C 100 -14.01 15.75 -36.45
C PRO C 100 -12.90 16.27 -37.36
N ALA C 101 -11.80 15.53 -37.42
CA ALA C 101 -10.65 15.94 -38.22
C ALA C 101 -11.01 16.16 -39.68
N GLU C 102 -11.96 15.37 -40.17
CA GLU C 102 -12.43 15.44 -41.56
C GLU C 102 -12.82 16.85 -42.00
N GLU C 103 -12.87 17.79 -41.05
CA GLU C 103 -13.27 19.14 -41.36
C GLU C 103 -12.83 20.11 -40.27
N ALA C 104 -11.59 20.56 -40.35
CA ALA C 104 -11.05 21.48 -39.37
C ALA C 104 -10.19 22.53 -40.05
N GLU C 105 -10.31 23.78 -39.60
CA GLU C 105 -9.52 24.88 -40.15
C GLU C 105 -8.09 24.73 -39.65
N GLY C 106 -7.44 23.66 -40.07
CA GLY C 106 -6.08 23.41 -39.66
C GLY C 106 -6.05 22.53 -38.43
N LEU C 107 -5.73 23.16 -37.29
CA LEU C 107 -5.63 22.46 -36.03
C LEU C 107 -7.01 22.03 -35.52
N VAL C 108 -7.13 20.75 -35.16
CA VAL C 108 -8.40 20.23 -34.66
C VAL C 108 -8.84 20.94 -33.38
N ARG C 109 -10.14 21.16 -33.24
CA ARG C 109 -10.67 21.84 -32.06
C ARG C 109 -10.50 20.96 -30.82
N ARG C 110 -9.79 21.47 -29.82
CA ARG C 110 -9.58 20.73 -28.58
C ARG C 110 -9.91 21.57 -27.36
N GLU C 111 -10.71 21.00 -26.49
CA GLU C 111 -11.13 21.67 -25.26
C GLU C 111 -11.27 20.62 -24.17
N VAL C 112 -11.33 21.08 -22.92
CA VAL C 112 -11.49 20.19 -21.79
C VAL C 112 -12.96 19.80 -21.73
N THR C 113 -13.25 18.52 -21.89
CA THR C 113 -14.62 18.03 -21.87
C THR C 113 -15.13 17.70 -20.47
N GLN C 114 -14.23 17.33 -19.57
CA GLN C 114 -14.62 16.98 -18.23
C GLN C 114 -13.42 16.83 -17.32
N LEU C 115 -13.68 16.96 -16.03
CA LEU C 115 -12.65 16.81 -15.03
C LEU C 115 -12.96 15.54 -14.26
N LEU C 116 -11.92 14.81 -13.87
CA LEU C 116 -12.12 13.59 -13.11
C LEU C 116 -11.49 13.76 -11.75
N THR C 117 -12.33 13.88 -10.72
CA THR C 117 -11.86 14.03 -9.36
C THR C 117 -12.58 12.98 -8.53
N PRO C 118 -11.94 12.48 -7.49
CA PRO C 118 -12.54 11.44 -6.64
C PRO C 118 -13.99 11.62 -6.26
N GLY C 119 -14.39 12.83 -5.87
CA GLY C 119 -15.77 13.05 -5.48
C GLY C 119 -16.78 13.47 -6.55
N THR C 120 -16.42 13.41 -7.82
CA THR C 120 -17.35 13.82 -8.87
C THR C 120 -17.38 12.83 -10.03
N LEU C 121 -16.94 11.61 -9.78
CA LEU C 121 -16.89 10.58 -10.81
C LEU C 121 -18.26 10.13 -11.32
N LEU C 122 -18.37 9.98 -12.63
CA LEU C 122 -19.60 9.54 -13.27
C LEU C 122 -19.40 8.23 -14.01
N GLN C 123 -18.15 7.80 -14.17
CA GLN C 123 -17.85 6.56 -14.88
C GLN C 123 -18.05 5.34 -13.95
N GLU C 124 -18.89 4.42 -14.40
CA GLU C 124 -19.20 3.20 -13.66
C GLU C 124 -17.96 2.44 -13.16
N SER C 125 -16.96 2.27 -14.02
CA SER C 125 -15.74 1.55 -13.66
C SER C 125 -14.81 2.24 -12.68
N LEU C 126 -15.06 3.51 -12.38
CA LEU C 126 -14.21 4.25 -11.45
C LEU C 126 -14.95 4.51 -10.13
N LEU C 127 -16.18 4.00 -10.04
CA LEU C 127 -17.00 4.19 -8.86
C LEU C 127 -17.18 2.93 -8.02
N PRO C 128 -17.38 3.12 -6.71
CA PRO C 128 -17.59 1.97 -5.81
C PRO C 128 -19.10 1.73 -5.84
N ARG C 129 -19.56 0.63 -5.28
CA ARG C 129 -21.01 0.36 -5.27
C ARG C 129 -21.68 1.40 -4.38
N GLU C 130 -20.99 1.73 -3.30
CA GLU C 130 -21.45 2.70 -2.30
C GLU C 130 -21.62 4.13 -2.85
N ALA C 131 -22.22 4.99 -2.03
CA ALA C 131 -22.41 6.38 -2.41
C ALA C 131 -21.03 7.02 -2.47
N ASN C 132 -20.86 7.93 -3.42
CA ASN C 132 -19.60 8.63 -3.59
C ASN C 132 -19.90 10.11 -3.40
N TYR C 133 -19.54 10.66 -2.24
CA TYR C 133 -19.85 12.04 -1.94
C TYR C 133 -18.76 13.08 -2.08
N LEU C 134 -19.18 14.23 -2.62
CA LEU C 134 -18.33 15.42 -2.71
C LEU C 134 -18.96 16.16 -1.53
N ALA C 135 -18.15 16.65 -0.61
CA ALA C 135 -18.67 17.37 0.54
C ALA C 135 -18.14 18.80 0.56
N ALA C 136 -18.92 19.70 1.14
CA ALA C 136 -18.54 21.11 1.25
C ALA C 136 -18.88 21.62 2.66
N ILE C 137 -17.90 22.28 3.28
CA ILE C 137 -18.02 22.84 4.63
C ILE C 137 -17.77 24.36 4.60
N ALA C 138 -18.67 25.11 5.23
CA ALA C 138 -18.53 26.57 5.28
C ALA C 138 -19.08 27.09 6.61
N THR C 139 -18.85 28.39 6.86
CA THR C 139 -19.33 29.03 8.08
C THR C 139 -20.31 30.13 7.74
N GLY C 140 -20.99 30.66 8.75
CA GLY C 140 -21.95 31.72 8.48
C GLY C 140 -23.25 31.43 9.18
N ASP C 141 -23.27 31.69 10.49
CA ASP C 141 -24.43 31.44 11.34
C ASP C 141 -24.50 29.95 11.60
N GLY C 142 -23.36 29.38 11.97
CA GLY C 142 -23.27 27.94 12.24
C GLY C 142 -22.36 27.25 11.24
N TRP C 143 -22.20 25.93 11.38
CA TRP C 143 -21.37 25.19 10.44
C TRP C 143 -22.24 24.55 9.35
N GLY C 144 -22.07 25.03 8.11
CA GLY C 144 -22.83 24.49 7.00
C GLY C 144 -22.10 23.31 6.39
N LEU C 145 -22.81 22.20 6.19
CA LEU C 145 -22.23 20.99 5.63
C LEU C 145 -23.20 20.48 4.56
N ALA C 146 -22.70 20.28 3.34
CA ALA C 146 -23.56 19.79 2.26
C ALA C 146 -22.85 18.71 1.46
N PHE C 147 -23.63 17.76 0.96
CA PHE C 147 -23.11 16.66 0.18
C PHE C 147 -23.78 16.59 -1.17
N LEU C 148 -23.05 16.06 -2.14
CA LEU C 148 -23.57 15.86 -3.48
C LEU C 148 -22.94 14.58 -4.00
N ASP C 149 -23.79 13.70 -4.55
CA ASP C 149 -23.33 12.47 -5.17
C ASP C 149 -23.73 12.70 -6.61
N VAL C 150 -22.76 13.11 -7.40
CA VAL C 150 -22.99 13.42 -8.80
C VAL C 150 -23.51 12.24 -9.61
N SER C 151 -23.19 11.01 -9.21
CA SER C 151 -23.64 9.84 -9.97
C SER C 151 -25.10 9.49 -9.73
N THR C 152 -25.68 10.00 -8.66
CA THR C 152 -27.10 9.70 -8.37
C THR C 152 -27.96 10.94 -8.28
N GLY C 153 -27.32 12.09 -8.04
CA GLY C 153 -28.07 13.32 -7.92
C GLY C 153 -28.44 13.58 -6.47
N GLU C 154 -28.06 12.69 -5.56
CA GLU C 154 -28.37 12.90 -4.14
C GLU C 154 -27.74 14.24 -3.79
N PHE C 155 -28.56 15.11 -3.20
CA PHE C 155 -28.16 16.47 -2.87
C PHE C 155 -28.76 16.83 -1.51
N LYS C 156 -27.91 16.92 -0.48
CA LYS C 156 -28.39 17.21 0.85
C LYS C 156 -27.39 17.97 1.74
N GLY C 157 -27.90 18.53 2.83
CA GLY C 157 -27.03 19.26 3.72
C GLY C 157 -27.74 19.66 4.99
N THR C 158 -26.98 20.20 5.93
CA THR C 158 -27.53 20.62 7.21
C THR C 158 -26.62 21.65 7.86
N VAL C 159 -27.06 22.20 8.98
CA VAL C 159 -26.25 23.15 9.71
C VAL C 159 -26.05 22.54 11.08
N LEU C 160 -24.84 22.71 11.63
CA LEU C 160 -24.55 22.17 12.94
C LEU C 160 -24.03 23.30 13.81
N LYS C 161 -24.24 23.19 15.12
CA LYS C 161 -23.84 24.23 16.06
C LYS C 161 -22.38 24.19 16.47
N SER C 162 -21.80 23.00 16.57
CA SER C 162 -20.42 22.89 16.99
C SER C 162 -19.55 22.26 15.92
N LYS C 163 -18.24 22.34 16.13
CA LYS C 163 -17.26 21.78 15.22
C LYS C 163 -17.28 20.26 15.40
N SER C 164 -17.51 19.85 16.63
CA SER C 164 -17.58 18.43 16.98
C SER C 164 -18.66 17.73 16.15
N ALA C 165 -19.86 18.29 16.15
CA ALA C 165 -20.98 17.72 15.42
C ALA C 165 -20.71 17.77 13.92
N LEU C 166 -20.05 18.84 13.47
CA LEU C 166 -19.74 18.95 12.05
C LEU C 166 -18.87 17.75 11.68
N TYR C 167 -17.73 17.61 12.37
CA TYR C 167 -16.83 16.51 12.09
C TYR C 167 -17.53 15.16 12.13
N ASP C 168 -18.40 14.93 13.11
CA ASP C 168 -19.10 13.65 13.17
C ASP C 168 -20.02 13.44 11.97
N GLU C 169 -20.71 14.49 11.57
CA GLU C 169 -21.62 14.39 10.42
C GLU C 169 -20.81 14.07 9.18
N LEU C 170 -19.64 14.68 9.08
CA LEU C 170 -18.77 14.47 7.93
C LEU C 170 -18.27 13.02 7.93
N PHE C 171 -17.79 12.55 9.07
CA PHE C 171 -17.27 11.19 9.14
C PHE C 171 -18.28 10.09 8.79
N ARG C 172 -19.50 10.17 9.31
CA ARG C 172 -20.48 9.14 9.00
C ARG C 172 -20.76 9.05 7.50
N HIS C 173 -20.43 10.09 6.73
CA HIS C 173 -20.67 10.07 5.29
C HIS C 173 -19.45 9.63 4.49
N ARG C 174 -18.29 9.64 5.13
CA ARG C 174 -17.05 9.25 4.49
C ARG C 174 -16.96 9.82 3.06
N PRO C 175 -16.93 11.15 2.94
CA PRO C 175 -16.85 11.82 1.63
C PRO C 175 -15.58 11.40 0.92
N ALA C 176 -15.57 11.46 -0.40
CA ALA C 176 -14.39 11.08 -1.15
C ALA C 176 -13.56 12.32 -1.48
N GLU C 177 -14.20 13.49 -1.37
CA GLU C 177 -13.55 14.75 -1.67
C GLU C 177 -14.22 15.88 -0.88
N VAL C 178 -13.42 16.74 -0.29
CA VAL C 178 -13.95 17.83 0.52
C VAL C 178 -13.57 19.23 0.02
N LEU C 179 -14.54 20.13 0.00
CA LEU C 179 -14.34 21.52 -0.42
C LEU C 179 -14.49 22.39 0.84
N LEU C 180 -13.43 23.08 1.24
CA LEU C 180 -13.49 23.92 2.43
C LEU C 180 -13.65 25.39 2.05
N ALA C 181 -14.47 26.11 2.82
CA ALA C 181 -14.71 27.53 2.60
C ALA C 181 -13.38 28.28 2.67
N PRO C 182 -13.24 29.40 1.95
CA PRO C 182 -12.01 30.18 1.95
C PRO C 182 -11.53 30.48 3.38
N GLU C 183 -12.46 30.88 4.25
CA GLU C 183 -12.14 31.19 5.64
C GLU C 183 -11.49 30.03 6.38
N LEU C 184 -11.90 28.81 6.08
CA LEU C 184 -11.35 27.63 6.74
C LEU C 184 -9.97 27.32 6.22
N LEU C 185 -9.77 27.57 4.93
CA LEU C 185 -8.47 27.35 4.32
C LEU C 185 -7.52 28.42 4.86
N GLU C 186 -8.04 29.61 5.13
CA GLU C 186 -7.26 30.74 5.68
C GLU C 186 -6.85 30.43 7.12
N ASN C 187 -7.78 29.84 7.87
CA ASN C 187 -7.55 29.49 9.27
C ASN C 187 -6.57 28.34 9.36
N GLY C 188 -5.29 28.67 9.46
CA GLY C 188 -4.24 27.67 9.55
C GLY C 188 -4.39 26.60 10.62
N ALA C 189 -4.88 26.97 11.79
CA ALA C 189 -5.05 26.01 12.88
C ALA C 189 -6.17 25.01 12.58
N PHE C 190 -7.25 25.49 11.97
CA PHE C 190 -8.38 24.63 11.60
C PHE C 190 -7.92 23.60 10.59
N LEU C 191 -7.36 24.08 9.49
CA LEU C 191 -6.88 23.23 8.40
C LEU C 191 -6.03 22.06 8.88
N ASP C 192 -5.07 22.33 9.74
CA ASP C 192 -4.21 21.26 10.27
C ASP C 192 -5.04 20.25 11.02
N GLU C 193 -5.94 20.73 11.88
CA GLU C 193 -6.80 19.83 12.65
C GLU C 193 -7.60 18.98 11.68
N PHE C 194 -8.15 19.62 10.65
CA PHE C 194 -8.95 18.93 9.65
C PHE C 194 -8.14 17.91 8.88
N ARG C 195 -6.97 18.32 8.38
CA ARG C 195 -6.12 17.43 7.62
C ARG C 195 -5.72 16.18 8.39
N LYS C 196 -5.45 16.34 9.68
CA LYS C 196 -5.05 15.21 10.50
C LYS C 196 -6.20 14.22 10.69
N ARG C 197 -7.38 14.74 10.97
CA ARG C 197 -8.54 13.88 11.19
C ARG C 197 -9.14 13.35 9.88
N PHE C 198 -9.11 14.16 8.83
CA PHE C 198 -9.65 13.73 7.55
C PHE C 198 -8.61 13.78 6.44
N PRO C 199 -7.98 12.63 6.14
CA PRO C 199 -6.96 12.52 5.10
C PRO C 199 -7.50 12.66 3.67
N VAL C 200 -8.79 12.93 3.53
CA VAL C 200 -9.42 13.06 2.22
C VAL C 200 -8.85 14.20 1.38
N LEU C 202 -8.53 17.53 -0.65
CA LEU C 202 -9.14 18.84 -0.46
C LEU C 202 -9.02 19.57 -1.79
N SER C 203 -10.09 20.22 -2.21
CA SER C 203 -10.08 20.95 -3.46
C SER C 203 -10.67 22.32 -3.28
N GLU C 204 -10.39 23.19 -4.24
CA GLU C 204 -10.87 24.56 -4.19
C GLU C 204 -12.09 24.79 -5.06
N ALA C 205 -12.99 25.61 -4.55
CA ALA C 205 -14.20 25.96 -5.26
C ALA C 205 -14.66 27.29 -4.68
N PRO C 206 -15.38 28.09 -5.47
CA PRO C 206 -15.84 29.37 -4.93
C PRO C 206 -17.01 29.07 -4.00
N PHE C 207 -17.23 29.91 -3.00
CA PHE C 207 -18.32 29.68 -2.06
C PHE C 207 -19.41 30.75 -2.07
N GLU C 208 -19.73 31.24 -3.26
CA GLU C 208 -20.79 32.23 -3.40
C GLU C 208 -22.10 31.49 -3.12
N PRO C 209 -22.92 32.00 -2.20
CA PRO C 209 -24.18 31.34 -1.86
C PRO C 209 -25.07 30.98 -3.06
N GLU C 210 -25.92 29.98 -2.88
CA GLU C 210 -26.85 29.56 -3.92
C GLU C 210 -28.15 29.24 -3.21
N GLY C 211 -29.26 29.69 -3.78
CA GLY C 211 -30.55 29.42 -3.17
C GLY C 211 -30.88 30.19 -1.91
N GLU C 212 -31.83 29.67 -1.13
CA GLU C 212 -32.27 30.30 0.11
C GLU C 212 -31.89 29.48 1.34
N GLY C 213 -32.05 30.09 2.51
CA GLY C 213 -31.75 29.41 3.75
C GLY C 213 -30.55 29.99 4.50
N PRO C 214 -30.05 29.27 5.52
CA PRO C 214 -28.90 29.73 6.32
C PRO C 214 -27.75 30.03 5.37
N LEU C 215 -27.00 31.10 5.66
CA LEU C 215 -25.87 31.50 4.82
C LEU C 215 -24.87 30.36 4.66
N ALA C 216 -24.42 29.80 5.79
CA ALA C 216 -23.45 28.70 5.75
C ALA C 216 -23.84 27.61 4.77
N LEU C 217 -25.11 27.22 4.78
CA LEU C 217 -25.59 26.17 3.88
C LEU C 217 -25.65 26.61 2.43
N ARG C 218 -26.11 27.84 2.20
CA ARG C 218 -26.19 28.38 0.85
C ARG C 218 -24.80 28.44 0.23
N ARG C 219 -23.80 28.70 1.07
CA ARG C 219 -22.44 28.79 0.57
C ARG C 219 -21.88 27.41 0.22
N ALA C 220 -22.05 26.44 1.13
CA ALA C 220 -21.56 25.09 0.89
C ALA C 220 -22.21 24.53 -0.36
N ARG C 221 -23.52 24.72 -0.48
CA ARG C 221 -24.28 24.23 -1.61
C ARG C 221 -23.76 24.90 -2.89
N GLY C 222 -23.49 26.20 -2.81
CA GLY C 222 -22.97 26.91 -3.96
C GLY C 222 -21.65 26.29 -4.40
N ALA C 223 -20.83 25.96 -3.41
CA ALA C 223 -19.54 25.35 -3.69
C ALA C 223 -19.71 24.02 -4.43
N LEU C 224 -20.61 23.18 -3.93
CA LEU C 224 -20.85 21.88 -4.55
C LEU C 224 -21.28 22.02 -6.00
N LEU C 225 -22.23 22.92 -6.25
CA LEU C 225 -22.75 23.15 -7.60
C LEU C 225 -21.72 23.75 -8.55
N ALA C 226 -20.92 24.71 -8.06
CA ALA C 226 -19.92 25.33 -8.92
C ALA C 226 -18.85 24.31 -9.27
N TYR C 227 -18.41 23.54 -8.29
CA TYR C 227 -17.38 22.54 -8.51
C TYR C 227 -17.84 21.39 -9.43
N ALA C 228 -18.97 20.77 -9.10
CA ALA C 228 -19.46 19.65 -9.90
C ALA C 228 -19.90 20.01 -11.32
N GLN C 229 -20.45 21.20 -11.52
CA GLN C 229 -20.88 21.60 -12.85
C GLN C 229 -19.65 21.76 -13.74
N ARG C 230 -18.55 22.17 -13.12
CA ARG C 230 -17.30 22.34 -13.82
C ARG C 230 -16.78 20.96 -14.24
N THR C 231 -16.67 20.05 -13.28
CA THR C 231 -16.18 18.70 -13.56
C THR C 231 -17.07 17.98 -14.56
N GLN C 232 -18.38 18.03 -14.33
CA GLN C 232 -19.33 17.34 -15.19
C GLN C 232 -19.31 17.93 -16.60
N GLY C 233 -18.79 19.16 -16.73
CA GLY C 233 -18.75 19.80 -18.02
C GLY C 233 -20.12 20.24 -18.50
N GLY C 234 -21.04 20.47 -17.57
CA GLY C 234 -22.38 20.92 -17.93
C GLY C 234 -23.39 20.89 -16.79
N ALA C 235 -24.67 21.07 -17.14
CA ALA C 235 -25.76 21.08 -16.18
C ALA C 235 -25.89 19.71 -15.50
N LEU C 236 -25.96 19.73 -14.18
CA LEU C 236 -26.05 18.52 -13.37
C LEU C 236 -27.45 17.94 -13.21
N SER C 237 -27.52 16.66 -12.93
CA SER C 237 -28.80 16.02 -12.69
C SER C 237 -28.88 15.99 -11.16
N LEU C 238 -29.88 16.66 -10.61
CA LEU C 238 -30.00 16.73 -9.16
C LEU C 238 -31.37 16.39 -8.64
N GLN C 239 -31.38 15.72 -7.49
CA GLN C 239 -32.60 15.37 -6.80
C GLN C 239 -32.93 16.59 -5.95
N PRO C 240 -34.18 16.75 -5.52
CA PRO C 240 -34.51 17.92 -4.70
C PRO C 240 -33.57 18.00 -3.50
N PHE C 241 -33.03 19.19 -3.24
CA PHE C 241 -32.11 19.35 -2.12
C PHE C 241 -32.80 19.07 -0.79
N ARG C 242 -32.11 18.36 0.08
CA ARG C 242 -32.65 18.05 1.40
C ARG C 242 -31.90 18.72 2.53
N PHE C 243 -32.58 19.63 3.21
CA PHE C 243 -32.03 20.32 4.36
C PHE C 243 -32.54 19.45 5.51
N TYR C 244 -31.72 18.51 5.97
CA TYR C 244 -32.14 17.61 7.04
C TYR C 244 -31.70 17.99 8.44
N ASP C 245 -32.11 17.18 9.41
CA ASP C 245 -31.78 17.41 10.81
C ASP C 245 -31.19 16.15 11.44
N PRO C 246 -29.88 16.15 11.72
CA PRO C 246 -29.24 14.99 12.33
C PRO C 246 -29.80 14.69 13.71
N GLY C 247 -30.37 15.72 14.34
CA GLY C 247 -30.95 15.55 15.66
C GLY C 247 -32.20 14.68 15.62
N ALA C 248 -32.71 14.45 14.42
CA ALA C 248 -33.92 13.63 14.26
C ALA C 248 -33.60 12.14 14.14
N PHE C 249 -32.32 11.80 14.20
CA PHE C 249 -31.91 10.41 14.09
C PHE C 249 -30.98 10.05 15.25
N ARG C 251 -27.73 9.48 17.15
CA ARG C 251 -26.39 10.04 17.04
C ARG C 251 -25.35 8.91 17.06
N LEU C 252 -24.42 8.95 16.09
CA LEU C 252 -23.34 7.96 16.00
C LEU C 252 -22.00 8.66 15.79
N PRO C 253 -21.41 9.19 16.87
CA PRO C 253 -20.12 9.89 16.77
C PRO C 253 -19.08 9.03 16.05
N GLU C 254 -18.05 9.68 15.52
CA GLU C 254 -16.98 8.97 14.84
C GLU C 254 -16.34 7.93 15.77
N ALA C 255 -16.11 8.31 17.02
CA ALA C 255 -15.49 7.40 17.98
C ALA C 255 -16.29 6.10 18.09
N THR C 256 -17.61 6.24 18.08
CA THR C 256 -18.52 5.10 18.18
C THR C 256 -18.50 4.25 16.92
N LEU C 257 -18.64 4.89 15.77
CA LEU C 257 -18.62 4.16 14.50
C LEU C 257 -17.33 3.38 14.38
N ARG C 258 -16.23 3.96 14.87
CA ARG C 258 -14.92 3.30 14.82
C ARG C 258 -14.80 2.20 15.86
N ALA C 259 -15.21 2.47 17.10
CA ALA C 259 -15.12 1.47 18.16
C ALA C 259 -16.03 0.29 17.90
N LEU C 260 -17.15 0.51 17.23
CA LEU C 260 -18.11 -0.55 16.92
C LEU C 260 -17.84 -1.18 15.55
N GLU C 261 -16.84 -0.66 14.84
CA GLU C 261 -16.50 -1.18 13.51
C GLU C 261 -17.74 -1.36 12.64
N VAL C 262 -18.55 -0.31 12.54
CA VAL C 262 -19.75 -0.37 11.74
C VAL C 262 -19.44 -0.43 10.25
N PHE C 263 -18.57 0.49 9.80
CA PHE C 263 -18.19 0.56 8.40
C PHE C 263 -16.74 0.21 8.13
N GLU C 264 -15.87 0.45 9.12
CA GLU C 264 -14.45 0.17 9.00
C GLU C 264 -13.98 -0.69 10.17
N PRO C 265 -13.04 -1.60 9.92
CA PRO C 265 -12.50 -2.49 10.96
C PRO C 265 -11.35 -1.90 11.75
N LEU C 266 -11.12 -2.44 12.94
CA LEU C 266 -10.02 -1.98 13.77
C LEU C 266 -8.78 -2.81 13.45
N ARG C 267 -8.95 -4.14 13.40
CA ARG C 267 -7.85 -5.06 13.11
C ARG C 267 -8.15 -5.96 11.91
N GLY C 268 -8.30 -5.35 10.73
CA GLY C 268 -8.58 -6.12 9.53
C GLY C 268 -9.83 -6.98 9.60
N GLN C 269 -10.31 -7.26 10.82
CA GLN C 269 -11.50 -8.08 11.02
C GLN C 269 -12.76 -7.53 10.34
N ASP C 270 -13.73 -8.41 10.12
CA ASP C 270 -14.99 -8.03 9.47
C ASP C 270 -15.60 -6.75 10.03
N THR C 271 -16.67 -6.33 9.38
CA THR C 271 -17.41 -5.12 9.74
C THR C 271 -18.89 -5.47 9.96
N LEU C 272 -19.61 -4.65 10.71
CA LEU C 272 -21.02 -4.92 10.92
C LEU C 272 -21.71 -4.89 9.57
N PHE C 273 -21.29 -3.94 8.75
CA PHE C 273 -21.85 -3.77 7.42
C PHE C 273 -21.55 -4.94 6.51
N SER C 274 -20.34 -5.48 6.59
CA SER C 274 -19.98 -6.62 5.74
C SER C 274 -20.78 -7.85 6.13
N VAL C 275 -21.10 -7.97 7.41
CA VAL C 275 -21.86 -9.11 7.92
C VAL C 275 -23.35 -8.95 7.60
N LEU C 276 -23.85 -7.75 7.83
CA LEU C 276 -25.26 -7.45 7.63
C LEU C 276 -25.68 -7.42 6.17
N ASP C 277 -24.79 -6.92 5.31
CA ASP C 277 -25.10 -6.76 3.90
C ASP C 277 -25.07 -7.95 2.96
N GLU C 278 -26.26 -8.39 2.54
CA GLU C 278 -26.41 -9.48 1.59
C GLU C 278 -27.27 -8.94 0.46
N THR C 279 -27.21 -7.62 0.31
CA THR C 279 -27.96 -6.91 -0.71
C THR C 279 -27.58 -7.38 -2.11
N ARG C 280 -28.54 -7.38 -3.03
CA ARG C 280 -28.28 -7.81 -4.39
C ARG C 280 -27.96 -6.69 -5.40
N THR C 281 -28.43 -5.48 -5.12
CA THR C 281 -28.19 -4.36 -6.01
C THR C 281 -27.40 -3.22 -5.35
N ALA C 282 -26.80 -2.35 -6.16
CA ALA C 282 -26.04 -1.24 -5.61
C ALA C 282 -26.97 -0.27 -4.87
N PRO C 283 -28.12 0.09 -5.48
CA PRO C 283 -29.07 1.01 -4.83
C PRO C 283 -29.47 0.47 -3.46
N GLY C 284 -29.56 -0.85 -3.36
CA GLY C 284 -29.92 -1.51 -2.12
C GLY C 284 -28.79 -1.41 -1.12
N ARG C 285 -27.56 -1.69 -1.55
CA ARG C 285 -26.43 -1.58 -0.62
C ARG C 285 -26.34 -0.15 -0.12
N ARG C 286 -26.56 0.82 -1.01
CA ARG C 286 -26.51 2.23 -0.63
C ARG C 286 -27.63 2.60 0.35
N LEU C 287 -28.84 2.10 0.10
CA LEU C 287 -29.95 2.38 1.00
C LEU C 287 -29.66 1.79 2.38
N LEU C 288 -29.15 0.55 2.42
CA LEU C 288 -28.85 -0.07 3.71
C LEU C 288 -27.79 0.75 4.43
N GLN C 289 -26.79 1.22 3.71
CA GLN C 289 -25.74 1.99 4.34
C GLN C 289 -26.31 3.30 4.87
N SER C 290 -27.26 3.86 4.14
CA SER C 290 -27.90 5.11 4.53
C SER C 290 -28.68 4.94 5.84
N TRP C 291 -29.32 3.78 5.97
CA TRP C 291 -30.09 3.45 7.17
C TRP C 291 -29.16 3.26 8.35
N LEU C 292 -28.04 2.58 8.13
CA LEU C 292 -27.07 2.38 9.20
C LEU C 292 -26.42 3.72 9.60
N ARG C 293 -26.21 4.61 8.62
CA ARG C 293 -25.60 5.91 8.90
C ARG C 293 -26.47 6.72 9.88
N HIS C 294 -27.79 6.64 9.68
CA HIS C 294 -28.74 7.37 10.53
C HIS C 294 -29.89 6.49 11.01
N PRO C 295 -29.67 5.74 12.11
CA PRO C 295 -30.75 4.89 12.64
C PRO C 295 -31.91 5.78 13.06
N LEU C 296 -33.13 5.27 12.95
CA LEU C 296 -34.34 6.03 13.30
C LEU C 296 -34.63 6.11 14.80
N LEU C 297 -35.45 7.09 15.19
CA LEU C 297 -35.85 7.27 16.58
C LEU C 297 -37.36 7.02 16.70
N ASP C 298 -38.01 6.79 15.57
CA ASP C 298 -39.46 6.60 15.55
C ASP C 298 -39.92 5.15 15.46
N ARG C 299 -40.64 4.73 16.50
CA ARG C 299 -41.16 3.37 16.61
C ARG C 299 -41.99 2.94 15.39
N GLY C 300 -42.96 3.78 15.02
CA GLY C 300 -43.83 3.49 13.90
C GLY C 300 -43.13 3.08 12.63
N PRO C 301 -42.26 3.93 12.06
CA PRO C 301 -41.58 3.53 10.83
C PRO C 301 -40.69 2.30 11.05
N LEU C 302 -40.14 2.14 12.25
CA LEU C 302 -39.30 0.98 12.52
C LEU C 302 -40.14 -0.29 12.50
N GLU C 303 -41.32 -0.26 13.13
CA GLU C 303 -42.19 -1.43 13.14
C GLU C 303 -42.61 -1.78 11.71
N ALA C 304 -42.73 -0.77 10.85
CA ALA C 304 -43.11 -1.00 9.46
C ALA C 304 -41.97 -1.70 8.72
N ARG C 305 -40.74 -1.30 9.00
CA ARG C 305 -39.58 -1.93 8.36
C ARG C 305 -39.50 -3.38 8.84
N LEU C 306 -39.73 -3.59 10.14
CA LEU C 306 -39.67 -4.93 10.68
C LEU C 306 -40.78 -5.80 10.12
N ASP C 307 -41.94 -5.21 9.83
CA ASP C 307 -43.02 -5.99 9.24
C ASP C 307 -42.59 -6.52 7.89
N ARG C 308 -42.01 -5.66 7.05
CA ARG C 308 -41.56 -6.11 5.75
C ARG C 308 -40.45 -7.17 5.83
N VAL C 309 -39.56 -7.02 6.80
CA VAL C 309 -38.48 -7.99 6.98
C VAL C 309 -39.10 -9.33 7.38
N GLU C 310 -39.91 -9.29 8.42
CA GLU C 310 -40.58 -10.49 8.92
C GLU C 310 -41.33 -11.19 7.80
N GLY C 311 -41.93 -10.39 6.91
CA GLY C 311 -42.67 -10.94 5.80
C GLY C 311 -41.79 -11.76 4.88
N PHE C 312 -40.57 -11.31 4.65
CA PHE C 312 -39.65 -12.05 3.78
C PHE C 312 -39.02 -13.20 4.55
N VAL C 313 -39.04 -13.13 5.88
CA VAL C 313 -38.49 -14.20 6.68
C VAL C 313 -39.42 -15.40 6.59
N ARG C 314 -40.72 -15.13 6.57
CA ARG C 314 -41.72 -16.19 6.48
C ARG C 314 -41.84 -16.74 5.07
N GLU C 315 -42.15 -15.87 4.12
CA GLU C 315 -42.30 -16.26 2.73
C GLU C 315 -40.98 -16.58 2.04
N GLY C 316 -40.39 -17.72 2.40
CA GLY C 316 -39.11 -18.14 1.86
C GLY C 316 -38.99 -18.18 0.35
N ALA C 317 -39.96 -18.83 -0.29
CA ALA C 317 -39.94 -18.94 -1.75
C ALA C 317 -39.91 -17.55 -2.39
N LEU C 318 -40.80 -16.67 -1.96
CA LEU C 318 -40.87 -15.32 -2.49
C LEU C 318 -39.55 -14.57 -2.27
N ARG C 319 -39.00 -14.72 -1.06
CA ARG C 319 -37.75 -14.07 -0.71
C ARG C 319 -36.60 -14.48 -1.63
N GLU C 320 -36.41 -15.79 -1.80
CA GLU C 320 -35.34 -16.28 -2.65
C GLU C 320 -35.61 -15.95 -4.12
N GLY C 321 -36.88 -15.97 -4.50
CA GLY C 321 -37.24 -15.66 -5.86
C GLY C 321 -36.89 -14.22 -6.21
N VAL C 322 -37.27 -13.30 -5.34
CA VAL C 322 -36.97 -11.88 -5.56
C VAL C 322 -35.46 -11.68 -5.64
N ARG C 323 -34.73 -12.28 -4.70
CA ARG C 323 -33.26 -12.16 -4.66
C ARG C 323 -32.61 -12.74 -5.92
N ARG C 324 -33.18 -13.82 -6.45
CA ARG C 324 -32.68 -14.44 -7.67
C ARG C 324 -32.80 -13.43 -8.80
N LEU C 325 -33.98 -12.83 -8.92
CA LEU C 325 -34.23 -11.84 -9.97
C LEU C 325 -33.40 -10.58 -9.82
N LEU C 326 -33.30 -10.06 -8.59
CA LEU C 326 -32.53 -8.85 -8.33
C LEU C 326 -31.06 -9.02 -8.71
N TYR C 327 -30.53 -10.23 -8.53
CA TYR C 327 -29.16 -10.53 -8.84
C TYR C 327 -28.75 -10.00 -10.22
N ARG C 328 -29.68 -10.02 -11.17
CA ARG C 328 -29.38 -9.55 -12.51
C ARG C 328 -29.78 -8.10 -12.75
N LEU C 329 -30.19 -7.39 -11.71
CA LEU C 329 -30.62 -6.00 -11.88
C LEU C 329 -29.49 -4.98 -11.86
N ALA C 330 -29.33 -4.24 -12.95
CA ALA C 330 -28.29 -3.22 -13.00
C ALA C 330 -28.70 -2.06 -12.08
N ASP C 331 -27.79 -1.09 -11.90
CA ASP C 331 -28.02 0.10 -11.07
C ASP C 331 -28.83 1.11 -11.90
N LEU C 332 -30.16 1.05 -11.81
CA LEU C 332 -31.02 1.94 -12.58
C LEU C 332 -30.99 3.40 -12.17
N GLU C 333 -30.55 3.67 -10.94
CA GLU C 333 -30.46 5.03 -10.46
C GLU C 333 -29.27 5.73 -11.12
N ARG C 334 -28.11 5.08 -11.14
CA ARG C 334 -26.94 5.67 -11.79
C ARG C 334 -27.09 5.66 -13.32
N LEU C 335 -27.88 4.71 -13.81
CA LEU C 335 -28.13 4.59 -15.24
C LEU C 335 -29.03 5.76 -15.67
N ALA C 336 -29.99 6.09 -14.82
CA ALA C 336 -30.90 7.21 -15.10
C ALA C 336 -30.11 8.52 -15.20
N THR C 337 -29.18 8.71 -14.26
CA THR C 337 -28.33 9.91 -14.20
C THR C 337 -27.47 10.05 -15.45
N ARG C 338 -26.87 8.94 -15.90
CA ARG C 338 -26.04 9.00 -17.09
C ARG C 338 -26.93 9.33 -18.29
N LEU C 339 -28.14 8.78 -18.31
CA LEU C 339 -29.08 9.07 -19.38
C LEU C 339 -29.40 10.55 -19.39
N GLU C 340 -29.78 11.09 -18.23
CA GLU C 340 -30.15 12.49 -18.12
C GLU C 340 -28.99 13.43 -18.49
N LEU C 341 -27.77 13.01 -18.21
CA LEU C 341 -26.58 13.82 -18.50
C LEU C 341 -26.02 13.62 -19.91
N GLY C 342 -26.69 12.81 -20.72
CA GLY C 342 -26.23 12.57 -22.07
C GLY C 342 -24.94 11.77 -22.19
N ARG C 343 -24.66 10.91 -21.21
CA ARG C 343 -23.47 10.08 -21.21
C ARG C 343 -23.75 8.59 -21.39
N ALA C 344 -25.02 8.19 -21.34
CA ALA C 344 -25.36 6.78 -21.49
C ALA C 344 -24.73 6.14 -22.73
N SER C 345 -24.10 4.99 -22.51
CA SER C 345 -23.41 4.23 -23.54
C SER C 345 -24.24 3.09 -24.14
N PRO C 346 -23.80 2.56 -25.28
CA PRO C 346 -24.60 1.47 -25.82
C PRO C 346 -24.62 0.30 -24.82
N LYS C 347 -23.59 0.24 -24.00
CA LYS C 347 -23.49 -0.80 -22.98
C LYS C 347 -24.57 -0.56 -21.92
N ASP C 348 -24.77 0.72 -21.56
CA ASP C 348 -25.78 1.04 -20.57
C ASP C 348 -27.15 0.63 -21.07
N LEU C 349 -27.43 0.84 -22.36
CA LEU C 349 -28.74 0.46 -22.91
C LEU C 349 -28.96 -1.05 -22.88
N GLY C 350 -27.87 -1.81 -23.04
CA GLY C 350 -28.00 -3.25 -23.00
C GLY C 350 -28.40 -3.66 -21.60
N ALA C 351 -27.65 -3.14 -20.62
CA ALA C 351 -27.95 -3.43 -19.22
C ALA C 351 -29.37 -2.96 -18.89
N LEU C 352 -29.76 -1.81 -19.44
CA LEU C 352 -31.10 -1.28 -19.19
C LEU C 352 -32.16 -2.25 -19.69
N ARG C 353 -32.02 -2.72 -20.93
CA ARG C 353 -32.97 -3.68 -21.49
C ARG C 353 -33.03 -4.94 -20.65
N ARG C 354 -31.88 -5.47 -20.25
CA ARG C 354 -31.84 -6.67 -19.42
C ARG C 354 -32.66 -6.44 -18.15
N SER C 355 -32.44 -5.29 -17.52
CA SER C 355 -33.14 -4.95 -16.29
C SER C 355 -34.64 -4.78 -16.49
N LEU C 356 -35.03 -4.18 -17.61
CA LEU C 356 -36.44 -3.97 -17.88
C LEU C 356 -37.16 -5.29 -18.21
N GLN C 357 -36.40 -6.32 -18.56
CA GLN C 357 -37.00 -7.63 -18.85
C GLN C 357 -37.21 -8.37 -17.54
N ILE C 358 -36.47 -7.96 -16.51
CA ILE C 358 -36.58 -8.56 -15.19
C ILE C 358 -37.77 -7.96 -14.45
N LEU C 359 -37.96 -6.66 -14.67
CA LEU C 359 -39.02 -5.90 -14.04
C LEU C 359 -40.38 -6.58 -14.02
N PRO C 360 -40.87 -7.03 -15.19
CA PRO C 360 -42.18 -7.70 -15.23
C PRO C 360 -42.24 -8.99 -14.41
N GLU C 361 -41.10 -9.68 -14.30
CA GLU C 361 -41.06 -10.91 -13.52
C GLU C 361 -41.17 -10.60 -12.02
N LEU C 362 -40.50 -9.53 -11.59
CA LEU C 362 -40.55 -9.12 -10.19
C LEU C 362 -41.97 -8.65 -9.90
N ARG C 363 -42.52 -7.87 -10.83
CA ARG C 363 -43.88 -7.35 -10.66
C ARG C 363 -44.83 -8.52 -10.46
N ALA C 364 -44.58 -9.62 -11.17
CA ALA C 364 -45.43 -10.80 -11.07
C ALA C 364 -45.33 -11.44 -9.68
N LEU C 365 -44.15 -11.39 -9.07
CA LEU C 365 -43.94 -11.98 -7.75
C LEU C 365 -44.45 -11.12 -6.60
N LEU C 366 -44.17 -9.82 -6.65
CA LEU C 366 -44.60 -8.93 -5.60
C LEU C 366 -46.03 -8.42 -5.79
N GLY C 367 -46.58 -8.67 -6.96
CA GLY C 367 -47.94 -8.24 -7.23
C GLY C 367 -48.06 -6.79 -7.71
N GLU C 368 -49.26 -6.42 -8.15
CA GLU C 368 -49.51 -5.07 -8.64
C GLU C 368 -49.91 -4.18 -7.48
N GLU C 369 -48.95 -3.78 -6.68
CA GLU C 369 -49.21 -2.91 -5.54
C GLU C 369 -47.91 -2.32 -5.05
N VAL C 370 -46.80 -2.91 -5.48
CA VAL C 370 -45.49 -2.42 -5.10
C VAL C 370 -45.38 -1.05 -5.75
N GLY C 371 -46.12 -0.87 -6.84
CA GLY C 371 -46.10 0.39 -7.55
C GLY C 371 -45.03 0.44 -8.63
N LEU C 372 -44.41 -0.69 -8.90
CA LEU C 372 -43.37 -0.74 -9.93
C LEU C 372 -43.92 -0.26 -11.25
N PRO C 373 -43.21 0.68 -11.88
CA PRO C 373 -43.59 1.27 -13.17
C PRO C 373 -43.61 0.25 -14.30
N ASP C 374 -44.54 0.43 -15.25
CA ASP C 374 -44.61 -0.46 -16.40
C ASP C 374 -43.78 0.23 -17.47
N LEU C 375 -42.69 -0.40 -17.86
CA LEU C 375 -41.80 0.15 -18.86
C LEU C 375 -41.66 -0.81 -20.05
N SER C 376 -42.63 -1.70 -20.21
CA SER C 376 -42.56 -2.65 -21.31
C SER C 376 -42.41 -1.95 -22.66
N PRO C 377 -43.06 -0.79 -22.84
CA PRO C 377 -42.89 -0.14 -24.15
C PRO C 377 -41.43 0.26 -24.46
N LEU C 378 -40.68 0.69 -23.45
CA LEU C 378 -39.28 1.06 -23.64
C LEU C 378 -38.46 -0.21 -23.87
N LYS C 379 -38.82 -1.25 -23.11
CA LYS C 379 -38.17 -2.55 -23.18
C LYS C 379 -38.25 -3.09 -24.60
N GLU C 380 -39.45 -3.02 -25.18
CA GLU C 380 -39.68 -3.53 -26.53
C GLU C 380 -38.87 -2.78 -27.58
N GLU C 381 -38.82 -1.45 -27.47
CA GLU C 381 -38.06 -0.66 -28.43
C GLU C 381 -36.59 -1.03 -28.34
N LEU C 382 -36.11 -1.23 -27.11
CA LEU C 382 -34.72 -1.61 -26.89
C LEU C 382 -34.48 -2.99 -27.49
N GLU C 383 -35.39 -3.92 -27.19
CA GLU C 383 -35.28 -5.28 -27.70
C GLU C 383 -35.26 -5.30 -29.23
N ALA C 384 -36.05 -4.42 -29.84
CA ALA C 384 -36.16 -4.34 -31.29
C ALA C 384 -35.05 -3.52 -31.95
N ALA C 385 -34.36 -2.71 -31.15
CA ALA C 385 -33.30 -1.86 -31.67
C ALA C 385 -31.89 -2.41 -31.54
N LEU C 386 -31.57 -3.00 -30.41
CA LEU C 386 -30.21 -3.48 -30.17
C LEU C 386 -30.00 -4.98 -30.37
N VAL C 387 -28.81 -5.33 -30.86
CA VAL C 387 -28.47 -6.73 -31.06
C VAL C 387 -28.47 -7.37 -29.67
N GLU C 388 -28.57 -8.70 -29.63
CA GLU C 388 -28.59 -9.40 -28.36
C GLU C 388 -27.45 -9.02 -27.40
N ASP C 389 -26.22 -9.00 -27.88
CA ASP C 389 -25.09 -8.62 -27.04
C ASP C 389 -24.38 -7.42 -27.65
N PRO C 390 -24.86 -6.20 -27.34
CA PRO C 390 -24.31 -4.94 -27.83
C PRO C 390 -22.81 -4.71 -27.69
N PRO C 391 -22.20 -4.10 -28.72
CA PRO C 391 -20.77 -3.78 -28.76
C PRO C 391 -20.55 -2.59 -27.82
N LEU C 392 -19.28 -2.27 -27.56
CA LEU C 392 -18.94 -1.15 -26.67
C LEU C 392 -19.07 0.21 -27.37
N LYS C 393 -18.55 0.29 -28.60
CA LYS C 393 -18.61 1.53 -29.36
C LYS C 393 -19.40 1.37 -30.67
N VAL C 394 -20.24 2.35 -30.95
CA VAL C 394 -21.07 2.36 -32.15
C VAL C 394 -20.20 2.34 -33.41
N SER C 395 -19.01 2.91 -33.32
CA SER C 395 -18.08 2.99 -34.44
C SER C 395 -17.72 1.64 -35.06
N GLU C 396 -17.76 0.59 -34.25
CA GLU C 396 -17.43 -0.74 -34.77
C GLU C 396 -18.68 -1.53 -35.12
N GLY C 397 -18.59 -2.85 -34.93
CA GLY C 397 -19.69 -3.75 -35.24
C GLY C 397 -21.12 -3.24 -35.06
N GLY C 398 -22.05 -4.04 -35.56
CA GLY C 398 -23.46 -3.71 -35.50
C GLY C 398 -24.05 -3.55 -34.11
N LEU C 399 -24.38 -2.32 -33.77
CA LEU C 399 -24.98 -2.02 -32.50
C LEU C 399 -26.46 -2.26 -32.70
N ILE C 400 -26.97 -1.72 -33.81
CA ILE C 400 -28.38 -1.82 -34.18
C ILE C 400 -28.65 -3.06 -35.01
N ARG C 401 -29.78 -3.72 -34.74
CA ARG C 401 -30.14 -4.93 -35.47
C ARG C 401 -30.73 -4.71 -36.86
N GLU C 402 -30.52 -5.69 -37.73
CA GLU C 402 -31.04 -5.60 -39.09
C GLU C 402 -32.55 -5.51 -39.11
N GLY C 403 -33.05 -4.63 -39.97
CA GLY C 403 -34.48 -4.43 -40.08
C GLY C 403 -35.07 -3.38 -39.16
N TYR C 404 -34.24 -2.77 -38.32
CA TYR C 404 -34.75 -1.76 -37.40
C TYR C 404 -34.88 -0.41 -38.10
N ASP C 405 -33.78 0.09 -38.64
CA ASP C 405 -33.78 1.38 -39.33
C ASP C 405 -33.54 1.19 -40.82
N PRO C 406 -34.54 1.52 -41.66
CA PRO C 406 -34.45 1.38 -43.12
C PRO C 406 -33.25 2.05 -43.78
N ASP C 407 -32.92 3.26 -43.33
CA ASP C 407 -31.78 4.00 -43.88
C ASP C 407 -30.53 3.11 -43.71
N LEU C 408 -30.34 2.61 -42.49
CA LEU C 408 -29.22 1.74 -42.13
C LEU C 408 -29.22 0.42 -42.91
N ASP C 409 -30.38 -0.22 -43.00
CA ASP C 409 -30.47 -1.49 -43.72
C ASP C 409 -30.17 -1.30 -45.21
N ALA C 410 -30.61 -0.17 -45.77
CA ALA C 410 -30.35 0.11 -47.17
C ALA C 410 -28.83 0.20 -47.31
N LEU C 411 -28.21 0.88 -46.35
CA LEU C 411 -26.77 1.06 -46.33
C LEU C 411 -26.01 -0.25 -46.19
N ARG C 412 -26.46 -1.12 -45.29
CA ARG C 412 -25.79 -2.40 -45.07
C ARG C 412 -25.94 -3.31 -46.28
N ALA C 413 -27.13 -3.31 -46.88
CA ALA C 413 -27.41 -4.13 -48.05
C ALA C 413 -26.40 -3.83 -49.15
N ALA C 414 -26.23 -2.55 -49.46
CA ALA C 414 -25.30 -2.11 -50.48
C ALA C 414 -23.86 -2.45 -50.13
N HIS C 415 -23.56 -2.55 -48.83
CA HIS C 415 -22.22 -2.89 -48.40
C HIS C 415 -21.95 -4.36 -48.65
N ARG C 416 -22.96 -5.20 -48.40
CA ARG C 416 -22.83 -6.65 -48.61
C ARG C 416 -22.59 -6.91 -50.09
N GLU C 417 -23.29 -6.17 -50.93
CA GLU C 417 -23.16 -6.30 -52.39
C GLU C 417 -21.80 -5.78 -52.84
N GLY C 418 -21.31 -4.74 -52.16
CA GLY C 418 -20.02 -4.17 -52.51
C GLY C 418 -18.89 -5.14 -52.20
N VAL C 419 -19.05 -5.90 -51.13
CA VAL C 419 -18.04 -6.87 -50.72
C VAL C 419 -18.13 -8.14 -51.56
N ALA C 420 -19.33 -8.52 -51.97
CA ALA C 420 -19.52 -9.71 -52.78
C ALA C 420 -18.79 -9.53 -54.11
N TYR C 421 -18.81 -8.31 -54.62
CA TYR C 421 -18.14 -7.99 -55.86
C TYR C 421 -16.71 -8.51 -55.89
N PHE C 422 -15.95 -8.20 -54.84
CA PHE C 422 -14.55 -8.63 -54.79
C PHE C 422 -14.39 -10.13 -54.77
N LEU C 423 -15.30 -10.82 -54.08
CA LEU C 423 -15.23 -12.27 -54.01
C LEU C 423 -15.42 -12.85 -55.40
N GLU C 424 -16.34 -12.27 -56.16
CA GLU C 424 -16.62 -12.71 -57.52
C GLU C 424 -15.44 -12.39 -58.42
N LEU C 425 -14.81 -11.24 -58.18
CA LEU C 425 -13.67 -10.83 -58.98
C LEU C 425 -12.55 -11.86 -58.88
N GLU C 426 -12.27 -12.33 -57.66
CA GLU C 426 -11.21 -13.30 -57.46
C GLU C 426 -11.43 -14.53 -58.33
N GLU C 427 -12.71 -14.93 -58.45
CA GLU C 427 -13.06 -16.09 -59.24
C GLU C 427 -13.01 -15.83 -60.74
N ARG C 428 -13.40 -14.63 -61.15
CA ARG C 428 -13.36 -14.26 -62.56
C ARG C 428 -11.91 -14.27 -63.04
N GLU C 429 -11.03 -13.60 -62.29
CA GLU C 429 -9.62 -13.51 -62.66
C GLU C 429 -8.85 -14.82 -62.61
N ARG C 430 -9.21 -15.73 -61.71
CA ARG C 430 -8.53 -17.02 -61.63
C ARG C 430 -8.72 -17.78 -62.94
N GLU C 431 -9.93 -17.70 -63.50
CA GLU C 431 -10.23 -18.39 -64.74
C GLU C 431 -9.65 -17.65 -65.95
N ARG C 432 -9.77 -16.34 -65.99
CA ARG C 432 -9.21 -15.56 -67.09
C ARG C 432 -7.70 -15.79 -67.22
N THR C 433 -6.99 -15.58 -66.11
CA THR C 433 -5.54 -15.72 -66.08
C THR C 433 -5.06 -17.15 -65.99
N GLY C 434 -5.90 -18.04 -65.46
CA GLY C 434 -5.50 -19.42 -65.32
C GLY C 434 -4.58 -19.64 -64.12
N ILE C 435 -4.47 -18.63 -63.26
CA ILE C 435 -3.63 -18.74 -62.07
C ILE C 435 -4.53 -19.18 -60.91
N PRO C 436 -4.56 -20.50 -60.64
CA PRO C 436 -5.38 -21.06 -59.56
C PRO C 436 -5.27 -20.41 -58.18
N THR C 437 -4.05 -20.09 -57.75
CA THR C 437 -3.87 -19.48 -56.44
C THR C 437 -4.04 -17.96 -56.38
N LEU C 438 -4.50 -17.35 -57.47
CA LEU C 438 -4.70 -15.90 -57.48
C LEU C 438 -5.69 -15.54 -56.38
N LYS C 439 -5.50 -14.38 -55.77
CA LYS C 439 -6.39 -13.98 -54.70
C LYS C 439 -6.72 -12.50 -54.67
N VAL C 440 -7.90 -12.19 -54.15
CA VAL C 440 -8.33 -10.82 -53.97
C VAL C 440 -8.21 -10.61 -52.46
N GLY C 441 -7.32 -9.73 -52.04
CA GLY C 441 -7.14 -9.50 -50.62
C GLY C 441 -7.36 -8.05 -50.28
N TYR C 442 -7.09 -7.71 -49.02
CA TYR C 442 -7.26 -6.34 -48.56
C TYR C 442 -6.46 -5.99 -47.31
N ASN C 443 -5.97 -4.74 -47.26
CA ASN C 443 -5.28 -4.20 -46.08
C ASN C 443 -5.45 -2.69 -46.12
N ALA C 444 -5.52 -2.09 -44.95
CA ALA C 444 -5.73 -0.64 -44.80
C ALA C 444 -4.74 0.25 -45.52
N VAL C 445 -3.56 -0.28 -45.84
CA VAL C 445 -2.56 0.54 -46.52
C VAL C 445 -2.71 0.61 -48.04
N PHE C 446 -3.06 -0.50 -48.68
CA PHE C 446 -3.20 -0.50 -50.13
C PHE C 446 -4.63 -0.68 -50.64
N GLY C 447 -5.56 -1.00 -49.74
CA GLY C 447 -6.95 -1.21 -50.16
C GLY C 447 -7.14 -2.59 -50.76
N TYR C 448 -8.11 -2.72 -51.68
CA TYR C 448 -8.35 -4.01 -52.32
C TYR C 448 -7.33 -4.29 -53.41
N TYR C 449 -6.98 -5.56 -53.60
CA TYR C 449 -5.98 -5.91 -54.59
C TYR C 449 -6.06 -7.36 -55.08
N LEU C 450 -5.33 -7.62 -56.16
CA LEU C 450 -5.23 -8.95 -56.77
C LEU C 450 -3.83 -9.41 -56.38
N GLU C 451 -3.72 -10.64 -55.92
CA GLU C 451 -2.43 -11.18 -55.48
C GLU C 451 -2.02 -12.44 -56.23
N VAL C 452 -0.81 -12.43 -56.76
CA VAL C 452 -0.24 -13.56 -57.50
C VAL C 452 1.12 -13.88 -56.91
N THR C 453 1.44 -15.17 -56.82
CA THR C 453 2.72 -15.61 -56.29
C THR C 453 3.79 -15.64 -57.38
N ARG C 454 5.06 -15.60 -56.95
CA ARG C 454 6.21 -15.60 -57.83
C ARG C 454 6.15 -16.55 -59.02
N PRO C 455 5.77 -17.82 -58.79
CA PRO C 455 5.70 -18.78 -59.91
C PRO C 455 4.79 -18.37 -61.07
N TYR C 456 3.95 -17.38 -60.86
CA TYR C 456 3.07 -16.95 -61.94
C TYR C 456 3.31 -15.51 -62.40
N TYR C 457 4.39 -14.89 -61.95
CA TYR C 457 4.68 -13.51 -62.36
C TYR C 457 4.67 -13.26 -63.87
N GLU C 458 5.22 -14.17 -64.67
CA GLU C 458 5.26 -13.99 -66.12
C GLU C 458 3.91 -14.36 -66.74
N ARG C 459 2.96 -14.68 -65.86
CA ARG C 459 1.63 -15.08 -66.27
C ARG C 459 0.59 -13.96 -66.05
N VAL C 460 1.03 -12.88 -65.42
CA VAL C 460 0.16 -11.73 -65.11
C VAL C 460 -0.26 -10.93 -66.34
N PRO C 461 -1.57 -10.68 -66.51
CA PRO C 461 -2.00 -9.91 -67.68
C PRO C 461 -1.47 -8.48 -67.66
N LYS C 462 -1.32 -7.91 -68.85
CA LYS C 462 -0.80 -6.56 -69.03
C LYS C 462 -1.63 -5.47 -68.32
N GLU C 463 -2.92 -5.74 -68.16
CA GLU C 463 -3.83 -4.78 -67.50
C GLU C 463 -3.54 -4.58 -66.02
N TYR C 464 -3.02 -5.62 -65.37
CA TYR C 464 -2.73 -5.54 -63.94
C TYR C 464 -1.74 -4.41 -63.66
N ARG C 465 -2.12 -3.51 -62.76
CA ARG C 465 -1.26 -2.40 -62.40
C ARG C 465 -0.61 -2.74 -61.05
N PRO C 466 0.72 -2.88 -61.05
CA PRO C 466 1.51 -3.20 -59.86
C PRO C 466 1.15 -2.25 -58.73
N VAL C 467 0.96 -2.78 -57.53
CA VAL C 467 0.60 -1.95 -56.39
C VAL C 467 1.52 -2.16 -55.19
N GLN C 468 1.80 -3.43 -54.89
CA GLN C 468 2.65 -3.74 -53.76
C GLN C 468 3.53 -4.94 -54.07
N THR C 469 4.82 -4.80 -53.80
CA THR C 469 5.77 -5.86 -54.03
C THR C 469 6.13 -6.48 -52.68
N LEU C 470 6.10 -7.80 -52.61
CA LEU C 470 6.45 -8.48 -51.37
C LEU C 470 7.59 -9.45 -51.65
N LYS C 471 8.02 -10.15 -50.60
CA LYS C 471 9.11 -11.09 -50.73
C LYS C 471 8.91 -12.05 -51.90
N ASP C 472 7.76 -12.71 -51.96
CA ASP C 472 7.51 -13.66 -53.04
C ASP C 472 6.08 -13.60 -53.58
N ARG C 473 5.49 -12.42 -53.45
CA ARG C 473 4.14 -12.19 -53.94
C ARG C 473 4.12 -10.76 -54.45
N GLN C 474 3.19 -10.51 -55.35
CA GLN C 474 3.03 -9.18 -55.93
C GLN C 474 1.55 -8.89 -56.02
N ARG C 475 1.18 -7.66 -55.70
CA ARG C 475 -0.21 -7.26 -55.75
C ARG C 475 -0.43 -6.18 -56.80
N TYR C 476 -1.57 -6.29 -57.48
CA TYR C 476 -1.92 -5.36 -58.54
C TYR C 476 -3.30 -4.78 -58.38
N THR C 477 -3.68 -3.98 -59.37
CA THR C 477 -4.97 -3.33 -59.37
C THR C 477 -5.55 -3.28 -60.78
N LEU C 478 -6.86 -3.32 -60.86
CA LEU C 478 -7.56 -3.20 -62.13
C LEU C 478 -8.41 -1.94 -61.96
N PRO C 479 -8.69 -1.23 -63.06
CA PRO C 479 -9.50 0.00 -63.02
C PRO C 479 -10.88 -0.16 -62.37
N GLU C 480 -11.55 -1.28 -62.66
CA GLU C 480 -12.88 -1.56 -62.11
C GLU C 480 -12.89 -1.59 -60.59
N LYS C 482 -10.78 0.08 -58.35
CA LYS C 482 -10.61 1.38 -57.75
C LYS C 482 -11.98 2.00 -57.51
N GLU C 483 -12.85 1.88 -58.51
CA GLU C 483 -14.21 2.42 -58.41
C GLU C 483 -14.97 1.76 -57.28
N LYS C 484 -15.02 0.43 -57.31
CA LYS C 484 -15.72 -0.34 -56.29
C LYS C 484 -15.20 -0.11 -54.90
N GLU C 485 -13.87 -0.02 -54.77
CA GLU C 485 -13.28 0.21 -53.45
C GLU C 485 -13.87 1.48 -52.85
N ARG C 486 -13.74 2.59 -53.58
CA ARG C 486 -14.25 3.90 -53.14
C ARG C 486 -15.72 3.82 -52.74
N GLU C 487 -16.45 2.91 -53.37
CA GLU C 487 -17.87 2.72 -53.09
C GLU C 487 -18.02 2.09 -51.70
N VAL C 488 -17.33 0.98 -51.47
CA VAL C 488 -17.39 0.29 -50.19
C VAL C 488 -17.05 1.24 -49.05
N TYR C 489 -16.05 2.09 -49.27
CA TYR C 489 -15.63 3.04 -48.26
C TYR C 489 -16.73 4.06 -47.96
N ARG C 490 -17.41 4.54 -49.02
CA ARG C 490 -18.48 5.51 -48.84
C ARG C 490 -19.60 4.90 -48.01
N LEU C 491 -19.96 3.66 -48.32
CA LEU C 491 -21.00 2.98 -47.58
C LEU C 491 -20.60 2.84 -46.13
N GLU C 492 -19.40 2.35 -45.88
CA GLU C 492 -18.90 2.18 -44.52
C GLU C 492 -18.96 3.48 -43.73
N ALA C 493 -18.61 4.59 -44.36
CA ALA C 493 -18.65 5.88 -43.70
C ALA C 493 -20.09 6.30 -43.39
N LEU C 494 -21.00 6.04 -44.32
CA LEU C 494 -22.40 6.38 -44.12
C LEU C 494 -23.02 5.51 -43.05
N ILE C 495 -22.60 4.24 -43.01
CA ILE C 495 -23.12 3.32 -42.02
C ILE C 495 -22.76 3.75 -40.60
N ARG C 496 -21.51 4.15 -40.38
CA ARG C 496 -21.11 4.59 -39.04
C ARG C 496 -21.97 5.78 -38.61
N ARG C 497 -22.23 6.69 -39.55
CA ARG C 497 -23.05 7.87 -39.26
C ARG C 497 -24.46 7.49 -38.85
N ARG C 498 -25.20 6.89 -39.78
CA ARG C 498 -26.57 6.49 -39.52
C ARG C 498 -26.71 5.65 -38.26
N GLU C 499 -25.78 4.73 -38.05
CA GLU C 499 -25.85 3.88 -36.87
C GLU C 499 -25.66 4.67 -35.57
N GLU C 500 -24.82 5.69 -35.60
CA GLU C 500 -24.65 6.50 -34.39
C GLU C 500 -25.93 7.31 -34.19
N GLU C 501 -26.52 7.79 -35.29
CA GLU C 501 -27.74 8.57 -35.21
C GLU C 501 -28.86 7.71 -34.59
N VAL C 502 -28.94 6.45 -35.00
CA VAL C 502 -29.96 5.56 -34.46
C VAL C 502 -29.72 5.30 -32.98
N PHE C 503 -28.45 5.11 -32.61
CA PHE C 503 -28.12 4.88 -31.20
C PHE C 503 -28.63 6.06 -30.38
N LEU C 504 -28.30 7.28 -30.83
CA LEU C 504 -28.73 8.48 -30.13
C LEU C 504 -30.25 8.60 -30.03
N GLU C 505 -30.95 8.24 -31.11
CA GLU C 505 -32.41 8.30 -31.13
C GLU C 505 -32.97 7.32 -30.10
N VAL C 506 -32.43 6.10 -30.09
CA VAL C 506 -32.87 5.08 -29.14
C VAL C 506 -32.54 5.51 -27.71
N ARG C 507 -31.36 6.10 -27.54
CA ARG C 507 -30.92 6.57 -26.23
C ARG C 507 -31.91 7.61 -25.71
N GLU C 508 -32.30 8.53 -26.59
CA GLU C 508 -33.24 9.59 -26.23
C GLU C 508 -34.58 8.96 -25.79
N ARG C 509 -34.96 7.86 -26.42
CA ARG C 509 -36.21 7.17 -26.06
C ARG C 509 -36.11 6.71 -24.61
N ALA C 510 -34.92 6.22 -24.24
CA ALA C 510 -34.68 5.73 -22.89
C ALA C 510 -34.63 6.89 -21.92
N LYS C 511 -33.96 7.96 -22.33
CA LYS C 511 -33.81 9.14 -21.51
C LYS C 511 -35.16 9.73 -21.06
N ARG C 512 -36.17 9.63 -21.91
CA ARG C 512 -37.48 10.16 -21.55
C ARG C 512 -38.13 9.42 -20.39
N GLN C 513 -37.63 8.23 -20.10
CA GLN C 513 -38.15 7.43 -18.99
C GLN C 513 -37.24 7.50 -17.77
N ALA C 514 -36.30 8.44 -17.78
CA ALA C 514 -35.36 8.58 -16.67
C ALA C 514 -36.02 8.59 -15.29
N GLU C 515 -37.11 9.34 -15.15
CA GLU C 515 -37.81 9.41 -13.87
C GLU C 515 -38.43 8.07 -13.46
N ALA C 516 -39.02 7.35 -14.41
CA ALA C 516 -39.62 6.06 -14.08
C ALA C 516 -38.51 5.10 -13.66
N LEU C 517 -37.35 5.24 -14.28
CA LEU C 517 -36.21 4.41 -13.95
C LEU C 517 -35.81 4.64 -12.50
N ARG C 518 -35.67 5.91 -12.11
CA ARG C 518 -35.30 6.23 -10.73
C ARG C 518 -36.32 5.62 -9.76
N GLU C 519 -37.59 5.85 -10.04
CA GLU C 519 -38.71 5.35 -9.24
C GLU C 519 -38.66 3.84 -9.09
N ALA C 520 -38.43 3.12 -10.19
CA ALA C 520 -38.35 1.66 -10.14
C ALA C 520 -37.11 1.30 -9.30
N ALA C 521 -36.08 2.12 -9.40
CA ALA C 521 -34.86 1.89 -8.64
C ALA C 521 -35.05 2.07 -7.14
N ARG C 522 -35.85 3.06 -6.73
CA ARG C 522 -36.08 3.29 -5.29
C ARG C 522 -36.85 2.14 -4.67
N ILE C 523 -37.93 1.74 -5.34
CA ILE C 523 -38.78 0.66 -4.87
C ILE C 523 -37.98 -0.64 -4.71
N LEU C 524 -37.30 -1.03 -5.77
CA LEU C 524 -36.51 -2.25 -5.75
C LEU C 524 -35.35 -2.20 -4.76
N ALA C 525 -34.82 -1.00 -4.53
CA ALA C 525 -33.72 -0.87 -3.57
C ALA C 525 -34.27 -1.23 -2.19
N GLU C 526 -35.43 -0.70 -1.87
CA GLU C 526 -36.04 -0.98 -0.58
C GLU C 526 -36.33 -2.47 -0.40
N LEU C 527 -36.96 -3.06 -1.41
CA LEU C 527 -37.29 -4.48 -1.35
C LEU C 527 -36.00 -5.31 -1.28
N ASP C 528 -34.94 -4.83 -1.92
CA ASP C 528 -33.65 -5.51 -1.91
C ASP C 528 -33.16 -5.57 -0.45
N VAL C 529 -33.31 -4.45 0.27
CA VAL C 529 -32.89 -4.38 1.66
C VAL C 529 -33.70 -5.26 2.61
N TYR C 530 -35.02 -5.21 2.50
CA TYR C 530 -35.88 -6.02 3.35
C TYR C 530 -35.61 -7.51 3.14
N ALA C 531 -35.50 -7.93 1.89
CA ALA C 531 -35.24 -9.34 1.59
C ALA C 531 -33.85 -9.72 2.10
N ALA C 532 -32.90 -8.79 1.98
CA ALA C 532 -31.54 -9.02 2.44
C ALA C 532 -31.44 -9.16 3.96
N LEU C 533 -32.15 -8.31 4.69
CA LEU C 533 -32.13 -8.37 6.14
C LEU C 533 -32.82 -9.64 6.59
N ALA C 534 -33.81 -10.10 5.82
CA ALA C 534 -34.52 -11.33 6.15
C ALA C 534 -33.58 -12.49 5.93
N GLU C 535 -32.81 -12.41 4.84
CA GLU C 535 -31.83 -13.43 4.48
C GLU C 535 -30.84 -13.64 5.62
N VAL C 536 -30.28 -12.53 6.11
CA VAL C 536 -29.31 -12.56 7.19
C VAL C 536 -29.96 -13.12 8.46
N ALA C 537 -31.18 -12.67 8.72
CA ALA C 537 -31.90 -13.11 9.90
C ALA C 537 -32.11 -14.64 9.89
N VAL C 538 -32.47 -15.18 8.73
CA VAL C 538 -32.70 -16.62 8.63
C VAL C 538 -31.39 -17.40 8.74
N ARG C 539 -30.36 -16.91 8.07
CA ARG C 539 -29.06 -17.57 8.07
C ARG C 539 -28.30 -17.61 9.40
N TYR C 540 -28.42 -16.53 10.18
CA TYR C 540 -27.69 -16.44 11.44
C TYR C 540 -28.58 -16.57 12.66
N GLY C 541 -29.86 -16.85 12.43
CA GLY C 541 -30.79 -17.00 13.53
C GLY C 541 -31.00 -15.76 14.38
N TYR C 542 -31.51 -14.69 13.77
CA TYR C 542 -31.80 -13.43 14.46
C TYR C 542 -33.29 -13.37 14.77
N VAL C 543 -33.67 -12.51 15.72
CA VAL C 543 -35.09 -12.41 16.06
C VAL C 543 -35.60 -10.98 16.00
N ARG C 544 -36.90 -10.82 15.86
CA ARG C 544 -37.51 -9.49 15.81
C ARG C 544 -37.52 -8.89 17.21
N PRO C 545 -36.95 -7.68 17.36
CA PRO C 545 -36.90 -6.96 18.62
C PRO C 545 -38.19 -6.21 18.92
N ARG C 546 -38.50 -6.04 20.21
CA ARG C 546 -39.70 -5.32 20.60
C ARG C 546 -39.21 -4.03 21.26
N PHE C 547 -39.96 -2.95 21.08
CA PHE C 547 -39.55 -1.67 21.66
C PHE C 547 -40.37 -1.30 22.89
N GLY C 548 -39.67 -0.81 23.91
CA GLY C 548 -40.30 -0.40 25.16
C GLY C 548 -39.31 0.50 25.89
N ASP C 549 -39.46 0.69 27.20
CA ASP C 549 -38.49 1.52 27.89
C ASP C 549 -37.45 0.70 28.64
N ARG C 550 -37.66 -0.61 28.65
CA ARG C 550 -36.73 -1.49 29.31
C ARG C 550 -35.88 -2.20 28.28
N LEU C 551 -34.61 -2.40 28.61
CA LEU C 551 -33.74 -3.14 27.72
C LEU C 551 -33.72 -4.53 28.34
N GLN C 552 -34.19 -5.51 27.59
CA GLN C 552 -34.21 -6.88 28.08
C GLN C 552 -33.78 -7.79 26.95
N ILE C 553 -32.54 -8.23 27.02
CA ILE C 553 -31.96 -9.08 26.00
C ILE C 553 -31.65 -10.46 26.57
N ARG C 554 -32.20 -11.49 25.94
CA ARG C 554 -31.93 -12.86 26.37
C ARG C 554 -31.04 -13.52 25.33
N ALA C 555 -29.90 -14.05 25.79
CA ALA C 555 -28.96 -14.73 24.92
C ALA C 555 -28.49 -13.90 23.72
N GLY C 556 -28.03 -12.69 23.98
CA GLY C 556 -27.54 -11.84 22.90
C GLY C 556 -26.11 -12.21 22.56
N ARG C 557 -25.70 -11.89 21.34
CA ARG C 557 -24.34 -12.18 20.89
C ARG C 557 -23.84 -11.09 19.96
N HIS C 558 -22.52 -10.93 19.90
CA HIS C 558 -21.91 -9.93 19.04
C HIS C 558 -22.09 -10.49 17.62
N PRO C 559 -22.88 -9.80 16.78
CA PRO C 559 -23.15 -10.24 15.40
C PRO C 559 -21.93 -10.44 14.52
N VAL C 560 -20.81 -9.81 14.86
CA VAL C 560 -19.60 -9.95 14.05
C VAL C 560 -18.64 -10.99 14.60
N VAL C 561 -18.37 -10.94 15.90
CA VAL C 561 -17.48 -11.91 16.54
C VAL C 561 -18.00 -13.33 16.36
N GLU C 562 -19.28 -13.56 16.61
CA GLU C 562 -19.84 -14.89 16.47
C GLU C 562 -19.69 -15.43 15.06
N ARG C 563 -19.41 -14.55 14.11
CA ARG C 563 -19.26 -14.92 12.71
C ARG C 563 -17.95 -15.70 12.44
N ARG C 564 -16.95 -15.54 13.31
CA ARG C 564 -15.66 -16.24 13.14
C ARG C 564 -15.22 -17.07 14.34
N THR C 565 -16.09 -17.25 15.34
CA THR C 565 -15.74 -18.02 16.53
C THR C 565 -16.98 -18.47 17.29
N GLU C 566 -16.83 -19.50 18.11
CA GLU C 566 -17.96 -19.97 18.93
C GLU C 566 -18.20 -18.87 19.95
N PHE C 567 -19.42 -18.34 19.96
CA PHE C 567 -19.75 -17.27 20.87
C PHE C 567 -20.62 -17.76 22.01
N VAL C 568 -20.39 -17.19 23.20
CA VAL C 568 -21.18 -17.52 24.36
C VAL C 568 -22.22 -16.41 24.54
N PRO C 569 -23.50 -16.73 24.32
CA PRO C 569 -24.56 -15.73 24.47
C PRO C 569 -24.67 -15.20 25.90
N ASN C 570 -25.24 -14.01 26.07
CA ASN C 570 -25.40 -13.42 27.39
C ASN C 570 -26.65 -12.59 27.49
N ASP C 571 -27.16 -12.48 28.70
CA ASP C 571 -28.36 -11.71 28.94
C ASP C 571 -27.98 -10.33 29.45
N LEU C 572 -28.98 -9.47 29.52
CA LEU C 572 -28.81 -8.12 30.01
C LEU C 572 -30.15 -7.47 30.21
N GLU C 573 -30.33 -6.86 31.38
CA GLU C 573 -31.53 -6.12 31.72
C GLU C 573 -31.02 -4.76 32.19
N ALA C 575 -32.47 -0.41 32.72
CA ALA C 575 -33.54 0.58 32.68
C ALA C 575 -33.01 1.88 33.23
N HIS C 576 -32.34 2.66 32.40
CA HIS C 576 -31.77 3.95 32.83
C HIS C 576 -30.92 3.67 34.06
N GLU C 577 -30.15 2.59 34.01
CA GLU C 577 -29.30 2.19 35.12
C GLU C 577 -27.79 2.33 34.85
N LEU C 578 -27.02 2.44 35.93
CA LEU C 578 -25.57 2.52 35.86
C LEU C 578 -25.14 1.08 36.12
N VAL C 579 -24.73 0.37 35.07
CA VAL C 579 -24.33 -1.02 35.19
C VAL C 579 -22.83 -1.21 35.20
N LEU C 580 -22.28 -1.57 36.36
CA LEU C 580 -20.85 -1.77 36.46
C LEU C 580 -20.56 -3.23 36.21
N ILE C 581 -19.52 -3.50 35.44
CA ILE C 581 -19.12 -4.86 35.13
C ILE C 581 -17.67 -5.08 35.54
N THR C 582 -17.50 -5.77 36.66
CA THR C 582 -16.17 -6.05 37.19
C THR C 582 -15.68 -7.42 36.69
N GLY C 583 -14.43 -7.74 36.98
CA GLY C 583 -13.87 -9.01 36.54
C GLY C 583 -12.64 -8.76 35.69
N PRO C 584 -11.86 -9.80 35.41
CA PRO C 584 -10.64 -9.66 34.59
C PRO C 584 -10.90 -9.45 33.13
N ASN C 585 -9.86 -9.01 32.42
CA ASN C 585 -9.94 -8.82 30.99
C ASN C 585 -9.80 -10.22 30.38
N ALA C 587 -12.14 -11.94 29.33
CA ALA C 587 -13.34 -12.70 29.66
C ALA C 587 -14.54 -12.14 28.92
N GLY C 588 -14.29 -11.41 27.84
CA GLY C 588 -15.36 -10.85 27.03
C GLY C 588 -16.16 -9.66 27.54
N LYS C 589 -15.59 -8.85 28.42
CA LYS C 589 -16.33 -7.69 28.94
C LYS C 589 -16.56 -6.69 27.83
N SER C 590 -15.51 -6.38 27.07
CA SER C 590 -15.63 -5.42 25.98
C SER C 590 -16.58 -5.86 24.88
N THR C 591 -16.52 -7.14 24.55
CA THR C 591 -17.38 -7.69 23.53
C THR C 591 -18.83 -7.59 24.00
N PHE C 592 -19.04 -7.78 25.31
CA PHE C 592 -20.37 -7.70 25.88
C PHE C 592 -20.92 -6.28 25.70
N LEU C 593 -20.07 -5.28 25.93
CA LEU C 593 -20.48 -3.89 25.75
C LEU C 593 -20.83 -3.65 24.30
N ARG C 594 -19.91 -3.98 23.40
CA ARG C 594 -20.14 -3.76 21.97
C ARG C 594 -21.36 -4.50 21.41
N GLN C 595 -21.59 -5.74 21.85
CA GLN C 595 -22.73 -6.49 21.33
C GLN C 595 -24.02 -5.79 21.69
N THR C 596 -24.04 -5.14 22.85
CA THR C 596 -25.21 -4.41 23.33
C THR C 596 -25.50 -3.26 22.37
N ALA C 597 -24.47 -2.49 22.03
CA ALA C 597 -24.62 -1.37 21.11
C ALA C 597 -25.04 -1.85 19.72
N LEU C 598 -24.46 -2.96 19.28
CA LEU C 598 -24.81 -3.46 17.96
C LEU C 598 -26.25 -3.95 17.87
N ILE C 599 -26.71 -4.64 18.90
CA ILE C 599 -28.09 -5.12 18.90
C ILE C 599 -29.04 -3.92 18.80
N ALA C 600 -28.75 -2.88 19.58
CA ALA C 600 -29.56 -1.65 19.60
C ALA C 600 -29.45 -0.97 18.24
N LEU C 601 -28.26 -0.95 17.67
CA LEU C 601 -28.04 -0.33 16.36
C LEU C 601 -28.86 -1.04 15.30
N LEU C 602 -28.83 -2.37 15.31
CA LEU C 602 -29.57 -3.16 14.34
C LEU C 602 -31.08 -2.96 14.46
N ALA C 603 -31.57 -2.94 15.70
CA ALA C 603 -33.00 -2.75 15.91
C ALA C 603 -33.47 -1.38 15.40
N GLN C 604 -32.65 -0.35 15.59
CA GLN C 604 -33.06 0.98 15.17
C GLN C 604 -32.82 1.26 13.68
N VAL C 605 -32.49 0.19 12.99
CA VAL C 605 -32.28 0.25 11.56
C VAL C 605 -33.42 -0.56 10.94
N GLY C 606 -34.14 -1.30 11.79
CA GLY C 606 -35.25 -2.10 11.33
C GLY C 606 -34.85 -3.51 10.98
N SER C 607 -33.73 -3.95 11.52
CA SER C 607 -33.22 -5.28 11.29
C SER C 607 -33.49 -6.18 12.48
N PHE C 608 -33.57 -7.49 12.24
CA PHE C 608 -33.75 -8.44 13.33
C PHE C 608 -32.38 -8.39 14.04
N VAL C 609 -32.29 -8.93 15.25
CA VAL C 609 -31.02 -8.87 15.98
C VAL C 609 -30.56 -10.24 16.49
N PRO C 610 -29.26 -10.36 16.82
CA PRO C 610 -28.68 -11.61 17.31
C PRO C 610 -28.99 -11.91 18.78
N ALA C 611 -30.12 -12.54 19.03
CA ALA C 611 -30.52 -12.88 20.39
C ALA C 611 -31.71 -13.84 20.36
N GLU C 612 -32.08 -14.36 21.52
CA GLU C 612 -33.23 -15.24 21.62
C GLU C 612 -34.46 -14.36 21.68
N GLU C 613 -34.34 -13.27 22.42
CA GLU C 613 -35.42 -12.30 22.57
C GLU C 613 -34.77 -10.98 22.88
N ALA C 614 -35.36 -9.90 22.41
CA ALA C 614 -34.79 -8.60 22.68
C ALA C 614 -35.89 -7.57 22.80
N HIS C 615 -35.91 -6.91 23.95
CA HIS C 615 -36.85 -5.85 24.24
C HIS C 615 -35.91 -4.66 24.32
N LEU C 616 -36.16 -3.63 23.52
CA LEU C 616 -35.26 -2.49 23.47
C LEU C 616 -35.91 -1.12 23.47
N PRO C 617 -35.25 -0.14 24.09
CA PRO C 617 -35.79 1.23 24.11
C PRO C 617 -35.26 1.93 22.84
N LEU C 618 -35.75 3.12 22.55
CA LEU C 618 -35.27 3.83 21.40
C LEU C 618 -34.23 4.84 21.87
N PHE C 619 -32.95 4.48 21.70
CA PHE C 619 -31.86 5.35 22.13
C PHE C 619 -31.69 6.54 21.18
N ASP C 620 -31.30 7.69 21.73
CA ASP C 620 -31.10 8.88 20.90
C ASP C 620 -29.67 8.93 20.38
N GLY C 621 -28.83 8.04 20.91
CA GLY C 621 -27.43 7.99 20.50
C GLY C 621 -26.63 6.95 21.27
N ILE C 622 -25.56 6.48 20.66
CA ILE C 622 -24.69 5.51 21.32
C ILE C 622 -23.33 6.17 21.47
N TYR C 623 -22.86 6.28 22.72
CA TYR C 623 -21.57 6.92 22.99
C TYR C 623 -20.60 5.97 23.65
N THR C 624 -19.47 5.74 22.99
CA THR C 624 -18.45 4.84 23.49
C THR C 624 -17.15 5.52 23.90
N ARG C 625 -16.44 4.85 24.81
CA ARG C 625 -15.14 5.26 25.31
C ARG C 625 -14.50 3.88 25.55
N ILE C 626 -14.11 3.23 24.45
CA ILE C 626 -13.54 1.88 24.48
C ILE C 626 -12.20 1.75 23.78
N GLY C 627 -11.31 0.95 24.37
CA GLY C 627 -9.99 0.72 23.80
C GLY C 627 -9.13 1.97 23.64
N ALA C 628 -8.35 2.01 22.56
CA ALA C 628 -7.49 3.15 22.24
C ALA C 628 -6.58 3.58 23.40
N GLY C 635 -4.72 16.80 23.31
CA GLY C 635 -4.13 15.95 24.40
C GLY C 635 -2.93 15.14 23.94
N LYS C 636 -2.13 14.69 24.91
CA LYS C 636 -0.93 13.91 24.63
C LYS C 636 -0.94 12.61 25.45
N SER C 637 -1.25 12.72 26.74
CA SER C 637 -1.30 11.57 27.63
C SER C 637 -2.50 10.64 27.36
N THR C 638 -2.32 9.36 27.65
CA THR C 638 -3.38 8.38 27.44
C THR C 638 -4.56 8.71 28.35
N PHE C 639 -4.23 9.13 29.58
CA PHE C 639 -5.24 9.49 30.56
C PHE C 639 -5.99 10.74 30.10
N VAL C 641 -6.37 11.91 27.02
CA VAL C 641 -7.16 11.67 25.83
C VAL C 641 -8.49 11.04 26.19
N GLU C 642 -8.46 10.07 27.10
CA GLU C 642 -9.69 9.40 27.51
C GLU C 642 -10.58 10.38 28.29
N GLU C 644 -10.82 13.53 27.67
CA GLU C 644 -11.44 14.40 26.67
C GLU C 644 -12.66 13.69 26.11
N GLU C 645 -12.51 12.41 25.78
CA GLU C 645 -13.63 11.64 25.24
C GLU C 645 -14.79 11.59 26.24
N VAL C 646 -14.47 11.38 27.51
CA VAL C 646 -15.48 11.32 28.56
C VAL C 646 -16.26 12.64 28.61
N ALA C 647 -15.54 13.75 28.51
CA ALA C 647 -16.16 15.07 28.51
C ALA C 647 -17.18 15.18 27.39
N LEU C 648 -16.79 14.86 26.16
CA LEU C 648 -17.73 14.92 25.05
C LEU C 648 -18.96 14.09 25.38
N ILE C 649 -18.73 12.90 25.94
CA ILE C 649 -19.84 12.02 26.29
C ILE C 649 -20.77 12.65 27.32
N LEU C 650 -20.21 13.26 28.36
CA LEU C 650 -21.02 13.88 29.41
C LEU C 650 -21.83 15.07 28.91
N LYS C 651 -21.31 15.75 27.90
CA LYS C 651 -21.98 16.91 27.35
C LYS C 651 -23.06 16.58 26.31
N GLU C 652 -22.95 15.43 25.67
CA GLU C 652 -23.94 15.04 24.67
C GLU C 652 -24.93 14.00 25.17
N ALA C 653 -24.52 13.19 26.15
CA ALA C 653 -25.36 12.12 26.70
C ALA C 653 -26.65 12.59 27.37
N THR C 654 -27.73 11.87 27.09
CA THR C 654 -29.05 12.18 27.60
C THR C 654 -29.63 10.97 28.36
N GLU C 655 -30.81 11.12 28.95
CA GLU C 655 -31.45 10.02 29.68
C GLU C 655 -31.84 8.89 28.72
N ASN C 656 -31.79 9.18 27.42
CA ASN C 656 -32.13 8.18 26.42
C ASN C 656 -30.89 7.70 25.69
N SER C 657 -29.73 7.97 26.26
CA SER C 657 -28.50 7.55 25.62
C SER C 657 -27.95 6.24 26.14
N LEU C 658 -27.23 5.55 25.27
CA LEU C 658 -26.58 4.29 25.63
C LEU C 658 -25.13 4.71 25.70
N VAL C 659 -24.55 4.62 26.89
CA VAL C 659 -23.15 4.99 27.10
C VAL C 659 -22.35 3.74 27.44
N LEU C 660 -21.21 3.55 26.77
CA LEU C 660 -20.36 2.39 26.99
C LEU C 660 -18.97 2.82 27.45
N LEU C 661 -18.66 2.60 28.73
CA LEU C 661 -17.35 2.99 29.26
C LEU C 661 -16.51 1.77 29.56
N ASP C 662 -15.26 1.83 29.11
CA ASP C 662 -14.31 0.75 29.24
C ASP C 662 -13.11 1.21 30.06
N GLU C 663 -13.14 0.90 31.36
CA GLU C 663 -12.04 1.23 32.28
C GLU C 663 -11.69 2.73 32.39
N VAL C 664 -12.71 3.57 32.44
CA VAL C 664 -12.50 5.00 32.60
C VAL C 664 -11.89 5.23 33.98
N GLY C 665 -10.77 5.95 34.04
CA GLY C 665 -10.10 6.21 35.31
C GLY C 665 -8.64 5.79 35.29
N ARG C 666 -8.30 4.90 34.35
CA ARG C 666 -6.94 4.40 34.16
C ARG C 666 -6.03 5.55 33.74
N GLY C 667 -4.72 5.34 33.87
CA GLY C 667 -3.78 6.35 33.43
C GLY C 667 -3.28 7.36 34.46
N THR C 668 -3.72 7.26 35.71
CA THR C 668 -3.25 8.19 36.73
C THR C 668 -2.94 7.48 38.05
N SER C 669 -2.93 8.23 39.14
CA SER C 669 -2.63 7.67 40.46
C SER C 669 -3.84 6.94 41.07
N SER C 670 -3.57 6.07 42.04
CA SER C 670 -4.61 5.28 42.72
C SER C 670 -5.86 6.09 43.07
N LEU C 671 -5.70 7.02 44.00
CA LEU C 671 -6.83 7.83 44.45
C LEU C 671 -7.46 8.70 43.36
N ASP C 672 -6.65 9.39 42.57
CA ASP C 672 -7.18 10.23 41.49
C ASP C 672 -7.99 9.38 40.52
N GLY C 673 -7.53 8.17 40.25
CA GLY C 673 -8.23 7.29 39.33
C GLY C 673 -9.62 6.93 39.83
N VAL C 674 -9.70 6.45 41.07
CA VAL C 674 -10.97 6.06 41.65
C VAL C 674 -11.92 7.25 41.81
N ALA C 675 -11.37 8.40 42.20
CA ALA C 675 -12.16 9.62 42.38
C ALA C 675 -12.80 10.06 41.08
N ILE C 676 -12.00 10.09 40.00
CA ILE C 676 -12.52 10.50 38.70
C ILE C 676 -13.54 9.49 38.21
N ALA C 677 -13.23 8.21 38.33
CA ALA C 677 -14.15 7.18 37.88
C ALA C 677 -15.48 7.30 38.60
N THR C 678 -15.43 7.65 39.90
CA THR C 678 -16.64 7.79 40.72
C THR C 678 -17.51 8.99 40.33
N ALA C 679 -16.87 10.15 40.19
CA ALA C 679 -17.58 11.37 39.81
C ALA C 679 -18.24 11.17 38.46
N VAL C 680 -17.52 10.53 37.54
CA VAL C 680 -18.06 10.27 36.22
C VAL C 680 -19.24 9.30 36.34
N ALA C 681 -19.08 8.26 37.15
CA ALA C 681 -20.16 7.29 37.34
C ALA C 681 -21.41 7.96 37.90
N GLU C 682 -21.24 8.80 38.92
CA GLU C 682 -22.37 9.48 39.54
C GLU C 682 -23.10 10.41 38.57
N ALA C 683 -22.32 11.11 37.74
CA ALA C 683 -22.93 12.04 36.79
C ALA C 683 -23.76 11.27 35.75
N LEU C 684 -23.26 10.12 35.32
CA LEU C 684 -24.00 9.34 34.34
C LEU C 684 -25.22 8.71 35.01
N HIS C 685 -25.09 8.42 36.31
CA HIS C 685 -26.21 7.86 37.07
C HIS C 685 -27.29 8.95 37.15
N GLU C 686 -26.88 10.17 37.54
CA GLU C 686 -27.78 11.31 37.63
C GLU C 686 -28.41 11.58 36.26
N ARG C 687 -27.61 11.45 35.21
CA ARG C 687 -28.09 11.67 33.85
C ARG C 687 -29.20 10.70 33.49
N ARG C 688 -29.19 9.54 34.14
CA ARG C 688 -30.17 8.48 33.90
C ARG C 688 -30.01 7.78 32.55
N ALA C 689 -28.84 7.92 31.93
CA ALA C 689 -28.59 7.25 30.66
C ALA C 689 -28.40 5.77 30.97
N TYR C 690 -28.46 4.92 29.94
CA TYR C 690 -28.24 3.50 30.14
C TYR C 690 -26.73 3.36 29.98
N THR C 691 -26.05 3.14 31.10
CA THR C 691 -24.61 3.04 31.08
C THR C 691 -24.03 1.66 31.45
N LEU C 692 -23.15 1.16 30.61
CA LEU C 692 -22.44 -0.10 30.88
C LEU C 692 -21.01 0.38 31.12
N PHE C 693 -20.51 0.12 32.31
CA PHE C 693 -19.18 0.57 32.69
C PHE C 693 -18.31 -0.60 33.13
N ALA C 694 -17.44 -1.07 32.23
CA ALA C 694 -16.52 -2.16 32.52
C ALA C 694 -15.35 -1.55 33.27
N THR C 695 -15.02 -2.11 34.43
CA THR C 695 -13.93 -1.57 35.23
C THR C 695 -13.34 -2.63 36.16
N HIS C 696 -12.20 -2.32 36.77
CA HIS C 696 -11.56 -3.23 37.71
C HIS C 696 -11.74 -2.68 39.12
N TYR C 697 -12.18 -1.43 39.20
CA TYR C 697 -12.38 -0.80 40.51
C TYR C 697 -13.49 -1.43 41.33
N PHE C 698 -13.11 -2.24 42.33
CA PHE C 698 -14.11 -2.84 43.20
C PHE C 698 -14.75 -1.69 43.98
N GLU C 699 -13.97 -0.63 44.18
CA GLU C 699 -14.47 0.52 44.91
C GLU C 699 -15.77 1.08 44.29
N LEU C 700 -15.89 1.03 42.97
CA LEU C 700 -17.08 1.54 42.30
C LEU C 700 -18.31 0.65 42.55
N THR C 701 -18.08 -0.63 42.82
CA THR C 701 -19.20 -1.56 43.05
C THR C 701 -20.04 -1.30 44.29
N ALA C 702 -19.53 -0.52 45.23
CA ALA C 702 -20.27 -0.25 46.45
C ALA C 702 -20.81 1.17 46.64
N LEU C 703 -20.92 1.96 45.59
CA LEU C 703 -21.42 3.33 45.75
C LEU C 703 -22.87 3.34 46.22
N GLY C 704 -23.28 4.45 46.83
CA GLY C 704 -24.65 4.57 47.31
C GLY C 704 -25.54 5.20 46.26
N LEU C 705 -25.72 4.48 45.15
CA LEU C 705 -26.54 4.95 44.04
C LEU C 705 -27.70 3.98 43.86
N PRO C 706 -28.94 4.51 43.86
CA PRO C 706 -30.16 3.71 43.71
C PRO C 706 -30.31 2.93 42.42
N ARG C 707 -29.78 3.46 41.32
CA ARG C 707 -29.89 2.78 40.04
C ARG C 707 -28.57 2.14 39.60
N LEU C 708 -27.69 1.88 40.56
CA LEU C 708 -26.42 1.25 40.25
C LEU C 708 -26.63 -0.26 40.32
N LYS C 709 -26.23 -0.95 39.27
CA LYS C 709 -26.35 -2.41 39.22
C LYS C 709 -24.99 -3.05 38.97
N ASN C 710 -24.74 -4.17 39.65
CA ASN C 710 -23.48 -4.88 39.50
C ASN C 710 -23.59 -6.18 38.71
N LEU C 711 -22.63 -6.37 37.82
CA LEU C 711 -22.48 -7.55 37.00
C LEU C 711 -20.97 -7.82 36.96
N HIS C 712 -20.57 -9.01 36.53
CA HIS C 712 -19.16 -9.33 36.47
C HIS C 712 -18.90 -10.60 35.69
N VAL C 713 -17.64 -10.81 35.36
CA VAL C 713 -17.22 -12.00 34.68
C VAL C 713 -16.16 -12.59 35.61
N ALA C 714 -15.89 -13.87 35.49
CA ALA C 714 -14.92 -14.49 36.35
C ALA C 714 -13.95 -15.40 35.63
N ALA C 715 -12.81 -15.64 36.27
CA ALA C 715 -11.80 -16.53 35.75
C ALA C 715 -11.83 -17.71 36.72
N ARG C 716 -11.34 -18.85 36.26
CA ARG C 716 -11.33 -20.05 37.10
C ARG C 716 -9.95 -20.69 37.08
N GLU C 717 -9.39 -20.88 38.26
CA GLU C 717 -8.07 -21.50 38.39
C GLU C 717 -8.32 -23.01 38.39
N GLU C 718 -7.99 -23.68 37.29
CA GLU C 718 -8.22 -25.12 37.19
C GLU C 718 -6.97 -25.95 36.92
N ALA C 719 -7.14 -27.02 36.16
CA ALA C 719 -6.05 -27.94 35.81
C ALA C 719 -5.03 -27.32 34.86
N GLY C 720 -5.44 -26.27 34.15
CA GLY C 720 -4.54 -25.62 33.22
C GLY C 720 -3.75 -24.50 33.87
N GLY C 721 -4.41 -23.77 34.76
CA GLY C 721 -3.79 -22.65 35.45
C GLY C 721 -4.80 -21.55 35.70
N LEU C 722 -5.45 -21.12 34.63
CA LEU C 722 -6.46 -20.07 34.68
C LEU C 722 -7.36 -20.16 33.44
N VAL C 723 -8.66 -20.33 33.65
CA VAL C 723 -9.59 -20.42 32.54
C VAL C 723 -10.62 -19.29 32.60
N PHE C 724 -10.64 -18.44 31.59
CA PHE C 724 -11.58 -17.32 31.55
C PHE C 724 -12.96 -17.71 31.03
N TYR C 725 -13.99 -17.42 31.82
CA TYR C 725 -15.36 -17.71 31.45
C TYR C 725 -16.07 -16.45 30.95
N HIS C 726 -16.61 -16.52 29.74
CA HIS C 726 -17.30 -15.39 29.14
C HIS C 726 -18.74 -15.21 29.56
N GLN C 727 -19.19 -15.98 30.55
CA GLN C 727 -20.57 -15.83 31.01
C GLN C 727 -20.65 -14.57 31.87
N VAL C 728 -21.61 -13.71 31.58
CA VAL C 728 -21.78 -12.50 32.37
C VAL C 728 -22.64 -12.90 33.57
N LEU C 729 -22.06 -12.75 34.76
CA LEU C 729 -22.71 -13.14 36.00
C LEU C 729 -23.30 -12.00 36.83
N PRO C 730 -24.29 -12.31 37.67
CA PRO C 730 -24.91 -11.28 38.50
C PRO C 730 -24.01 -10.87 39.66
N GLY C 731 -24.22 -9.66 40.15
CA GLY C 731 -23.42 -9.16 41.26
C GLY C 731 -22.01 -8.80 40.89
N PRO C 732 -21.25 -8.20 41.83
CA PRO C 732 -19.86 -7.79 41.64
C PRO C 732 -18.90 -8.97 41.72
N ALA C 733 -17.65 -8.76 41.31
CA ALA C 733 -16.67 -9.81 41.38
C ALA C 733 -16.44 -10.02 42.87
N SER C 734 -16.10 -11.22 43.27
CA SER C 734 -15.87 -11.47 44.69
C SER C 734 -14.38 -11.61 44.96
N LYS C 735 -13.61 -11.72 43.88
CA LYS C 735 -12.18 -11.88 43.97
C LYS C 735 -11.51 -11.18 42.78
N SER C 736 -10.26 -10.78 42.95
CA SER C 736 -9.49 -10.13 41.89
C SER C 736 -8.63 -11.24 41.30
N TYR C 737 -8.27 -11.13 40.02
CA TYR C 737 -7.44 -12.16 39.39
C TYR C 737 -6.13 -11.60 38.84
N GLY C 738 -5.85 -10.34 39.14
CA GLY C 738 -4.62 -9.72 38.66
C GLY C 738 -3.37 -10.52 38.93
N VAL C 739 -3.17 -10.88 40.20
CA VAL C 739 -1.99 -11.64 40.59
C VAL C 739 -1.98 -13.01 39.90
N GLU C 740 -3.15 -13.65 39.80
CA GLU C 740 -3.26 -14.95 39.13
C GLU C 740 -2.87 -14.82 37.67
N VAL C 741 -3.39 -13.78 37.02
CA VAL C 741 -3.08 -13.53 35.61
C VAL C 741 -1.57 -13.31 35.48
N ALA C 742 -0.99 -12.60 36.44
CA ALA C 742 0.45 -12.34 36.45
C ALA C 742 1.16 -13.68 36.53
N ALA C 743 0.73 -14.54 37.45
CA ALA C 743 1.36 -15.85 37.59
C ALA C 743 1.21 -16.60 36.27
N ALA C 745 1.11 -15.28 33.38
CA ALA C 745 2.00 -14.62 32.42
C ALA C 745 3.46 -15.05 32.62
N GLY C 746 3.72 -15.83 33.65
CA GLY C 746 5.09 -16.28 33.88
C GLY C 746 5.87 -15.59 34.99
N LEU C 747 5.23 -14.71 35.76
CA LEU C 747 5.94 -14.05 36.86
C LEU C 747 6.49 -15.16 37.74
N PRO C 748 7.74 -15.04 38.18
CA PRO C 748 8.32 -16.10 39.03
C PRO C 748 7.45 -16.37 40.26
N LYS C 749 7.40 -17.64 40.69
CA LYS C 749 6.60 -18.05 41.85
C LYS C 749 6.79 -17.21 43.12
N GLU C 750 8.04 -16.98 43.53
CA GLU C 750 8.26 -16.21 44.76
C GLU C 750 7.74 -14.78 44.66
N VAL C 751 7.85 -14.18 43.48
CA VAL C 751 7.34 -12.82 43.30
C VAL C 751 5.81 -12.84 43.38
N VAL C 752 5.21 -13.87 42.78
CA VAL C 752 3.75 -14.01 42.83
C VAL C 752 3.35 -14.25 44.28
N ALA C 753 4.14 -15.04 44.99
CA ALA C 753 3.87 -15.37 46.38
C ALA C 753 3.94 -14.13 47.25
N ARG C 754 4.95 -13.30 47.01
CA ARG C 754 5.11 -12.08 47.77
C ARG C 754 3.93 -11.13 47.50
N ALA C 755 3.48 -11.07 46.25
CA ALA C 755 2.34 -10.21 45.91
C ALA C 755 1.08 -10.67 46.66
N ARG C 756 0.86 -11.99 46.73
CA ARG C 756 -0.33 -12.47 47.44
C ARG C 756 -0.25 -12.07 48.91
N ALA C 757 0.95 -12.20 49.49
CA ALA C 757 1.18 -11.84 50.89
C ALA C 757 0.91 -10.35 51.12
N LEU C 758 1.28 -9.52 50.15
CA LEU C 758 1.07 -8.09 50.25
C LEU C 758 -0.42 -7.78 50.16
N LEU C 759 -1.10 -8.49 49.26
CA LEU C 759 -2.54 -8.31 49.08
C LEU C 759 -3.30 -8.62 50.35
N GLN C 760 -2.97 -9.75 50.97
CA GLN C 760 -3.63 -10.19 52.18
C GLN C 760 -3.32 -9.31 53.39
N ALA C 761 -2.21 -8.58 53.32
CA ALA C 761 -1.84 -7.67 54.41
C ALA C 761 -2.59 -6.36 54.21
N ALA C 763 -5.42 -5.74 52.19
CA ALA C 763 -6.84 -6.05 52.35
C ALA C 763 -7.15 -6.26 53.83
N ALA C 764 -6.18 -6.76 54.58
CA ALA C 764 -6.36 -6.99 56.00
C ALA C 764 -6.24 -5.65 56.73
N ARG C 765 -6.56 -4.58 56.02
CA ARG C 765 -6.51 -3.22 56.54
C ARG C 765 -5.14 -2.85 57.12
N GLU D 2 1.82 -31.22 -13.43
CA GLU D 2 2.94 -31.29 -14.37
C GLU D 2 2.49 -31.29 -15.83
N GLY D 3 3.25 -30.61 -16.68
CA GLY D 3 2.93 -30.55 -18.10
C GLY D 3 1.53 -30.05 -18.44
N LEU D 5 -1.50 -27.16 -18.43
CA LEU D 5 -1.68 -25.72 -18.44
C LEU D 5 -3.17 -25.45 -18.42
N LYS D 6 -3.57 -24.41 -17.69
CA LYS D 6 -4.97 -24.04 -17.58
C LYS D 6 -5.44 -23.28 -18.83
N GLY D 7 -6.43 -23.84 -19.52
CA GLY D 7 -6.96 -23.21 -20.71
C GLY D 7 -8.02 -24.08 -21.38
N GLU D 8 -8.38 -23.75 -22.60
CA GLU D 8 -9.39 -24.52 -23.32
C GLU D 8 -8.79 -25.09 -24.60
N GLY D 9 -9.32 -26.23 -25.03
CA GLY D 9 -8.81 -26.87 -26.23
C GLY D 9 -8.16 -28.19 -25.86
N PRO D 10 -7.99 -29.10 -26.85
CA PRO D 10 -7.37 -30.41 -26.63
C PRO D 10 -5.87 -30.44 -26.89
N GLY D 11 -5.54 -30.39 -28.17
CA GLY D 11 -4.18 -30.44 -28.68
C GLY D 11 -3.08 -30.17 -27.68
N PRO D 12 -1.90 -30.74 -27.92
CA PRO D 12 -0.76 -30.55 -27.02
C PRO D 12 -0.37 -29.07 -27.02
N LEU D 13 0.56 -28.71 -26.14
CA LEU D 13 1.02 -27.33 -26.08
C LEU D 13 1.91 -27.04 -27.30
N PRO D 14 1.84 -25.81 -27.83
CA PRO D 14 2.68 -25.48 -28.99
C PRO D 14 4.09 -25.36 -28.42
N PRO D 15 5.12 -25.29 -29.27
CA PRO D 15 6.50 -25.16 -28.77
C PRO D 15 6.76 -24.13 -27.64
N LEU D 16 6.38 -22.88 -27.86
CA LEU D 16 6.60 -21.85 -26.84
C LEU D 16 6.01 -22.20 -25.47
N LEU D 17 4.75 -22.61 -25.44
CA LEU D 17 4.09 -22.97 -24.18
C LEU D 17 4.63 -24.26 -23.60
N GLN D 18 5.14 -25.16 -24.45
CA GLN D 18 5.70 -26.42 -23.93
C GLN D 18 6.97 -26.09 -23.19
N GLN D 19 7.80 -25.25 -23.79
CA GLN D 19 9.07 -24.85 -23.19
C GLN D 19 8.78 -24.17 -21.86
N TYR D 20 7.74 -23.36 -21.83
CA TYR D 20 7.33 -22.63 -20.63
C TYR D 20 6.93 -23.57 -19.49
N VAL D 21 6.03 -24.49 -19.78
CA VAL D 21 5.55 -25.43 -18.78
C VAL D 21 6.70 -26.29 -18.24
N GLU D 22 7.60 -26.71 -19.12
CA GLU D 22 8.72 -27.53 -18.69
C GLU D 22 9.55 -26.75 -17.66
N LEU D 23 9.87 -25.50 -17.95
CA LEU D 23 10.65 -24.68 -17.01
C LEU D 23 9.86 -24.41 -15.74
N ARG D 24 8.59 -24.07 -15.91
CA ARG D 24 7.68 -23.78 -14.81
C ARG D 24 7.63 -24.91 -13.78
N ASP D 25 7.79 -26.14 -14.27
CA ASP D 25 7.75 -27.31 -13.40
C ASP D 25 9.07 -27.64 -12.72
N GLN D 26 10.14 -26.97 -13.12
CA GLN D 26 11.43 -27.21 -12.49
C GLN D 26 11.60 -26.30 -11.27
N TYR D 27 10.62 -25.44 -11.04
CA TYR D 27 10.68 -24.51 -9.92
C TYR D 27 9.27 -24.26 -9.39
N PRO D 28 8.62 -25.30 -8.85
CA PRO D 28 7.26 -25.21 -8.31
C PRO D 28 7.05 -24.20 -7.19
N ASP D 29 8.12 -23.80 -6.50
CA ASP D 29 7.96 -22.83 -5.42
C ASP D 29 7.99 -21.39 -5.90
N TYR D 30 8.31 -21.19 -7.17
CA TYR D 30 8.40 -19.83 -7.72
C TYR D 30 7.35 -19.52 -8.78
N LEU D 31 7.20 -18.22 -9.03
CA LEU D 31 6.31 -17.72 -10.08
C LEU D 31 7.28 -17.57 -11.25
N LEU D 32 7.05 -18.30 -12.33
CA LEU D 32 7.93 -18.25 -13.49
C LEU D 32 7.65 -17.06 -14.43
N LEU D 33 8.67 -16.23 -14.63
CA LEU D 33 8.57 -15.08 -15.53
C LEU D 33 9.35 -15.47 -16.79
N PHE D 34 8.59 -15.75 -17.85
CA PHE D 34 9.11 -16.21 -19.14
C PHE D 34 9.26 -15.06 -20.14
N GLN D 35 10.49 -14.81 -20.59
CA GLN D 35 10.70 -13.72 -21.54
C GLN D 35 10.16 -14.01 -22.93
N VAL D 36 9.31 -13.11 -23.40
CA VAL D 36 8.72 -13.23 -24.73
C VAL D 36 8.80 -11.82 -25.32
N GLY D 37 9.87 -11.56 -26.06
CA GLY D 37 10.05 -10.23 -26.64
C GLY D 37 10.49 -9.26 -25.57
N ASP D 38 9.87 -8.08 -25.56
CA ASP D 38 10.18 -7.03 -24.59
C ASP D 38 9.41 -7.23 -23.31
N PHE D 39 8.87 -8.43 -23.11
CA PHE D 39 8.09 -8.70 -21.91
C PHE D 39 8.41 -10.01 -21.21
N TYR D 40 7.98 -10.09 -19.96
CA TYR D 40 8.10 -11.30 -19.16
C TYR D 40 6.66 -11.76 -19.09
N GLU D 41 6.41 -13.01 -19.42
CA GLU D 41 5.05 -13.52 -19.43
C GLU D 41 4.79 -14.71 -18.52
N CYS D 42 3.53 -14.82 -18.12
CA CYS D 42 3.04 -15.91 -17.30
C CYS D 42 1.81 -16.41 -18.04
N PHE D 43 1.57 -17.71 -18.00
CA PHE D 43 0.43 -18.27 -18.69
C PHE D 43 -0.44 -19.10 -17.78
N GLY D 44 -1.68 -19.32 -18.22
CA GLY D 44 -2.61 -20.12 -17.43
C GLY D 44 -2.89 -19.50 -16.07
N GLU D 45 -2.94 -20.37 -15.07
CA GLU D 45 -3.22 -19.94 -13.71
C GLU D 45 -2.20 -18.93 -13.20
N ASP D 46 -0.95 -19.05 -13.66
CA ASP D 46 0.07 -18.12 -13.21
C ASP D 46 -0.17 -16.72 -13.78
N ALA D 47 -0.78 -16.65 -14.96
CA ALA D 47 -1.09 -15.35 -15.53
C ALA D 47 -2.10 -14.69 -14.61
N GLU D 48 -3.13 -15.45 -14.26
CA GLU D 48 -4.18 -14.95 -13.40
C GLU D 48 -3.60 -14.42 -12.08
N ARG D 49 -2.59 -15.11 -11.55
CA ARG D 49 -1.94 -14.67 -10.32
C ARG D 49 -1.23 -13.34 -10.51
N LEU D 50 -0.43 -13.24 -11.56
CA LEU D 50 0.33 -12.03 -11.84
C LEU D 50 -0.63 -10.87 -12.09
N ALA D 51 -1.72 -11.15 -12.82
CA ALA D 51 -2.71 -10.14 -13.17
C ALA D 51 -3.35 -9.51 -11.93
N ARG D 52 -3.81 -10.36 -11.02
CA ARG D 52 -4.46 -9.88 -9.79
C ARG D 52 -3.49 -9.20 -8.82
N ALA D 53 -2.28 -9.75 -8.71
CA ALA D 53 -1.28 -9.19 -7.80
C ALA D 53 -0.86 -7.77 -8.21
N LEU D 54 -0.62 -7.59 -9.50
CA LEU D 54 -0.19 -6.30 -10.04
C LEU D 54 -1.27 -5.48 -10.73
N GLY D 55 -2.49 -6.00 -10.76
CA GLY D 55 -3.59 -5.31 -11.40
C GLY D 55 -3.43 -5.19 -12.91
N LEU D 56 -2.97 -6.26 -13.54
CA LEU D 56 -2.75 -6.27 -14.98
C LEU D 56 -3.97 -6.69 -15.80
N VAL D 57 -3.87 -6.52 -17.11
CA VAL D 57 -4.93 -6.88 -18.04
C VAL D 57 -4.74 -8.29 -18.58
N LEU D 58 -5.66 -9.18 -18.24
CA LEU D 58 -5.58 -10.56 -18.73
C LEU D 58 -5.92 -10.66 -20.21
N THR D 59 -5.05 -11.34 -20.96
CA THR D 59 -5.26 -11.56 -22.39
C THR D 59 -5.25 -13.05 -22.61
N HIS D 60 -4.88 -13.45 -23.82
CA HIS D 60 -4.80 -14.86 -24.16
C HIS D 60 -3.66 -15.17 -25.10
N LYS D 61 -3.20 -16.40 -25.02
CA LYS D 61 -2.14 -16.91 -25.88
C LYS D 61 -2.88 -18.01 -26.61
N THR D 62 -3.11 -17.81 -27.90
CA THR D 62 -3.86 -18.79 -28.68
C THR D 62 -3.11 -19.46 -29.82
N SER D 63 -3.38 -20.75 -29.97
CA SER D 63 -2.81 -21.57 -31.03
C SER D 63 -4.01 -22.38 -31.54
N LYS D 64 -3.80 -23.26 -32.51
CA LYS D 64 -4.91 -24.03 -33.05
C LYS D 64 -5.62 -24.92 -32.03
N ASP D 65 -4.87 -25.72 -31.28
CA ASP D 65 -5.50 -26.60 -30.31
C ASP D 65 -5.50 -26.17 -28.86
N PHE D 66 -5.16 -24.91 -28.60
CA PHE D 66 -5.13 -24.44 -27.22
C PHE D 66 -5.06 -22.92 -27.11
N THR D 67 -5.77 -22.38 -26.12
CA THR D 67 -5.76 -20.95 -25.85
C THR D 67 -5.69 -20.86 -24.33
N THR D 68 -4.72 -20.10 -23.83
CA THR D 68 -4.51 -19.95 -22.39
C THR D 68 -4.42 -18.48 -21.95
N PRO D 69 -4.90 -18.17 -20.75
CA PRO D 69 -4.83 -16.79 -20.28
C PRO D 69 -3.37 -16.32 -20.26
N ALA D 71 -0.64 -12.79 -19.14
CA ALA D 71 -0.39 -11.51 -18.48
C ALA D 71 1.12 -11.38 -18.43
N GLY D 72 1.62 -10.16 -18.59
CA GLY D 72 3.06 -9.98 -18.54
C GLY D 72 3.44 -8.57 -18.13
N ILE D 73 4.73 -8.30 -18.10
CA ILE D 73 5.25 -6.98 -17.73
C ILE D 73 6.44 -6.67 -18.63
N PRO D 74 6.67 -5.39 -18.93
CA PRO D 74 7.79 -4.96 -19.78
C PRO D 74 9.14 -5.21 -19.10
N LEU D 75 10.11 -5.68 -19.89
CA LEU D 75 11.45 -5.93 -19.37
C LEU D 75 11.96 -4.66 -18.68
N ARG D 76 11.80 -3.52 -19.36
CA ARG D 76 12.25 -2.24 -18.84
C ARG D 76 11.74 -1.96 -17.43
N ALA D 77 10.58 -2.51 -17.08
CA ALA D 77 10.01 -2.27 -15.75
C ALA D 77 10.18 -3.46 -14.79
N PHE D 78 11.05 -4.40 -15.15
CA PHE D 78 11.28 -5.58 -14.33
C PHE D 78 11.56 -5.35 -12.85
N GLU D 79 12.67 -4.67 -12.57
CA GLU D 79 13.08 -4.38 -11.20
C GLU D 79 11.94 -3.81 -10.37
N ALA D 80 11.25 -2.81 -10.90
CA ALA D 80 10.14 -2.21 -10.18
C ALA D 80 9.08 -3.25 -9.80
N TYR D 81 8.69 -4.08 -10.76
CA TYR D 81 7.68 -5.12 -10.50
C TYR D 81 8.20 -6.24 -9.62
N ALA D 82 9.46 -6.63 -9.82
CA ALA D 82 10.05 -7.68 -9.03
C ALA D 82 9.99 -7.29 -7.56
N GLU D 83 10.34 -6.05 -7.28
CA GLU D 83 10.34 -5.54 -5.91
C GLU D 83 8.96 -5.68 -5.29
N ARG D 84 7.94 -5.22 -6.00
CA ARG D 84 6.58 -5.32 -5.49
C ARG D 84 6.21 -6.78 -5.27
N LEU D 85 6.46 -7.62 -6.28
CA LEU D 85 6.13 -9.04 -6.20
C LEU D 85 6.84 -9.73 -5.04
N LEU D 86 8.08 -9.34 -4.78
CA LEU D 86 8.84 -9.93 -3.70
C LEU D 86 8.26 -9.50 -2.35
N LYS D 87 7.96 -8.22 -2.23
CA LYS D 87 7.38 -7.68 -1.00
C LYS D 87 6.02 -8.33 -0.77
N GLY D 89 5.20 -11.36 -1.19
CA GLY D 89 5.25 -12.76 -0.85
C GLY D 89 5.58 -13.70 -2.00
N PHE D 90 5.85 -13.15 -3.17
CA PHE D 90 6.20 -13.98 -4.33
C PHE D 90 7.68 -14.30 -4.39
N ARG D 91 7.98 -15.47 -4.96
CA ARG D 91 9.34 -15.93 -5.17
C ARG D 91 9.41 -15.98 -6.70
N LEU D 92 10.42 -15.37 -7.30
CA LEU D 92 10.49 -15.32 -8.75
C LEU D 92 11.59 -16.08 -9.47
N ALA D 93 11.19 -16.80 -10.52
CA ALA D 93 12.10 -17.55 -11.36
C ALA D 93 12.09 -16.80 -12.69
N VAL D 94 13.24 -16.31 -13.11
CA VAL D 94 13.31 -15.55 -14.37
C VAL D 94 13.95 -16.31 -15.51
N ALA D 95 13.15 -16.55 -16.57
CA ALA D 95 13.65 -17.26 -17.74
C ALA D 95 13.81 -16.27 -18.90
N ASP D 96 15.07 -16.01 -19.28
CA ASP D 96 15.37 -15.10 -20.37
C ASP D 96 15.73 -15.87 -21.64
N GLN D 97 15.65 -15.19 -22.78
CA GLN D 97 15.99 -15.79 -24.06
C GLN D 97 17.50 -15.77 -24.19
N VAL D 98 18.09 -16.94 -24.43
CA VAL D 98 19.54 -17.06 -24.57
C VAL D 98 19.94 -16.60 -25.97
N GLU D 99 20.68 -15.49 -26.02
CA GLU D 99 21.15 -14.92 -27.29
C GLU D 99 21.30 -16.01 -28.36
N PRO D 100 21.02 -15.66 -29.62
CA PRO D 100 21.13 -16.64 -30.72
C PRO D 100 22.03 -17.82 -30.41
N VAL D 108 14.54 -18.06 -29.53
CA VAL D 108 13.79 -19.34 -29.65
C VAL D 108 14.46 -20.41 -28.78
N ARG D 109 14.77 -20.01 -27.55
CA ARG D 109 15.40 -20.85 -26.53
C ARG D 109 15.56 -20.06 -25.23
N ARG D 110 14.75 -20.39 -24.23
CA ARG D 110 14.78 -19.69 -22.95
C ARG D 110 15.33 -20.49 -21.77
N GLU D 111 16.01 -19.79 -20.86
CA GLU D 111 16.59 -20.44 -19.69
C GLU D 111 16.45 -19.54 -18.46
N VAL D 112 16.38 -20.18 -17.29
CA VAL D 112 16.28 -19.44 -16.03
C VAL D 112 17.63 -18.80 -15.72
N THR D 113 17.65 -17.48 -15.64
CA THR D 113 18.91 -16.78 -15.36
C THR D 113 18.96 -16.28 -13.91
N GLN D 114 17.79 -16.17 -13.28
CA GLN D 114 17.73 -15.70 -11.89
C GLN D 114 16.65 -16.40 -11.08
N LEU D 115 16.93 -16.58 -9.80
CA LEU D 115 16.00 -17.16 -8.85
C LEU D 115 15.90 -16.13 -7.72
N LEU D 116 14.87 -15.30 -7.77
CA LEU D 116 14.65 -14.22 -6.83
C LEU D 116 13.84 -14.56 -5.59
N THR D 117 14.52 -14.48 -4.45
CA THR D 117 13.97 -14.76 -3.14
C THR D 117 14.39 -13.60 -2.20
N PRO D 118 13.47 -13.10 -1.35
CA PRO D 118 13.77 -11.99 -0.44
C PRO D 118 15.06 -12.07 0.37
N GLY D 119 15.42 -13.29 0.80
CA GLY D 119 16.61 -13.46 1.60
C GLY D 119 17.85 -13.90 0.85
N THR D 120 17.77 -13.99 -0.48
CA THR D 120 18.92 -14.41 -1.26
C THR D 120 19.26 -13.45 -2.41
N LEU D 121 18.69 -12.25 -2.38
CA LEU D 121 18.93 -11.27 -3.43
C LEU D 121 20.40 -10.89 -3.61
N LEU D 122 20.81 -10.79 -4.87
CA LEU D 122 22.17 -10.43 -5.21
C LEU D 122 22.21 -9.17 -6.07
N GLN D 123 21.06 -8.66 -6.47
CA GLN D 123 21.03 -7.46 -7.29
C GLN D 123 20.98 -6.22 -6.42
N GLU D 124 21.94 -5.33 -6.63
CA GLU D 124 22.05 -4.09 -5.88
C GLU D 124 20.73 -3.31 -5.90
N SER D 125 20.12 -3.23 -7.08
CA SER D 125 18.86 -2.51 -7.26
C SER D 125 17.70 -3.03 -6.40
N LEU D 126 17.76 -4.28 -5.96
CA LEU D 126 16.69 -4.82 -5.15
C LEU D 126 17.09 -4.93 -3.69
N LEU D 127 18.24 -4.36 -3.35
CA LEU D 127 18.71 -4.43 -1.98
C LEU D 127 18.84 -3.08 -1.31
N PRO D 128 18.74 -3.06 0.03
CA PRO D 128 18.87 -1.84 0.81
C PRO D 128 20.36 -1.79 1.15
N ARG D 129 20.86 -0.69 1.68
CA ARG D 129 22.29 -0.61 2.03
C ARG D 129 22.60 -1.64 3.09
N GLU D 130 21.68 -1.76 4.05
CA GLU D 130 21.81 -2.69 5.17
C GLU D 130 21.94 -4.16 4.74
N ALA D 131 22.41 -4.99 5.68
CA ALA D 131 22.56 -6.40 5.45
C ALA D 131 21.19 -7.03 5.21
N ASN D 132 21.12 -7.97 4.27
CA ASN D 132 19.88 -8.65 3.94
C ASN D 132 20.16 -10.10 4.31
N TYR D 133 19.50 -10.60 5.34
CA TYR D 133 19.78 -11.96 5.79
C TYR D 133 18.75 -13.04 5.50
N LEU D 134 19.28 -14.24 5.29
CA LEU D 134 18.48 -15.44 5.11
C LEU D 134 18.79 -16.15 6.44
N ALA D 135 17.77 -16.60 7.15
CA ALA D 135 18.00 -17.27 8.43
C ALA D 135 17.40 -18.68 8.49
N ALA D 136 18.09 -19.58 9.17
CA ALA D 136 17.60 -20.95 9.31
C ALA D 136 17.61 -21.38 10.78
N ILE D 137 16.51 -21.99 11.22
CA ILE D 137 16.39 -22.44 12.59
C ILE D 137 16.15 -23.94 12.69
N ALA D 138 16.90 -24.59 13.58
CA ALA D 138 16.76 -26.03 13.77
C ALA D 138 17.01 -26.39 15.23
N THR D 139 16.52 -27.56 15.62
CA THR D 139 16.67 -28.03 16.99
C THR D 139 17.73 -29.11 17.16
N GLY D 140 18.00 -29.43 18.42
CA GLY D 140 19.01 -30.41 18.79
C GLY D 140 19.23 -30.04 20.23
N ASP D 141 20.48 -29.88 20.66
CA ASP D 141 20.72 -29.48 22.04
C ASP D 141 20.43 -27.99 21.99
N GLY D 142 19.17 -27.62 22.21
CA GLY D 142 18.82 -26.21 22.17
C GLY D 142 18.50 -25.75 20.75
N TRP D 143 18.68 -24.46 20.49
CA TRP D 143 18.37 -23.91 19.19
C TRP D 143 19.55 -23.48 18.32
N GLY D 144 19.63 -24.05 17.13
CA GLY D 144 20.68 -23.71 16.20
C GLY D 144 20.14 -22.55 15.39
N LEU D 145 20.91 -21.46 15.32
CA LEU D 145 20.49 -20.29 14.56
C LEU D 145 21.65 -19.84 13.68
N ALA D 146 21.41 -19.74 12.39
CA ALA D 146 22.45 -19.34 11.47
C ALA D 146 21.93 -18.32 10.45
N PHE D 147 22.80 -17.38 10.09
CA PHE D 147 22.43 -16.33 9.13
C PHE D 147 23.37 -16.30 7.92
N LEU D 148 22.82 -15.87 6.79
CA LEU D 148 23.59 -15.78 5.55
C LEU D 148 23.15 -14.55 4.75
N ASP D 149 24.12 -13.79 4.23
CA ASP D 149 23.85 -12.64 3.40
C ASP D 149 24.57 -12.97 2.09
N VAL D 150 23.82 -13.47 1.12
CA VAL D 150 24.38 -13.86 -0.16
C VAL D 150 25.06 -12.73 -0.91
N SER D 151 24.57 -11.50 -0.76
CA SER D 151 25.14 -10.36 -1.46
C SER D 151 26.51 -9.97 -0.90
N THR D 152 26.75 -10.34 0.35
CA THR D 152 27.99 -10.00 1.05
C THR D 152 28.89 -11.19 1.36
N GLY D 153 28.30 -12.38 1.44
CA GLY D 153 29.08 -13.55 1.81
C GLY D 153 29.08 -13.72 3.32
N GLU D 154 28.52 -12.75 4.04
CA GLU D 154 28.47 -12.84 5.51
C GLU D 154 27.78 -14.14 5.89
N PHE D 155 28.43 -14.92 6.74
CA PHE D 155 27.96 -16.23 7.16
C PHE D 155 28.31 -16.46 8.64
N LYS D 156 27.28 -16.48 9.49
CA LYS D 156 27.49 -16.64 10.93
C LYS D 156 26.32 -17.33 11.63
N GLY D 157 26.57 -17.81 12.85
CA GLY D 157 25.51 -18.48 13.58
C GLY D 157 25.87 -18.72 15.04
N THR D 158 24.90 -19.24 15.78
CA THR D 158 25.09 -19.53 17.20
C THR D 158 24.10 -20.60 17.67
N VAL D 159 24.15 -20.92 18.96
CA VAL D 159 23.25 -21.91 19.54
C VAL D 159 22.66 -21.30 20.80
N LEU D 160 21.33 -21.19 20.84
CA LEU D 160 20.67 -20.63 22.00
C LEU D 160 19.95 -21.71 22.79
N LYS D 161 19.94 -21.54 24.11
CA LYS D 161 19.33 -22.49 25.02
C LYS D 161 17.83 -22.33 25.25
N SER D 162 17.30 -21.13 25.08
CA SER D 162 15.88 -20.93 25.31
C SER D 162 15.21 -20.36 24.08
N LYS D 163 13.90 -20.59 23.97
CA LYS D 163 13.16 -20.09 22.83
C LYS D 163 13.20 -18.57 22.84
N SER D 164 13.11 -17.97 24.03
CA SER D 164 13.15 -16.52 24.17
C SER D 164 14.43 -15.93 23.58
N ALA D 165 15.56 -16.49 23.97
CA ALA D 165 16.84 -16.01 23.47
C ALA D 165 16.87 -16.13 21.96
N LEU D 166 16.34 -17.24 21.44
CA LEU D 166 16.31 -17.48 20.01
C LEU D 166 15.56 -16.37 19.30
N TYR D 167 14.34 -16.11 19.78
CA TYR D 167 13.50 -15.08 19.21
C TYR D 167 14.18 -13.71 19.22
N ASP D 168 14.90 -13.41 20.32
CA ASP D 168 15.60 -12.12 20.39
C ASP D 168 16.76 -12.10 19.40
N GLU D 169 17.53 -13.18 19.30
CA GLU D 169 18.64 -13.19 18.34
C GLU D 169 18.12 -13.03 16.92
N LEU D 170 16.98 -13.67 16.65
CA LEU D 170 16.34 -13.61 15.34
C LEU D 170 15.91 -12.20 15.05
N PHE D 171 15.14 -11.62 15.97
CA PHE D 171 14.64 -10.27 15.76
C PHE D 171 15.76 -9.26 15.56
N ARG D 172 16.82 -9.36 16.37
CA ARG D 172 17.93 -8.42 16.27
C ARG D 172 18.49 -8.28 14.85
N HIS D 173 18.37 -9.35 14.06
CA HIS D 173 18.90 -9.34 12.70
C HIS D 173 17.88 -9.02 11.60
N ARG D 174 16.59 -8.98 11.96
CA ARG D 174 15.51 -8.71 10.99
C ARG D 174 15.70 -9.42 9.65
N PRO D 175 15.74 -10.75 9.66
CA PRO D 175 15.91 -11.55 8.45
C PRO D 175 14.79 -11.27 7.45
N ALA D 176 15.10 -11.36 6.16
CA ALA D 176 14.09 -11.14 5.14
C ALA D 176 13.37 -12.45 4.82
N GLU D 177 13.96 -13.57 5.20
CA GLU D 177 13.37 -14.88 4.89
C GLU D 177 13.89 -15.94 5.86
N VAL D 178 12.99 -16.79 6.34
CA VAL D 178 13.36 -17.82 7.31
C VAL D 178 13.11 -19.26 6.86
N LEU D 179 14.09 -20.12 7.10
CA LEU D 179 13.99 -21.54 6.79
C LEU D 179 13.90 -22.27 8.14
N LEU D 180 12.77 -22.92 8.39
CA LEU D 180 12.57 -23.65 9.65
C LEU D 180 12.81 -25.14 9.46
N ALA D 181 13.43 -25.79 10.43
CA ALA D 181 13.68 -27.22 10.35
C ALA D 181 12.36 -27.98 10.23
N PRO D 182 12.41 -29.22 9.71
CA PRO D 182 11.20 -30.02 9.57
C PRO D 182 10.43 -30.25 10.87
N GLU D 183 11.13 -30.46 11.98
CA GLU D 183 10.43 -30.68 13.24
C GLU D 183 9.72 -29.43 13.72
N LEU D 184 10.08 -28.29 13.14
CA LEU D 184 9.45 -27.03 13.54
C LEU D 184 8.27 -26.71 12.63
N LEU D 185 8.36 -27.10 11.37
CA LEU D 185 7.26 -26.83 10.43
C LEU D 185 6.08 -27.75 10.72
N GLU D 186 6.36 -28.89 11.32
CA GLU D 186 5.31 -29.86 11.63
C GLU D 186 4.67 -29.58 12.98
N ASN D 187 5.36 -28.78 13.80
CA ASN D 187 4.87 -28.42 15.12
C ASN D 187 3.88 -27.27 15.00
N GLY D 188 2.59 -27.59 14.99
CA GLY D 188 1.57 -26.58 14.85
C GLY D 188 1.61 -25.52 15.93
N ALA D 189 2.18 -25.89 17.09
CA ALA D 189 2.26 -24.95 18.20
C ALA D 189 3.28 -23.87 17.89
N PHE D 190 4.50 -24.30 17.62
CA PHE D 190 5.60 -23.41 17.29
C PHE D 190 5.21 -22.52 16.12
N LEU D 191 4.80 -23.17 15.03
CA LEU D 191 4.42 -22.47 13.81
C LEU D 191 3.51 -21.27 13.99
N ASP D 192 2.42 -21.42 14.72
CA ASP D 192 1.52 -20.29 14.94
C ASP D 192 2.16 -19.22 15.81
N GLU D 193 2.90 -19.65 16.82
CA GLU D 193 3.57 -18.70 17.69
C GLU D 193 4.57 -17.93 16.83
N PHE D 194 5.36 -18.68 16.05
CA PHE D 194 6.37 -18.10 15.19
C PHE D 194 5.79 -17.14 14.14
N ARG D 195 4.74 -17.56 13.45
CA ARG D 195 4.15 -16.70 12.43
C ARG D 195 3.52 -15.44 13.02
N LYS D 196 3.01 -15.55 14.26
CA LYS D 196 2.40 -14.40 14.92
C LYS D 196 3.45 -13.38 15.34
N ARG D 197 4.64 -13.85 15.70
CA ARG D 197 5.69 -12.94 16.12
C ARG D 197 6.55 -12.45 14.96
N PHE D 198 6.93 -13.36 14.07
CA PHE D 198 7.75 -12.99 12.93
C PHE D 198 7.02 -13.18 11.62
N PRO D 199 6.47 -12.09 11.06
CA PRO D 199 5.74 -12.14 9.79
C PRO D 199 6.67 -12.13 8.59
N VAL D 200 7.69 -12.98 8.62
CA VAL D 200 8.65 -13.07 7.52
C VAL D 200 8.27 -14.25 6.64
N LEU D 202 8.49 -17.72 5.02
CA LEU D 202 9.09 -18.98 5.45
C LEU D 202 9.22 -19.85 4.21
N SER D 203 10.39 -20.47 4.03
CA SER D 203 10.61 -21.32 2.87
C SER D 203 11.18 -22.68 3.29
N GLU D 204 10.91 -23.68 2.46
CA GLU D 204 11.36 -25.05 2.71
C GLU D 204 12.80 -25.29 2.30
N ALA D 205 13.49 -26.11 3.07
CA ALA D 205 14.87 -26.44 2.74
C ALA D 205 15.28 -27.69 3.50
N PRO D 206 16.15 -28.50 2.90
CA PRO D 206 16.59 -29.71 3.59
C PRO D 206 17.58 -29.30 4.65
N PHE D 207 17.46 -29.87 5.84
CA PHE D 207 18.38 -29.52 6.91
C PHE D 207 19.48 -30.54 7.15
N GLU D 208 20.04 -31.06 6.08
CA GLU D 208 21.12 -32.03 6.16
C GLU D 208 22.29 -31.27 6.78
N PRO D 209 22.99 -31.89 7.74
CA PRO D 209 24.13 -31.26 8.41
C PRO D 209 25.29 -30.92 7.49
N GLU D 210 26.09 -29.94 7.91
CA GLU D 210 27.27 -29.47 7.18
C GLU D 210 28.32 -29.05 8.19
N GLY D 211 29.58 -29.34 7.90
CA GLY D 211 30.66 -28.95 8.79
C GLY D 211 30.63 -29.63 10.14
N GLU D 212 31.38 -29.06 11.08
CA GLU D 212 31.51 -29.58 12.43
C GLU D 212 30.79 -28.71 13.46
N GLY D 213 30.67 -29.20 14.69
CA GLY D 213 30.03 -28.44 15.74
C GLY D 213 28.67 -28.97 16.17
N PRO D 214 27.96 -28.22 17.03
CA PRO D 214 26.63 -28.62 17.50
C PRO D 214 25.72 -29.02 16.34
N LEU D 215 25.05 -30.15 16.48
CA LEU D 215 24.17 -30.67 15.44
C LEU D 215 23.11 -29.68 14.97
N ALA D 216 22.55 -28.93 15.91
CA ALA D 216 21.52 -27.96 15.54
C ALA D 216 22.09 -26.91 14.59
N LEU D 217 23.34 -26.53 14.82
CA LEU D 217 24.00 -25.52 14.00
C LEU D 217 24.39 -26.12 12.65
N ARG D 218 24.97 -27.32 12.69
CA ARG D 218 25.39 -27.99 11.48
C ARG D 218 24.20 -28.08 10.55
N ARG D 219 23.03 -28.32 11.12
CA ARG D 219 21.82 -28.44 10.34
C ARG D 219 21.35 -27.09 9.80
N ALA D 220 21.15 -26.12 10.69
CA ALA D 220 20.71 -24.79 10.26
C ALA D 220 21.62 -24.30 9.14
N ARG D 221 22.92 -24.53 9.30
CA ARG D 221 23.91 -24.13 8.33
C ARG D 221 23.75 -24.91 7.03
N GLY D 222 23.38 -26.19 7.14
CA GLY D 222 23.18 -27.00 5.97
C GLY D 222 22.04 -26.48 5.12
N ALA D 223 20.98 -26.04 5.80
CA ALA D 223 19.81 -25.51 5.10
C ALA D 223 20.12 -24.23 4.34
N LEU D 224 20.81 -23.30 4.98
CA LEU D 224 21.16 -22.03 4.34
C LEU D 224 21.94 -22.29 3.06
N LEU D 225 23.02 -23.06 3.18
CA LEU D 225 23.86 -23.38 2.04
C LEU D 225 23.06 -24.05 0.93
N ALA D 226 22.35 -25.12 1.24
CA ALA D 226 21.60 -25.83 0.22
C ALA D 226 20.57 -24.92 -0.45
N TYR D 227 19.84 -24.14 0.35
CA TYR D 227 18.81 -23.28 -0.21
C TYR D 227 19.38 -22.16 -1.06
N ALA D 228 20.42 -21.49 -0.56
CA ALA D 228 21.04 -20.38 -1.27
C ALA D 228 21.78 -20.84 -2.55
N GLN D 229 22.42 -22.00 -2.49
CA GLN D 229 23.12 -22.54 -3.66
C GLN D 229 22.13 -22.72 -4.80
N ARG D 230 20.92 -23.14 -4.44
CA ARG D 230 19.86 -23.35 -5.42
C ARG D 230 19.48 -22.01 -6.05
N THR D 231 19.39 -20.98 -5.21
CA THR D 231 19.04 -19.64 -5.68
C THR D 231 20.10 -19.06 -6.63
N GLN D 232 21.37 -19.30 -6.32
CA GLN D 232 22.47 -18.79 -7.13
C GLN D 232 22.88 -19.73 -8.25
N GLY D 233 22.12 -20.79 -8.44
CA GLY D 233 22.41 -21.75 -9.49
C GLY D 233 23.79 -22.37 -9.40
N GLY D 234 24.21 -22.74 -8.19
CA GLY D 234 25.52 -23.35 -8.04
C GLY D 234 26.28 -22.85 -6.83
N ALA D 235 27.61 -22.89 -6.92
CA ALA D 235 28.46 -22.48 -5.81
C ALA D 235 28.20 -21.06 -5.36
N LEU D 236 28.25 -20.86 -4.04
CA LEU D 236 28.04 -19.56 -3.44
C LEU D 236 29.39 -18.97 -3.14
N SER D 237 29.43 -17.66 -2.93
CA SER D 237 30.69 -17.02 -2.58
C SER D 237 30.47 -16.57 -1.15
N LEU D 238 30.94 -17.36 -0.20
CA LEU D 238 30.77 -17.04 1.21
C LEU D 238 32.08 -16.83 1.94
N GLN D 239 32.05 -15.99 2.97
CA GLN D 239 33.23 -15.75 3.77
C GLN D 239 33.17 -16.83 4.85
N PRO D 240 34.28 -17.05 5.58
CA PRO D 240 34.33 -18.07 6.64
C PRO D 240 33.19 -17.97 7.64
N PHE D 241 32.50 -19.09 7.86
CA PHE D 241 31.40 -19.11 8.82
C PHE D 241 31.92 -18.70 10.18
N ARG D 242 31.18 -17.80 10.83
CA ARG D 242 31.60 -17.32 12.13
C ARG D 242 30.65 -17.71 13.26
N PHE D 243 31.15 -18.48 14.21
CA PHE D 243 30.34 -18.86 15.35
C PHE D 243 30.45 -17.72 16.33
N TYR D 244 29.38 -17.41 17.04
CA TYR D 244 29.44 -16.33 18.02
C TYR D 244 28.58 -16.66 19.22
N ASP D 245 28.85 -15.95 20.30
CA ASP D 245 28.15 -16.12 21.55
C ASP D 245 27.40 -14.83 21.92
N PRO D 246 26.05 -14.86 21.87
CA PRO D 246 25.27 -13.66 22.20
C PRO D 246 25.59 -13.22 23.62
N GLY D 247 25.97 -14.19 24.45
CA GLY D 247 26.33 -13.90 25.83
C GLY D 247 27.57 -13.04 25.98
N ALA D 248 28.38 -12.95 24.93
CA ALA D 248 29.59 -12.15 24.98
C ALA D 248 29.34 -10.68 24.64
N PHE D 249 28.08 -10.33 24.38
CA PHE D 249 27.72 -8.96 24.06
C PHE D 249 26.58 -8.50 24.97
N ARG D 251 22.95 -7.65 26.02
CA ARG D 251 21.68 -8.21 25.55
C ARG D 251 20.73 -7.09 25.19
N LEU D 252 20.03 -7.27 24.09
CA LEU D 252 19.04 -6.29 23.62
C LEU D 252 17.83 -7.05 23.10
N PRO D 253 16.95 -7.48 24.01
CA PRO D 253 15.75 -8.22 23.58
C PRO D 253 14.89 -7.42 22.61
N GLU D 254 13.98 -8.11 21.94
CA GLU D 254 13.10 -7.46 20.97
C GLU D 254 12.37 -6.28 21.58
N ALA D 255 11.75 -6.52 22.73
CA ALA D 255 10.99 -5.47 23.42
C ALA D 255 11.83 -4.22 23.61
N THR D 256 13.10 -4.40 23.94
CA THR D 256 13.99 -3.28 24.17
C THR D 256 14.29 -2.54 22.87
N LEU D 257 14.60 -3.29 21.81
CA LEU D 257 14.89 -2.70 20.51
C LEU D 257 13.70 -1.91 19.98
N ARG D 258 12.49 -2.40 20.23
CA ARG D 258 11.28 -1.73 19.79
C ARG D 258 11.02 -0.44 20.59
N ALA D 259 11.01 -0.57 21.92
CA ALA D 259 10.76 0.57 22.80
C ALA D 259 11.76 1.69 22.60
N LEU D 260 13.03 1.34 22.44
CA LEU D 260 14.06 2.35 22.25
C LEU D 260 14.13 2.83 20.81
N GLU D 261 13.34 2.22 19.93
CA GLU D 261 13.34 2.60 18.52
C GLU D 261 14.76 2.71 18.00
N VAL D 262 15.57 1.70 18.27
CA VAL D 262 16.96 1.70 17.82
C VAL D 262 17.06 1.66 16.31
N PHE D 263 16.39 0.68 15.70
CA PHE D 263 16.39 0.53 14.24
C PHE D 263 15.05 0.88 13.59
N GLU D 264 13.95 0.70 14.31
CA GLU D 264 12.65 0.99 13.74
C GLU D 264 11.80 1.90 14.61
N PRO D 265 11.00 2.76 13.97
CA PRO D 265 10.14 3.68 14.71
C PRO D 265 8.86 3.00 15.15
N LEU D 266 8.38 3.40 16.33
CA LEU D 266 7.14 2.85 16.87
C LEU D 266 6.02 3.41 15.99
N ARG D 267 6.05 4.73 15.85
CA ARG D 267 5.09 5.48 15.06
C ARG D 267 5.81 6.81 14.83
N GLY D 268 5.70 7.36 13.62
CA GLY D 268 6.37 8.62 13.33
C GLY D 268 7.86 8.39 13.22
N GLN D 269 8.40 8.49 12.01
CA GLN D 269 9.82 8.26 11.72
C GLN D 269 10.85 8.86 12.70
N ASP D 270 12.12 8.54 12.46
CA ASP D 270 13.27 8.97 13.26
C ASP D 270 13.57 7.94 14.35
N THR D 271 14.68 7.25 14.15
CA THR D 271 15.15 6.21 15.04
C THR D 271 16.53 6.61 15.51
N LEU D 272 17.11 5.83 16.42
CA LEU D 272 18.45 6.12 16.89
C LEU D 272 19.38 5.96 15.70
N PHE D 273 19.17 4.90 14.92
CA PHE D 273 20.02 4.63 13.78
C PHE D 273 19.97 5.73 12.73
N SER D 274 18.81 6.35 12.55
CA SER D 274 18.69 7.42 11.57
C SER D 274 19.52 8.62 12.04
N VAL D 275 19.51 8.89 13.34
CA VAL D 275 20.28 10.01 13.87
C VAL D 275 21.77 9.73 13.72
N LEU D 276 22.15 8.46 13.84
CA LEU D 276 23.53 8.06 13.66
C LEU D 276 23.77 7.73 12.19
N ASP D 277 22.75 7.95 11.36
CA ASP D 277 22.90 7.66 9.94
C ASP D 277 23.81 8.70 9.30
N GLU D 278 25.12 8.55 9.47
CA GLU D 278 26.02 9.53 8.87
C GLU D 278 27.14 8.92 8.04
N THR D 279 27.16 7.60 7.97
CA THR D 279 28.17 6.91 7.18
C THR D 279 28.02 7.31 5.72
N ARG D 280 29.07 7.11 4.96
CA ARG D 280 29.08 7.47 3.54
C ARG D 280 29.02 6.25 2.63
N THR D 281 29.44 5.11 3.15
CA THR D 281 29.47 3.90 2.37
C THR D 281 28.54 2.83 2.90
N ALA D 282 28.12 1.92 2.02
CA ALA D 282 27.23 0.84 2.41
C ALA D 282 27.93 -0.08 3.42
N PRO D 283 29.19 -0.46 3.16
CA PRO D 283 29.84 -1.33 4.13
C PRO D 283 29.88 -0.68 5.51
N GLY D 284 30.04 0.64 5.53
CA GLY D 284 30.10 1.39 6.77
C GLY D 284 28.78 1.41 7.52
N ARG D 285 27.69 1.64 6.79
CA ARG D 285 26.36 1.66 7.40
C ARG D 285 26.15 0.28 7.99
N ARG D 286 26.55 -0.74 7.23
CA ARG D 286 26.39 -2.11 7.68
C ARG D 286 27.16 -2.37 8.96
N LEU D 287 28.40 -1.90 9.02
CA LEU D 287 29.23 -2.09 10.20
C LEU D 287 28.61 -1.40 11.41
N LEU D 288 28.22 -0.14 11.27
CA LEU D 288 27.62 0.56 12.39
C LEU D 288 26.38 -0.17 12.87
N GLN D 289 25.58 -0.69 11.93
CA GLN D 289 24.39 -1.42 12.34
C GLN D 289 24.82 -2.64 13.12
N SER D 290 25.92 -3.26 12.69
CA SER D 290 26.44 -4.45 13.36
C SER D 290 26.83 -4.15 14.81
N TRP D 291 27.52 -3.03 15.01
CA TRP D 291 27.95 -2.64 16.35
C TRP D 291 26.74 -2.37 17.24
N LEU D 292 25.77 -1.63 16.71
CA LEU D 292 24.56 -1.33 17.45
C LEU D 292 23.81 -2.61 17.81
N ARG D 293 23.74 -3.55 16.87
CA ARG D 293 23.03 -4.80 17.09
C ARG D 293 23.56 -5.57 18.29
N HIS D 294 24.88 -5.62 18.41
CA HIS D 294 25.55 -6.31 19.52
C HIS D 294 26.57 -5.39 20.21
N PRO D 295 26.12 -4.54 21.15
CA PRO D 295 27.03 -3.64 21.87
C PRO D 295 28.03 -4.49 22.67
N LEU D 296 29.22 -3.93 22.90
CA LEU D 296 30.28 -4.64 23.62
C LEU D 296 30.20 -4.53 25.14
N LEU D 297 30.81 -5.49 25.84
CA LEU D 297 30.82 -5.51 27.31
C LEU D 297 32.24 -5.26 27.83
N ASP D 298 33.21 -5.31 26.94
CA ASP D 298 34.62 -5.17 27.32
C ASP D 298 35.19 -3.77 27.14
N ARG D 299 35.73 -3.23 28.23
CA ARG D 299 36.31 -1.90 28.21
C ARG D 299 37.43 -1.71 27.19
N GLY D 300 38.38 -2.64 27.16
CA GLY D 300 39.49 -2.55 26.23
C GLY D 300 39.08 -2.14 24.82
N PRO D 301 38.31 -2.98 24.12
CA PRO D 301 37.86 -2.66 22.75
C PRO D 301 37.04 -1.38 22.66
N LEU D 302 36.24 -1.11 23.69
CA LEU D 302 35.43 0.10 23.67
C LEU D 302 36.32 1.35 23.74
N GLU D 303 37.30 1.34 24.63
CA GLU D 303 38.20 2.47 24.75
C GLU D 303 38.96 2.69 23.45
N ALA D 304 39.29 1.61 22.75
CA ALA D 304 40.02 1.71 21.49
C ALA D 304 39.11 2.40 20.47
N ARG D 305 37.84 1.99 20.43
CA ARG D 305 36.91 2.60 19.50
C ARG D 305 36.79 4.09 19.81
N LEU D 306 36.65 4.41 21.08
CA LEU D 306 36.49 5.80 21.46
C LEU D 306 37.72 6.64 21.07
N ASP D 307 38.90 6.03 21.12
CA ASP D 307 40.10 6.75 20.73
C ASP D 307 39.99 7.08 19.24
N ARG D 308 39.58 6.10 18.43
CA ARG D 308 39.46 6.31 16.99
C ARG D 308 38.49 7.46 16.69
N VAL D 309 37.39 7.50 17.44
CA VAL D 309 36.42 8.56 17.23
C VAL D 309 37.06 9.87 17.66
N GLU D 310 37.67 9.86 18.84
CA GLU D 310 38.31 11.06 19.37
C GLU D 310 39.35 11.54 18.37
N GLY D 311 40.05 10.60 17.76
CA GLY D 311 41.05 10.96 16.76
C GLY D 311 40.42 11.85 15.71
N PHE D 312 39.38 11.34 15.04
CA PHE D 312 38.71 12.09 13.99
C PHE D 312 38.04 13.37 14.45
N VAL D 313 37.76 13.46 15.74
CA VAL D 313 37.14 14.68 16.27
C VAL D 313 38.20 15.77 16.35
N ARG D 314 39.43 15.37 16.65
CA ARG D 314 40.54 16.29 16.77
C ARG D 314 41.17 16.63 15.42
N GLU D 315 41.19 15.65 14.53
CA GLU D 315 41.77 15.81 13.21
C GLU D 315 40.65 16.19 12.23
N GLY D 316 40.20 17.43 12.34
CA GLY D 316 39.13 17.92 11.48
C GLY D 316 39.37 17.82 9.99
N ALA D 317 40.51 18.35 9.53
CA ALA D 317 40.83 18.33 8.11
C ALA D 317 40.80 16.91 7.56
N LEU D 318 41.36 15.98 8.32
CA LEU D 318 41.40 14.59 7.91
C LEU D 318 39.98 14.03 7.84
N ARG D 319 39.21 14.25 8.90
CA ARG D 319 37.84 13.78 8.98
C ARG D 319 37.01 14.27 7.81
N GLU D 320 37.11 15.57 7.52
CA GLU D 320 36.38 16.19 6.43
C GLU D 320 36.88 15.68 5.08
N GLY D 321 38.17 15.40 5.01
CA GLY D 321 38.76 14.92 3.78
C GLY D 321 38.26 13.53 3.41
N VAL D 322 38.23 12.65 4.40
CA VAL D 322 37.78 11.28 4.22
C VAL D 322 36.31 11.23 3.84
N ARG D 323 35.47 11.97 4.58
CA ARG D 323 34.05 11.97 4.32
C ARG D 323 33.70 12.49 2.93
N ARG D 324 34.44 13.48 2.45
CA ARG D 324 34.20 14.01 1.10
C ARG D 324 34.51 12.93 0.07
N LEU D 325 35.63 12.22 0.27
CA LEU D 325 36.04 11.18 -0.65
C LEU D 325 35.17 9.91 -0.63
N LEU D 326 34.62 9.56 0.54
CA LEU D 326 33.78 8.36 0.63
C LEU D 326 32.39 8.58 0.03
N TYR D 327 31.99 9.85 -0.09
CA TYR D 327 30.68 10.16 -0.65
C TYR D 327 30.38 9.40 -1.94
N ARG D 328 29.35 8.57 -1.89
CA ARG D 328 28.91 7.76 -3.02
C ARG D 328 29.93 6.73 -3.54
N LEU D 329 30.93 6.42 -2.72
CA LEU D 329 31.94 5.43 -3.07
C LEU D 329 31.12 4.15 -3.23
N ALA D 330 31.44 3.34 -4.24
CA ALA D 330 30.70 2.11 -4.51
C ALA D 330 30.89 1.06 -3.40
N ASP D 331 29.92 0.14 -3.29
CA ASP D 331 29.99 -0.94 -2.30
C ASP D 331 30.96 -1.99 -2.86
N LEU D 332 32.23 -1.87 -2.44
CA LEU D 332 33.29 -2.77 -2.90
C LEU D 332 33.11 -4.21 -2.41
N GLU D 333 32.48 -4.37 -1.24
CA GLU D 333 32.25 -5.71 -0.70
C GLU D 333 31.25 -6.48 -1.57
N ARG D 334 30.11 -5.86 -1.89
CA ARG D 334 29.11 -6.54 -2.72
C ARG D 334 29.62 -6.66 -4.16
N LEU D 335 30.45 -5.72 -4.59
CA LEU D 335 30.97 -5.78 -5.94
C LEU D 335 31.90 -6.99 -5.98
N ALA D 336 32.72 -7.15 -4.95
CA ALA D 336 33.64 -8.29 -4.90
C ALA D 336 32.85 -9.60 -4.95
N THR D 337 31.68 -9.62 -4.33
CA THR D 337 30.85 -10.82 -4.31
C THR D 337 30.28 -11.10 -5.70
N ARG D 338 29.85 -10.06 -6.41
CA ARG D 338 29.33 -10.24 -7.75
C ARG D 338 30.44 -10.74 -8.67
N LEU D 339 31.67 -10.26 -8.46
CA LEU D 339 32.80 -10.70 -9.26
C LEU D 339 33.07 -12.19 -9.00
N GLU D 340 33.26 -12.54 -7.74
CA GLU D 340 33.51 -13.92 -7.34
C GLU D 340 32.49 -14.90 -7.91
N LEU D 341 31.25 -14.44 -8.03
CA LEU D 341 30.18 -15.29 -8.55
C LEU D 341 30.06 -15.27 -10.07
N GLY D 342 30.92 -14.52 -10.74
CA GLY D 342 30.86 -14.45 -12.19
C GLY D 342 29.66 -13.69 -12.72
N ARG D 343 29.14 -12.76 -11.94
CA ARG D 343 27.98 -11.96 -12.34
C ARG D 343 28.22 -10.46 -12.45
N ALA D 344 29.46 -10.00 -12.27
CA ALA D 344 29.74 -8.56 -12.39
C ALA D 344 29.37 -8.10 -13.79
N SER D 345 28.63 -7.02 -13.88
CA SER D 345 28.19 -6.49 -15.15
C SER D 345 29.18 -5.46 -15.68
N PRO D 346 28.94 -4.98 -16.91
CA PRO D 346 29.85 -3.97 -17.47
C PRO D 346 29.72 -2.70 -16.62
N LYS D 347 28.53 -2.43 -16.13
CA LYS D 347 28.32 -1.27 -15.28
C LYS D 347 29.13 -1.43 -13.98
N ASP D 348 29.11 -2.65 -13.41
CA ASP D 348 29.87 -2.92 -12.18
C ASP D 348 31.33 -2.55 -12.35
N LEU D 349 31.92 -2.93 -13.47
CA LEU D 349 33.32 -2.62 -13.73
C LEU D 349 33.53 -1.11 -13.92
N GLY D 350 32.50 -0.41 -14.40
CA GLY D 350 32.61 1.02 -14.56
C GLY D 350 32.64 1.67 -13.17
N ALA D 351 31.73 1.20 -12.31
CA ALA D 351 31.65 1.71 -10.96
C ALA D 351 32.96 1.40 -10.24
N LEU D 352 33.51 0.23 -10.50
CA LEU D 352 34.76 -0.19 -9.88
C LEU D 352 35.95 0.67 -10.30
N ARG D 353 36.08 0.97 -11.58
CA ARG D 353 37.23 1.77 -11.97
C ARG D 353 37.08 3.15 -11.35
N ARG D 354 35.85 3.64 -11.24
CA ARG D 354 35.63 4.95 -10.64
C ARG D 354 36.07 4.93 -9.18
N SER D 355 35.76 3.84 -8.48
CA SER D 355 36.12 3.67 -7.08
C SER D 355 37.63 3.60 -6.89
N LEU D 356 38.31 2.90 -7.80
CA LEU D 356 39.76 2.75 -7.69
C LEU D 356 40.50 4.04 -8.03
N GLN D 357 39.79 5.00 -8.62
CA GLN D 357 40.40 6.28 -8.95
C GLN D 357 40.35 7.15 -7.71
N ILE D 358 39.48 6.79 -6.77
CA ILE D 358 39.34 7.53 -5.53
C ILE D 358 40.28 6.99 -4.46
N LEU D 359 40.55 5.69 -4.54
CA LEU D 359 41.40 5.00 -3.60
C LEU D 359 42.75 5.70 -3.34
N PRO D 360 43.44 6.15 -4.40
CA PRO D 360 44.71 6.83 -4.21
C PRO D 360 44.56 8.10 -3.40
N GLU D 361 43.44 8.77 -3.59
CA GLU D 361 43.17 10.00 -2.87
C GLU D 361 42.96 9.71 -1.39
N LEU D 362 42.24 8.62 -1.08
CA LEU D 362 42.00 8.24 0.30
C LEU D 362 43.33 7.88 0.96
N ARG D 363 44.18 7.15 0.24
CA ARG D 363 45.47 6.77 0.82
C ARG D 363 46.45 7.92 0.97
N ALA D 364 46.41 8.89 0.06
CA ALA D 364 47.32 10.02 0.17
C ALA D 364 46.93 10.76 1.45
N LEU D 365 45.64 10.81 1.73
CA LEU D 365 45.11 11.47 2.91
C LEU D 365 45.30 10.65 4.19
N LEU D 366 45.05 9.35 4.09
CA LEU D 366 45.13 8.46 5.25
C LEU D 366 46.53 8.00 5.66
N GLY D 367 47.41 7.77 4.69
CA GLY D 367 48.74 7.32 5.03
C GLY D 367 48.88 5.82 4.87
N GLU D 368 50.11 5.34 5.04
CA GLU D 368 50.42 3.93 4.89
C GLU D 368 49.91 2.99 5.99
N GLU D 369 49.97 3.46 7.23
CA GLU D 369 49.53 2.64 8.36
C GLU D 369 48.11 2.08 8.20
N VAL D 370 47.27 2.79 7.46
CA VAL D 370 45.89 2.37 7.20
C VAL D 370 45.82 0.97 6.59
N GLY D 371 46.83 0.62 5.79
CA GLY D 371 46.88 -0.71 5.21
C GLY D 371 46.07 -0.93 3.93
N LEU D 372 45.65 0.15 3.28
CA LEU D 372 44.89 0.04 2.03
C LEU D 372 45.74 -0.62 0.97
N PRO D 373 45.11 -1.47 0.13
CA PRO D 373 45.80 -2.19 -0.95
C PRO D 373 46.03 -1.22 -2.12
N ASP D 374 47.09 -1.46 -2.89
CA ASP D 374 47.33 -0.61 -4.04
C ASP D 374 46.76 -1.35 -5.23
N LEU D 375 45.68 -0.83 -5.80
CA LEU D 375 45.06 -1.47 -6.94
C LEU D 375 45.16 -0.64 -8.19
N SER D 376 46.20 0.19 -8.26
CA SER D 376 46.38 1.03 -9.42
C SER D 376 46.53 0.24 -10.72
N PRO D 377 47.18 -0.95 -10.67
CA PRO D 377 47.29 -1.71 -11.91
C PRO D 377 45.91 -2.04 -12.49
N LEU D 378 45.01 -2.50 -11.62
CA LEU D 378 43.64 -2.85 -12.02
C LEU D 378 42.96 -1.60 -12.56
N LYS D 379 43.16 -0.50 -11.85
CA LYS D 379 42.55 0.77 -12.23
C LYS D 379 42.96 1.16 -13.64
N GLU D 380 44.26 1.10 -13.93
CA GLU D 380 44.74 1.47 -15.26
C GLU D 380 44.15 0.55 -16.31
N GLU D 381 43.99 -0.72 -15.97
CA GLU D 381 43.42 -1.66 -16.93
C GLU D 381 41.99 -1.28 -17.28
N LEU D 382 41.19 -0.94 -16.26
CA LEU D 382 39.80 -0.55 -16.46
C LEU D 382 39.71 0.80 -17.16
N GLU D 383 40.72 1.63 -16.94
CA GLU D 383 40.76 2.93 -17.60
C GLU D 383 41.05 2.73 -19.08
N ALA D 384 41.92 1.78 -19.39
CA ALA D 384 42.28 1.49 -20.76
C ALA D 384 41.22 0.70 -21.54
N ALA D 385 40.60 -0.27 -20.87
CA ALA D 385 39.63 -1.13 -21.52
C ALA D 385 38.20 -0.64 -21.74
N LEU D 386 37.64 -0.01 -20.73
CA LEU D 386 36.24 0.43 -20.76
C LEU D 386 35.85 1.79 -21.29
N VAL D 387 34.67 1.84 -21.89
CA VAL D 387 34.11 3.09 -22.37
C VAL D 387 33.82 3.86 -21.08
N GLU D 388 33.76 5.19 -21.15
CA GLU D 388 33.51 5.99 -19.96
C GLU D 388 32.17 5.69 -19.30
N ASP D 389 31.21 5.19 -20.08
CA ASP D 389 29.91 4.85 -19.54
C ASP D 389 29.50 3.46 -20.00
N PRO D 390 30.12 2.42 -19.43
CA PRO D 390 29.83 1.03 -19.78
C PRO D 390 28.34 0.71 -19.87
N PRO D 391 27.87 0.41 -21.09
CA PRO D 391 26.48 0.07 -21.40
C PRO D 391 26.14 -1.35 -20.98
N LEU D 392 26.24 -1.65 -19.69
CA LEU D 392 25.93 -2.99 -19.19
C LEU D 392 24.62 -3.50 -19.81
N LYS D 393 23.73 -2.56 -20.10
CA LYS D 393 22.40 -2.89 -20.62
C LYS D 393 22.18 -2.56 -22.11
N VAL D 394 22.82 -1.49 -22.59
CA VAL D 394 22.67 -1.05 -23.98
C VAL D 394 22.78 -2.15 -25.05
N SER D 395 23.34 -3.31 -24.70
CA SER D 395 23.47 -4.42 -25.65
C SER D 395 24.48 -5.49 -25.25
N GLU D 396 25.36 -5.12 -24.31
CA GLU D 396 26.43 -5.99 -23.85
C GLU D 396 27.54 -5.77 -24.88
N GLY D 397 27.31 -4.76 -25.73
CA GLY D 397 28.26 -4.36 -26.77
C GLY D 397 28.55 -2.87 -26.66
N GLY D 398 29.53 -2.38 -27.42
CA GLY D 398 29.89 -0.97 -27.34
C GLY D 398 30.54 -0.71 -25.98
N LEU D 399 31.06 -1.80 -25.41
CA LEU D 399 31.70 -1.79 -24.08
C LEU D 399 33.20 -1.52 -24.04
N ILE D 400 33.97 -2.24 -24.83
CA ILE D 400 35.42 -2.05 -24.87
C ILE D 400 35.76 -0.85 -25.76
N ARG D 401 36.57 0.07 -25.25
CA ARG D 401 36.92 1.26 -26.02
C ARG D 401 37.97 1.04 -27.11
N GLU D 402 37.89 1.88 -28.13
CA GLU D 402 38.82 1.81 -29.25
C GLU D 402 40.24 2.03 -28.73
N GLY D 403 41.16 1.21 -29.22
CA GLY D 403 42.55 1.35 -28.81
C GLY D 403 43.02 0.27 -27.83
N TYR D 404 42.08 -0.30 -27.07
CA TYR D 404 42.41 -1.32 -26.09
C TYR D 404 42.85 -2.68 -26.66
N ASP D 405 42.05 -3.24 -27.56
CA ASP D 405 42.35 -4.55 -28.16
C ASP D 405 42.48 -4.45 -29.67
N PRO D 406 43.66 -4.79 -30.22
CA PRO D 406 43.90 -4.73 -31.67
C PRO D 406 42.96 -5.55 -32.56
N ASP D 407 42.74 -6.81 -32.21
CA ASP D 407 41.85 -7.65 -33.01
C ASP D 407 40.47 -7.02 -33.11
N LEU D 408 39.97 -6.52 -31.98
CA LEU D 408 38.66 -5.88 -31.94
C LEU D 408 38.66 -4.60 -32.77
N ASP D 409 39.74 -3.83 -32.67
CA ASP D 409 39.83 -2.59 -33.41
C ASP D 409 39.81 -2.86 -34.92
N ALA D 410 40.55 -3.87 -35.36
CA ALA D 410 40.60 -4.20 -36.77
C ALA D 410 39.21 -4.52 -37.31
N LEU D 411 38.47 -5.36 -36.58
CA LEU D 411 37.11 -5.74 -36.99
C LEU D 411 36.20 -4.52 -37.14
N ARG D 412 36.20 -3.65 -36.13
CA ARG D 412 35.37 -2.46 -36.14
C ARG D 412 35.75 -1.54 -37.30
N ALA D 413 37.04 -1.42 -37.56
CA ALA D 413 37.51 -0.58 -38.66
C ALA D 413 36.99 -1.19 -39.97
N ALA D 414 37.06 -2.52 -40.08
CA ALA D 414 36.56 -3.19 -41.27
C ALA D 414 35.07 -2.87 -41.41
N HIS D 415 34.38 -2.85 -40.27
CA HIS D 415 32.96 -2.56 -40.23
C HIS D 415 32.64 -1.10 -40.59
N ARG D 416 33.42 -0.17 -40.03
CA ARG D 416 33.20 1.25 -40.32
C ARG D 416 33.32 1.55 -41.80
N GLU D 417 34.15 0.77 -42.50
CA GLU D 417 34.33 0.98 -43.93
C GLU D 417 33.10 0.47 -44.67
N GLY D 418 32.56 -0.65 -44.21
CA GLY D 418 31.37 -1.20 -44.84
C GLY D 418 30.25 -0.18 -44.75
N VAL D 419 30.11 0.41 -43.58
CA VAL D 419 29.08 1.42 -43.34
C VAL D 419 29.36 2.65 -44.19
N ALA D 420 30.64 3.01 -44.32
CA ALA D 420 31.03 4.16 -45.11
C ALA D 420 30.74 3.88 -46.59
N TYR D 421 30.91 2.63 -46.98
CA TYR D 421 30.66 2.21 -48.36
C TYR D 421 29.23 2.53 -48.77
N PHE D 422 28.28 2.07 -47.96
CA PHE D 422 26.87 2.29 -48.23
C PHE D 422 26.50 3.77 -48.15
N LEU D 423 27.28 4.54 -47.41
CA LEU D 423 27.01 5.97 -47.32
C LEU D 423 27.34 6.59 -48.67
N GLU D 424 28.45 6.16 -49.26
CA GLU D 424 28.85 6.67 -50.57
C GLU D 424 27.88 6.16 -51.62
N LEU D 425 27.51 4.89 -51.52
CA LEU D 425 26.58 4.29 -52.46
C LEU D 425 25.31 5.11 -52.52
N GLU D 426 24.90 5.65 -51.38
CA GLU D 426 23.69 6.46 -51.31
C GLU D 426 23.88 7.80 -52.03
N GLU D 427 24.98 8.48 -51.74
CA GLU D 427 25.24 9.78 -52.36
C GLU D 427 25.42 9.65 -53.86
N ARG D 428 26.20 8.66 -54.28
CA ARG D 428 26.45 8.43 -55.69
C ARG D 428 25.13 8.18 -56.40
N GLU D 429 24.20 7.51 -55.72
CA GLU D 429 22.92 7.20 -56.33
C GLU D 429 21.92 8.35 -56.39
N ARG D 430 21.94 9.25 -55.41
CA ARG D 430 20.99 10.35 -55.47
C ARG D 430 21.49 11.48 -56.35
N GLU D 431 22.76 11.39 -56.75
CA GLU D 431 23.34 12.37 -57.65
C GLU D 431 23.09 11.86 -59.06
N ARG D 432 23.21 10.54 -59.20
CA ARG D 432 23.01 9.86 -60.47
C ARG D 432 21.55 9.72 -60.87
N THR D 433 20.67 9.68 -59.88
CA THR D 433 19.24 9.53 -60.14
C THR D 433 18.52 10.86 -60.01
N GLY D 434 19.16 11.80 -59.31
CA GLY D 434 18.56 13.10 -59.13
C GLY D 434 17.52 13.09 -58.03
N ILE D 435 17.52 12.03 -57.22
CA ILE D 435 16.57 11.93 -56.12
C ILE D 435 17.30 12.23 -54.83
N PRO D 436 17.29 13.51 -54.40
CA PRO D 436 17.98 13.89 -53.16
C PRO D 436 17.43 13.16 -51.93
N THR D 437 16.28 12.53 -52.11
CA THR D 437 15.61 11.79 -51.04
C THR D 437 16.06 10.33 -50.97
N LEU D 438 16.64 9.83 -52.05
CA LEU D 438 17.09 8.45 -52.11
C LEU D 438 17.88 8.07 -50.86
N LYS D 439 17.51 6.95 -50.24
CA LYS D 439 18.19 6.49 -49.03
C LYS D 439 18.65 5.04 -49.08
N VAL D 440 19.59 4.73 -48.21
CA VAL D 440 20.13 3.38 -48.07
C VAL D 440 19.80 2.94 -46.63
N GLY D 441 19.19 1.78 -46.50
CA GLY D 441 18.84 1.28 -45.18
C GLY D 441 18.96 -0.22 -45.13
N TYR D 442 18.97 -0.78 -43.92
CA TYR D 442 19.09 -2.22 -43.80
C TYR D 442 17.96 -2.80 -42.96
N ASN D 443 17.60 -4.04 -43.25
CA ASN D 443 16.54 -4.71 -42.52
C ASN D 443 16.94 -6.18 -42.39
N ALA D 444 16.60 -6.77 -41.25
CA ALA D 444 16.93 -8.17 -41.01
C ALA D 444 16.31 -9.08 -42.09
N VAL D 445 15.15 -8.66 -42.61
CA VAL D 445 14.45 -9.44 -43.62
C VAL D 445 14.95 -9.27 -45.06
N PHE D 446 15.12 -8.04 -45.50
CA PHE D 446 15.56 -7.79 -46.87
C PHE D 446 17.01 -7.34 -46.99
N GLY D 447 17.66 -7.14 -45.85
CA GLY D 447 19.06 -6.71 -45.86
C GLY D 447 19.21 -5.25 -46.25
N TYR D 448 20.28 -4.95 -46.99
CA TYR D 448 20.51 -3.58 -47.42
C TYR D 448 19.73 -3.26 -48.70
N TYR D 449 19.09 -2.10 -48.69
CA TYR D 449 18.27 -1.67 -49.81
C TYR D 449 18.38 -0.18 -50.07
N LEU D 450 17.76 0.23 -51.17
CA LEU D 450 17.72 1.63 -51.56
C LEU D 450 16.26 1.98 -51.39
N GLU D 451 15.98 3.20 -50.95
CA GLU D 451 14.62 3.62 -50.72
C GLU D 451 14.27 4.88 -51.47
N VAL D 452 13.11 4.88 -52.13
CA VAL D 452 12.64 6.02 -52.89
C VAL D 452 11.21 6.35 -52.47
N THR D 453 10.92 7.63 -52.30
CA THR D 453 9.57 8.02 -51.91
C THR D 453 8.65 8.03 -53.12
N ARG D 454 7.36 7.88 -52.84
CA ARG D 454 6.31 7.86 -53.86
C ARG D 454 6.53 8.92 -54.97
N PRO D 455 6.78 10.18 -54.58
CA PRO D 455 7.00 11.26 -55.55
C PRO D 455 8.09 11.05 -56.61
N TYR D 456 9.00 10.09 -56.38
CA TYR D 456 10.07 9.86 -57.33
C TYR D 456 10.11 8.47 -57.99
N TYR D 457 9.03 7.71 -57.88
CA TYR D 457 9.02 6.38 -58.47
C TYR D 457 9.36 6.37 -59.96
N GLU D 458 8.97 7.43 -60.66
CA GLU D 458 9.23 7.54 -62.10
C GLU D 458 10.62 8.04 -62.45
N ARG D 459 11.49 8.15 -61.45
CA ARG D 459 12.87 8.59 -61.68
C ARG D 459 13.82 7.45 -61.32
N VAL D 460 13.25 6.38 -60.76
CA VAL D 460 14.03 5.21 -60.39
C VAL D 460 14.53 4.51 -61.64
N PRO D 461 15.84 4.26 -61.72
CA PRO D 461 16.39 3.59 -62.90
C PRO D 461 15.89 2.16 -63.01
N LYS D 462 16.03 1.57 -64.19
CA LYS D 462 15.57 0.21 -64.44
C LYS D 462 16.48 -0.85 -63.85
N GLU D 463 17.73 -0.50 -63.59
CA GLU D 463 18.68 -1.44 -63.00
C GLU D 463 18.16 -1.86 -61.62
N TYR D 464 17.40 -0.98 -60.98
CA TYR D 464 16.83 -1.25 -59.66
C TYR D 464 15.82 -2.39 -59.69
N ARG D 465 15.90 -3.25 -58.69
CA ARG D 465 14.97 -4.38 -58.55
C ARG D 465 14.18 -4.11 -57.27
N PRO D 466 12.89 -3.80 -57.41
CA PRO D 466 12.08 -3.54 -56.22
C PRO D 466 11.99 -4.82 -55.40
N VAL D 467 11.95 -4.70 -54.08
CA VAL D 467 11.88 -5.87 -53.21
C VAL D 467 10.78 -5.73 -52.15
N GLN D 468 10.42 -4.49 -51.84
CA GLN D 468 9.38 -4.25 -50.85
C GLN D 468 8.72 -2.88 -51.06
N THR D 469 7.40 -2.87 -51.00
CA THR D 469 6.64 -1.64 -51.19
C THR D 469 5.88 -1.26 -49.92
N LEU D 470 6.06 -0.02 -49.49
CA LEU D 470 5.39 0.48 -48.30
C LEU D 470 4.39 1.56 -48.68
N LYS D 471 3.72 2.09 -47.67
CA LYS D 471 2.71 3.12 -47.83
C LYS D 471 3.09 4.25 -48.78
N ASP D 472 4.19 4.92 -48.49
CA ASP D 472 4.63 6.06 -49.29
C ASP D 472 6.01 5.91 -49.92
N ARG D 473 6.56 4.70 -49.90
CA ARG D 473 7.87 4.48 -50.49
C ARG D 473 8.09 3.03 -50.89
N GLN D 474 9.20 2.79 -51.56
CA GLN D 474 9.53 1.47 -52.03
C GLN D 474 11.03 1.24 -51.91
N ARG D 475 11.41 -0.01 -51.65
CA ARG D 475 12.81 -0.35 -51.49
C ARG D 475 13.30 -1.25 -52.63
N TYR D 476 14.42 -0.86 -53.22
CA TYR D 476 15.00 -1.59 -54.34
C TYR D 476 16.36 -2.19 -53.99
N THR D 477 16.91 -2.94 -54.95
CA THR D 477 18.20 -3.61 -54.78
C THR D 477 19.09 -3.36 -56.00
N LEU D 478 20.40 -3.46 -55.80
CA LEU D 478 21.38 -3.28 -56.87
C LEU D 478 22.41 -4.40 -56.75
N PRO D 479 22.78 -5.01 -57.89
CA PRO D 479 23.75 -6.10 -57.97
C PRO D 479 24.99 -6.08 -57.06
N GLU D 480 25.70 -4.95 -57.03
CA GLU D 480 26.92 -4.85 -56.21
C GLU D 480 26.68 -4.70 -54.71
N LYS D 482 24.81 -6.98 -52.62
CA LYS D 482 24.76 -8.22 -51.86
C LYS D 482 26.06 -8.59 -51.13
N GLU D 483 27.17 -8.62 -51.85
CA GLU D 483 28.45 -8.98 -51.24
C GLU D 483 28.86 -8.03 -50.12
N LYS D 484 28.52 -6.75 -50.26
CA LYS D 484 28.85 -5.78 -49.23
C LYS D 484 28.02 -6.03 -47.97
N GLU D 485 26.76 -6.44 -48.16
CA GLU D 485 25.88 -6.71 -47.02
C GLU D 485 26.36 -7.85 -46.15
N ARG D 486 26.48 -9.03 -46.74
CA ARG D 486 26.89 -10.21 -45.99
C ARG D 486 28.24 -10.05 -45.29
N GLU D 487 29.12 -9.23 -45.87
CA GLU D 487 30.43 -9.02 -45.27
C GLU D 487 30.23 -8.17 -44.01
N VAL D 488 29.30 -7.24 -44.09
CA VAL D 488 28.96 -6.36 -42.98
C VAL D 488 28.32 -7.16 -41.85
N TYR D 489 27.44 -8.08 -42.22
CA TYR D 489 26.78 -8.91 -41.23
C TYR D 489 27.78 -9.88 -40.62
N ARG D 490 28.72 -10.34 -41.43
CA ARG D 490 29.75 -11.26 -40.96
C ARG D 490 30.59 -10.57 -39.88
N LEU D 491 30.93 -9.31 -40.13
CA LEU D 491 31.74 -8.52 -39.19
C LEU D 491 31.01 -8.19 -37.89
N GLU D 492 29.70 -7.95 -37.97
CA GLU D 492 28.93 -7.62 -36.78
C GLU D 492 28.96 -8.80 -35.82
N ALA D 493 28.89 -10.01 -36.37
CA ALA D 493 28.91 -11.22 -35.57
C ALA D 493 30.28 -11.39 -34.92
N LEU D 494 31.33 -11.25 -35.72
CA LEU D 494 32.69 -11.38 -35.20
C LEU D 494 32.97 -10.36 -34.10
N ILE D 495 32.42 -9.17 -34.27
CA ILE D 495 32.61 -8.09 -33.31
C ILE D 495 31.93 -8.37 -31.97
N ARG D 496 30.66 -8.74 -31.99
CA ARG D 496 29.96 -9.06 -30.75
C ARG D 496 30.77 -10.14 -30.05
N ARG D 497 31.16 -11.15 -30.81
CA ARG D 497 31.91 -12.25 -30.24
C ARG D 497 33.25 -11.87 -29.64
N ARG D 498 34.02 -11.02 -30.33
CA ARG D 498 35.32 -10.63 -29.81
C ARG D 498 35.18 -9.73 -28.57
N GLU D 499 34.31 -8.73 -28.68
CA GLU D 499 34.10 -7.81 -27.58
C GLU D 499 33.67 -8.56 -26.32
N GLU D 500 32.93 -9.65 -26.48
CA GLU D 500 32.50 -10.42 -25.31
C GLU D 500 33.71 -11.11 -24.70
N GLU D 501 34.58 -11.66 -25.55
CA GLU D 501 35.78 -12.33 -25.08
C GLU D 501 36.65 -11.36 -24.27
N VAL D 502 36.80 -10.14 -24.78
CA VAL D 502 37.63 -9.14 -24.12
C VAL D 502 37.04 -8.73 -22.76
N PHE D 503 35.73 -8.53 -22.73
CA PHE D 503 35.07 -8.16 -21.49
C PHE D 503 35.36 -9.24 -20.45
N LEU D 504 35.17 -10.50 -20.83
CA LEU D 504 35.42 -11.61 -19.90
C LEU D 504 36.84 -11.61 -19.37
N GLU D 505 37.79 -11.29 -20.24
CA GLU D 505 39.19 -11.24 -19.85
C GLU D 505 39.41 -10.09 -18.87
N VAL D 506 38.83 -8.92 -19.18
CA VAL D 506 38.95 -7.74 -18.32
C VAL D 506 38.31 -8.03 -16.95
N ARG D 507 37.11 -8.59 -16.99
CA ARG D 507 36.37 -8.93 -15.79
C ARG D 507 37.18 -9.92 -14.93
N GLU D 508 37.84 -10.86 -15.58
CA GLU D 508 38.65 -11.84 -14.85
C GLU D 508 39.78 -11.16 -14.08
N ARG D 509 40.40 -10.16 -14.69
CA ARG D 509 41.48 -9.46 -14.00
C ARG D 509 40.96 -8.77 -12.74
N ALA D 510 39.75 -8.23 -12.81
CA ALA D 510 39.16 -7.57 -11.65
C ALA D 510 38.81 -8.63 -10.60
N LYS D 511 38.35 -9.79 -11.06
CA LYS D 511 37.99 -10.88 -10.19
C LYS D 511 39.17 -11.33 -9.33
N ARG D 512 40.35 -11.43 -9.96
CA ARG D 512 41.56 -11.87 -9.25
C ARG D 512 41.92 -10.94 -8.08
N GLN D 513 41.33 -9.75 -8.06
CA GLN D 513 41.60 -8.80 -6.98
C GLN D 513 40.45 -8.71 -5.96
N ALA D 514 39.55 -9.68 -5.99
CA ALA D 514 38.41 -9.72 -5.08
C ALA D 514 38.76 -9.55 -3.59
N GLU D 515 39.77 -10.27 -3.11
CA GLU D 515 40.16 -10.18 -1.71
C GLU D 515 40.67 -8.78 -1.41
N ALA D 516 41.42 -8.22 -2.35
CA ALA D 516 41.95 -6.89 -2.18
C ALA D 516 40.76 -5.93 -2.09
N LEU D 517 39.72 -6.19 -2.85
CA LEU D 517 38.52 -5.35 -2.82
C LEU D 517 37.81 -5.46 -1.46
N ARG D 518 37.69 -6.67 -0.93
CA ARG D 518 37.04 -6.87 0.36
C ARG D 518 37.86 -6.21 1.46
N GLU D 519 39.18 -6.35 1.38
CA GLU D 519 40.05 -5.74 2.39
C GLU D 519 39.87 -4.24 2.36
N ALA D 520 39.89 -3.65 1.17
CA ALA D 520 39.70 -2.21 1.04
C ALA D 520 38.35 -1.80 1.60
N ALA D 521 37.31 -2.56 1.24
CA ALA D 521 35.96 -2.30 1.71
C ALA D 521 35.88 -2.30 3.25
N ARG D 522 36.56 -3.26 3.88
CA ARG D 522 36.57 -3.40 5.33
C ARG D 522 37.29 -2.26 6.04
N ILE D 523 38.48 -1.91 5.55
CA ILE D 523 39.24 -0.84 6.17
C ILE D 523 38.45 0.46 6.07
N LEU D 524 37.90 0.72 4.89
CA LEU D 524 37.14 1.93 4.66
C LEU D 524 35.84 1.99 5.47
N ALA D 525 35.20 0.83 5.66
CA ALA D 525 33.95 0.76 6.44
C ALA D 525 34.22 1.25 7.86
N GLU D 526 35.34 0.81 8.43
CA GLU D 526 35.73 1.22 9.78
C GLU D 526 36.02 2.71 9.80
N LEU D 527 36.84 3.16 8.86
CA LEU D 527 37.17 4.58 8.81
C LEU D 527 35.88 5.37 8.72
N ASP D 528 35.01 4.91 7.82
CA ASP D 528 33.72 5.52 7.58
C ASP D 528 32.95 5.66 8.89
N VAL D 529 32.81 4.57 9.64
CA VAL D 529 32.09 4.63 10.91
C VAL D 529 32.72 5.62 11.91
N TYR D 530 34.01 5.47 12.17
CA TYR D 530 34.69 6.37 13.12
C TYR D 530 34.52 7.84 12.75
N ALA D 531 34.71 8.16 11.47
CA ALA D 531 34.60 9.55 11.02
C ALA D 531 33.17 10.06 11.13
N ALA D 532 32.20 9.17 10.95
CA ALA D 532 30.79 9.55 11.03
C ALA D 532 30.38 9.74 12.50
N LEU D 533 30.91 8.92 13.39
CA LEU D 533 30.59 9.06 14.80
C LEU D 533 31.21 10.39 15.26
N ALA D 534 32.41 10.70 14.76
CA ALA D 534 33.08 11.96 15.11
C ALA D 534 32.26 13.16 14.63
N GLU D 535 31.81 13.13 13.38
CA GLU D 535 30.99 14.20 12.80
C GLU D 535 29.72 14.42 13.62
N VAL D 536 29.06 13.32 13.98
CA VAL D 536 27.84 13.39 14.76
C VAL D 536 28.16 14.04 16.10
N ALA D 537 29.24 13.60 16.73
CA ALA D 537 29.63 14.15 18.02
C ALA D 537 29.88 15.66 17.93
N VAL D 538 30.68 16.06 16.95
CA VAL D 538 30.99 17.48 16.75
C VAL D 538 29.76 18.29 16.40
N ARG D 539 28.91 17.74 15.54
CA ARG D 539 27.68 18.41 15.10
C ARG D 539 26.59 18.56 16.17
N TYR D 540 26.41 17.55 17.00
CA TYR D 540 25.37 17.62 18.03
C TYR D 540 25.84 17.76 19.48
N GLY D 541 27.14 17.99 19.66
CA GLY D 541 27.66 18.17 21.00
C GLY D 541 27.68 16.96 21.91
N TYR D 542 28.33 15.88 21.46
CA TYR D 542 28.44 14.67 22.26
C TYR D 542 29.80 14.65 22.93
N VAL D 543 29.86 13.99 24.08
CA VAL D 543 31.08 13.88 24.84
C VAL D 543 31.48 12.42 24.98
N ARG D 544 32.77 12.19 25.19
CA ARG D 544 33.31 10.86 25.36
C ARG D 544 32.93 10.30 26.74
N PRO D 545 32.26 9.14 26.76
CA PRO D 545 31.87 8.52 28.02
C PRO D 545 33.06 7.92 28.75
N ARG D 546 32.92 7.70 30.05
CA ARG D 546 33.95 7.07 30.86
C ARG D 546 33.24 5.93 31.56
N PHE D 547 33.92 4.81 31.76
CA PHE D 547 33.30 3.65 32.39
C PHE D 547 33.73 3.40 33.84
N GLY D 548 32.77 2.98 34.67
CA GLY D 548 33.03 2.69 36.07
C GLY D 548 31.83 1.95 36.62
N ASP D 549 31.73 1.77 37.94
CA ASP D 549 30.57 1.06 38.49
C ASP D 549 29.36 1.95 38.68
N ARG D 550 29.61 3.22 38.96
CA ARG D 550 28.52 4.15 39.17
C ARG D 550 28.09 4.80 37.86
N LEU D 551 26.80 5.11 37.75
CA LEU D 551 26.29 5.78 36.58
C LEU D 551 26.13 7.23 37.05
N GLN D 552 26.80 8.14 36.36
CA GLN D 552 26.71 9.56 36.70
C GLN D 552 26.63 10.30 35.38
N ILE D 553 25.48 10.91 35.12
CA ILE D 553 25.30 11.64 33.88
C ILE D 553 24.89 13.07 34.18
N ARG D 554 25.61 14.01 33.58
CA ARG D 554 25.32 15.41 33.76
C ARG D 554 24.76 16.00 32.48
N ALA D 555 23.55 16.53 32.57
CA ALA D 555 22.91 17.16 31.43
C ALA D 555 22.72 16.20 30.25
N GLY D 556 22.22 15.00 30.53
CA GLY D 556 22.00 14.05 29.46
C GLY D 556 20.78 14.43 28.64
N ARG D 557 20.77 14.07 27.36
CA ARG D 557 19.63 14.36 26.50
C ARG D 557 19.26 13.13 25.67
N HIS D 558 18.02 13.07 25.21
CA HIS D 558 17.58 11.96 24.37
C HIS D 558 18.07 12.38 22.98
N PRO D 559 18.97 11.58 22.39
CA PRO D 559 19.51 11.89 21.06
C PRO D 559 18.56 12.03 19.90
N VAL D 560 17.46 11.29 19.91
CA VAL D 560 16.51 11.36 18.82
C VAL D 560 15.60 12.58 19.05
N VAL D 561 14.94 12.60 20.20
CA VAL D 561 14.01 13.68 20.53
C VAL D 561 14.59 15.09 20.41
N GLU D 562 15.82 15.30 20.88
CA GLU D 562 16.40 16.64 20.81
C GLU D 562 16.58 17.17 19.40
N ARG D 563 16.60 16.29 18.41
CA ARG D 563 16.76 16.71 17.02
C ARG D 563 15.48 17.35 16.48
N ARG D 564 14.39 17.20 17.23
CA ARG D 564 13.08 17.73 16.84
C ARG D 564 12.68 18.99 17.60
N THR D 565 12.98 19.03 18.89
CA THR D 565 12.62 20.18 19.72
C THR D 565 13.74 20.62 20.65
N GLU D 566 13.48 21.65 21.45
CA GLU D 566 14.47 22.14 22.40
C GLU D 566 14.33 21.17 23.55
N PHE D 567 15.39 20.47 23.86
CA PHE D 567 15.36 19.47 24.92
C PHE D 567 15.89 19.94 26.26
N VAL D 568 15.15 19.65 27.31
CA VAL D 568 15.57 19.99 28.66
C VAL D 568 16.45 18.84 29.15
N PRO D 569 17.77 19.06 29.21
CA PRO D 569 18.70 18.02 29.68
C PRO D 569 18.46 17.69 31.14
N ASN D 570 18.86 16.49 31.56
CA ASN D 570 18.67 16.07 32.94
C ASN D 570 19.83 15.25 33.48
N ASP D 571 20.00 15.28 34.80
CA ASP D 571 21.08 14.53 35.44
C ASP D 571 20.59 13.19 35.98
N LEU D 572 21.53 12.31 36.28
CA LEU D 572 21.21 11.01 36.83
C LEU D 572 22.43 10.39 37.48
N GLU D 573 22.22 9.85 38.67
CA GLU D 573 23.27 9.17 39.43
C GLU D 573 22.65 7.89 39.99
N ALA D 575 23.58 3.54 41.19
CA ALA D 575 24.59 2.54 41.53
C ALA D 575 23.88 1.34 42.13
N HIS D 576 23.38 0.45 41.26
CA HIS D 576 22.68 -0.75 41.71
C HIS D 576 21.52 -0.34 42.63
N GLU D 577 20.82 0.71 42.21
CA GLU D 577 19.70 1.23 43.00
C GLU D 577 18.34 1.11 42.33
N LEU D 578 17.30 1.15 43.15
CA LEU D 578 15.93 1.10 42.67
C LEU D 578 15.47 2.55 42.67
N VAL D 579 15.50 3.17 41.50
CA VAL D 579 15.10 4.56 41.38
C VAL D 579 13.68 4.71 40.88
N LEU D 580 12.83 5.24 41.77
CA LEU D 580 11.42 5.46 41.47
C LEU D 580 11.23 6.88 40.99
N ILE D 581 10.49 7.06 39.92
CA ILE D 581 10.24 8.41 39.43
C ILE D 581 8.75 8.68 39.42
N THR D 582 8.29 9.48 40.38
CA THR D 582 6.88 9.80 40.45
C THR D 582 6.57 11.11 39.75
N GLY D 583 5.30 11.42 39.58
CA GLY D 583 4.94 12.65 38.91
C GLY D 583 3.94 12.36 37.81
N PRO D 584 3.39 13.42 37.18
CA PRO D 584 2.40 13.29 36.11
C PRO D 584 3.01 12.93 34.77
N ASN D 585 2.19 12.30 33.92
CA ASN D 585 2.62 11.94 32.58
C ASN D 585 2.74 13.28 31.84
N ALA D 587 5.29 14.86 31.26
CA ALA D 587 6.38 15.65 31.83
C ALA D 587 7.74 15.06 31.46
N GLY D 588 7.76 14.18 30.47
CA GLY D 588 9.00 13.57 30.03
C GLY D 588 9.59 12.43 30.85
N LYS D 589 8.81 11.79 31.72
CA LYS D 589 9.33 10.70 32.53
C LYS D 589 9.82 9.55 31.63
N SER D 590 8.98 9.16 30.69
CA SER D 590 9.29 8.10 29.75
C SER D 590 10.54 8.37 28.92
N THR D 591 10.63 9.57 28.35
CA THR D 591 11.79 9.93 27.55
C THR D 591 13.05 9.90 28.40
N PHE D 592 12.91 10.24 29.68
CA PHE D 592 14.03 10.23 30.59
C PHE D 592 14.55 8.80 30.77
N LEU D 593 13.65 7.83 30.88
CA LEU D 593 14.10 6.45 31.02
C LEU D 593 14.78 6.04 29.73
N ARG D 594 14.15 6.34 28.60
CA ARG D 594 14.73 5.96 27.31
C ARG D 594 16.05 6.64 27.00
N GLN D 595 16.20 7.91 27.36
CA GLN D 595 17.45 8.59 27.06
C GLN D 595 18.59 7.94 27.84
N THR D 596 18.30 7.46 29.04
CA THR D 596 19.32 6.83 29.85
C THR D 596 19.83 5.57 29.15
N ALA D 597 18.89 4.83 28.56
CA ALA D 597 19.20 3.60 27.85
C ALA D 597 19.98 3.92 26.58
N LEU D 598 19.58 4.97 25.87
CA LEU D 598 20.27 5.33 24.63
C LEU D 598 21.69 5.78 24.87
N ILE D 599 21.94 6.51 25.96
CA ILE D 599 23.29 6.98 26.26
C ILE D 599 24.15 5.76 26.60
N ALA D 600 23.56 4.80 27.32
CA ALA D 600 24.29 3.58 27.68
C ALA D 600 24.59 2.75 26.43
N LEU D 601 23.63 2.64 25.53
CA LEU D 601 23.82 1.87 24.30
C LEU D 601 24.91 2.51 23.44
N LEU D 602 24.81 3.81 23.24
CA LEU D 602 25.81 4.54 22.43
C LEU D 602 27.23 4.35 22.95
N ALA D 603 27.38 4.44 24.27
CA ALA D 603 28.69 4.31 24.88
C ALA D 603 29.30 2.94 24.64
N GLN D 604 28.49 1.89 24.79
CA GLN D 604 28.96 0.53 24.60
C GLN D 604 29.06 0.12 23.13
N VAL D 605 28.90 1.11 22.25
CA VAL D 605 29.02 0.91 20.82
C VAL D 605 30.31 1.66 20.43
N GLY D 606 30.80 2.50 21.35
CA GLY D 606 32.00 3.26 21.09
C GLY D 606 31.75 4.64 20.52
N SER D 607 30.54 5.13 20.69
CA SER D 607 30.18 6.46 20.21
C SER D 607 30.19 7.44 21.38
N PHE D 608 30.39 8.73 21.08
CA PHE D 608 30.33 9.73 22.13
C PHE D 608 28.83 9.80 22.43
N VAL D 609 28.45 10.33 23.59
CA VAL D 609 27.04 10.41 23.96
C VAL D 609 26.50 11.83 24.18
N PRO D 610 25.17 12.00 24.10
CA PRO D 610 24.53 13.30 24.30
C PRO D 610 24.43 13.71 25.77
N ALA D 611 25.51 14.27 26.29
CA ALA D 611 25.55 14.72 27.67
C ALA D 611 26.76 15.63 27.81
N GLU D 612 26.89 16.25 28.97
CA GLU D 612 28.04 17.11 29.23
C GLU D 612 29.11 16.22 29.83
N GLU D 613 28.67 15.24 30.62
CA GLU D 613 29.58 14.31 31.26
C GLU D 613 28.81 13.01 31.51
N ALA D 614 29.48 11.88 31.34
CA ALA D 614 28.80 10.61 31.54
C ALA D 614 29.73 9.50 31.97
N HIS D 615 29.57 9.05 33.20
CA HIS D 615 30.35 7.94 33.72
C HIS D 615 29.34 6.80 33.72
N LEU D 616 29.67 5.73 33.01
CA LEU D 616 28.74 4.62 32.89
C LEU D 616 29.33 3.26 33.17
N PRO D 617 28.52 2.35 33.70
CA PRO D 617 29.04 1.03 33.96
C PRO D 617 28.85 0.29 32.63
N LEU D 618 29.42 -0.90 32.51
CA LEU D 618 29.26 -1.68 31.31
C LEU D 618 28.12 -2.66 31.61
N PHE D 619 26.92 -2.30 31.17
CA PHE D 619 25.76 -3.14 31.41
C PHE D 619 25.83 -4.42 30.59
N ASP D 620 25.26 -5.50 31.14
CA ASP D 620 25.26 -6.76 30.43
C ASP D 620 24.01 -6.82 29.56
N GLY D 621 23.13 -5.84 29.73
CA GLY D 621 21.90 -5.80 28.94
C GLY D 621 20.96 -4.69 29.37
N ILE D 622 20.06 -4.31 28.46
CA ILE D 622 19.07 -3.28 28.73
C ILE D 622 17.70 -3.92 28.57
N TYR D 623 16.91 -3.90 29.65
CA TYR D 623 15.60 -4.50 29.67
C TYR D 623 14.53 -3.47 29.95
N THR D 624 13.56 -3.38 29.05
CA THR D 624 12.50 -2.41 29.16
C THR D 624 11.09 -3.00 29.27
N ARG D 625 10.20 -2.21 29.85
CA ARG D 625 8.79 -2.53 29.97
C ARG D 625 8.20 -1.14 29.77
N ILE D 626 8.27 -0.67 28.53
CA ILE D 626 7.81 0.66 28.18
C ILE D 626 6.76 0.68 27.06
N GLY D 627 5.83 1.63 27.14
CA GLY D 627 4.81 1.79 26.13
C GLY D 627 3.64 0.83 26.15
N ALA D 628 2.69 1.06 25.25
CA ALA D 628 1.48 0.24 25.12
C ALA D 628 1.83 -1.24 25.00
N GLY D 635 -5.89 -11.41 21.49
CA GLY D 635 -6.45 -12.24 22.59
C GLY D 635 -5.90 -11.90 23.97
N LYS D 636 -4.58 -11.76 24.08
CA LYS D 636 -3.94 -11.43 25.35
C LYS D 636 -4.21 -9.97 25.67
N SER D 637 -4.63 -9.70 26.90
CA SER D 637 -4.91 -8.33 27.32
C SER D 637 -3.64 -7.53 27.46
N THR D 638 -3.78 -6.22 27.62
CA THR D 638 -2.64 -5.34 27.79
C THR D 638 -1.88 -5.69 29.07
N PHE D 639 -2.62 -6.03 30.13
CA PHE D 639 -2.01 -6.37 31.41
C PHE D 639 -1.16 -7.64 31.33
N VAL D 641 0.21 -8.99 28.66
CA VAL D 641 1.35 -8.74 27.79
C VAL D 641 2.45 -8.08 28.64
N GLU D 642 2.06 -7.10 29.44
CA GLU D 642 3.02 -6.41 30.29
C GLU D 642 3.62 -7.33 31.35
N GLU D 644 4.02 -10.46 31.05
CA GLU D 644 4.93 -11.36 30.35
C GLU D 644 6.27 -10.67 30.16
N GLU D 645 6.24 -9.39 29.81
CA GLU D 645 7.48 -8.64 29.64
C GLU D 645 8.19 -8.51 30.98
N VAL D 646 7.44 -8.28 32.05
CA VAL D 646 8.05 -8.17 33.37
C VAL D 646 8.70 -9.51 33.76
N ALA D 647 8.07 -10.61 33.38
CA ALA D 647 8.60 -11.92 33.69
C ALA D 647 10.00 -12.12 33.10
N LEU D 648 10.14 -11.80 31.82
CA LEU D 648 11.43 -11.92 31.14
C LEU D 648 12.50 -11.05 31.80
N ILE D 649 12.13 -9.83 32.20
CA ILE D 649 13.09 -8.95 32.86
C ILE D 649 13.57 -9.57 34.16
N LEU D 650 12.62 -10.01 34.99
CA LEU D 650 12.95 -10.63 36.27
C LEU D 650 13.81 -11.87 36.09
N LYS D 651 13.58 -12.62 35.02
CA LYS D 651 14.36 -13.82 34.78
C LYS D 651 15.71 -13.59 34.11
N GLU D 652 15.87 -12.48 33.39
CA GLU D 652 17.12 -12.20 32.69
C GLU D 652 18.02 -11.15 33.34
N ALA D 653 17.44 -10.22 34.07
CA ALA D 653 18.23 -9.15 34.69
C ALA D 653 19.20 -9.62 35.77
N THR D 654 20.39 -9.03 35.77
CA THR D 654 21.38 -9.34 36.79
C THR D 654 21.75 -8.04 37.49
N GLU D 655 22.70 -8.12 38.41
CA GLU D 655 23.15 -6.94 39.12
C GLU D 655 23.80 -5.93 38.15
N ASN D 656 24.14 -6.38 36.94
CA ASN D 656 24.77 -5.51 35.97
C ASN D 656 23.85 -5.06 34.84
N SER D 657 22.55 -5.24 35.03
CA SER D 657 21.57 -4.88 34.02
C SER D 657 20.97 -3.50 34.25
N LEU D 658 20.52 -2.89 33.16
CA LEU D 658 19.85 -1.60 33.26
C LEU D 658 18.38 -1.98 32.99
N VAL D 659 17.51 -1.70 33.94
CA VAL D 659 16.10 -2.03 33.82
C VAL D 659 15.21 -0.79 33.83
N LEU D 660 14.34 -0.68 32.82
CA LEU D 660 13.45 0.47 32.72
C LEU D 660 12.00 0.02 32.78
N LEU D 661 11.29 0.42 33.83
CA LEU D 661 9.89 0.06 34.00
C LEU D 661 9.02 1.30 33.91
N ASP D 662 7.93 1.21 33.17
CA ASP D 662 7.00 2.33 33.00
C ASP D 662 5.59 1.91 33.42
N GLU D 663 5.14 2.43 34.55
CA GLU D 663 3.80 2.17 35.09
C GLU D 663 3.43 0.68 35.27
N VAL D 664 4.44 -0.13 35.57
CA VAL D 664 4.22 -1.57 35.78
C VAL D 664 3.23 -1.76 36.92
N GLY D 665 2.19 -2.55 36.68
CA GLY D 665 1.19 -2.79 37.72
C GLY D 665 -0.18 -2.34 37.31
N ARG D 666 -0.24 -1.42 36.35
CA ARG D 666 -1.50 -0.89 35.82
C ARG D 666 -2.29 -1.96 35.07
N GLY D 667 -3.57 -1.69 34.81
CA GLY D 667 -4.41 -2.61 34.08
C GLY D 667 -5.18 -3.66 34.87
N THR D 668 -5.19 -3.55 36.20
CA THR D 668 -5.90 -4.52 37.01
C THR D 668 -6.58 -3.80 38.17
N SER D 669 -7.00 -4.54 39.20
CA SER D 669 -7.65 -3.90 40.35
C SER D 669 -6.63 -3.10 41.17
N SER D 670 -7.11 -2.11 41.91
CA SER D 670 -6.25 -1.26 42.71
C SER D 670 -5.23 -2.00 43.57
N LEU D 671 -5.71 -2.85 44.47
CA LEU D 671 -4.84 -3.58 45.36
C LEU D 671 -3.90 -4.55 44.64
N ASP D 672 -4.43 -5.37 43.75
CA ASP D 672 -3.56 -6.30 43.02
C ASP D 672 -2.48 -5.52 42.29
N GLY D 673 -2.86 -4.37 41.76
CA GLY D 673 -1.92 -3.53 41.03
C GLY D 673 -0.73 -3.09 41.88
N VAL D 674 -1.01 -2.58 43.07
CA VAL D 674 0.06 -2.13 43.95
C VAL D 674 0.87 -3.32 44.50
N ALA D 675 0.17 -4.39 44.88
CA ALA D 675 0.86 -5.57 45.39
C ALA D 675 1.91 -6.07 44.38
N ILE D 676 1.53 -6.08 43.11
CA ILE D 676 2.41 -6.52 42.03
C ILE D 676 3.64 -5.62 41.84
N ALA D 677 3.43 -4.31 41.73
CA ALA D 677 4.57 -3.43 41.52
C ALA D 677 5.53 -3.44 42.68
N THR D 678 5.01 -3.64 43.89
CA THR D 678 5.85 -3.68 45.07
C THR D 678 6.73 -4.92 45.01
N ALA D 679 6.11 -6.06 44.74
CA ALA D 679 6.85 -7.31 44.68
C ALA D 679 7.90 -7.26 43.57
N VAL D 680 7.54 -6.66 42.44
CA VAL D 680 8.48 -6.55 41.33
C VAL D 680 9.62 -5.60 41.71
N ALA D 681 9.27 -4.50 42.35
CA ALA D 681 10.24 -3.50 42.78
C ALA D 681 11.26 -4.12 43.75
N GLU D 682 10.74 -4.85 44.73
CA GLU D 682 11.56 -5.52 45.73
C GLU D 682 12.49 -6.54 45.09
N ALA D 683 11.96 -7.32 44.15
CA ALA D 683 12.78 -8.33 43.49
C ALA D 683 13.96 -7.67 42.78
N LEU D 684 13.68 -6.55 42.12
CA LEU D 684 14.71 -5.81 41.38
C LEU D 684 15.66 -5.10 42.35
N HIS D 685 15.14 -4.64 43.48
CA HIS D 685 15.98 -3.98 44.47
C HIS D 685 16.98 -5.04 44.99
N GLU D 686 16.50 -6.24 45.25
CA GLU D 686 17.39 -7.30 45.74
C GLU D 686 18.37 -7.80 44.69
N ARG D 687 17.97 -7.75 43.42
CA ARG D 687 18.82 -8.21 42.32
C ARG D 687 20.01 -7.28 42.14
N ARG D 688 19.93 -6.09 42.70
CA ARG D 688 21.00 -5.09 42.59
C ARG D 688 21.11 -4.49 41.19
N ALA D 689 20.06 -4.64 40.39
CA ALA D 689 20.08 -4.10 39.04
C ALA D 689 19.92 -2.58 39.09
N TYR D 690 20.30 -1.91 38.01
CA TYR D 690 20.12 -0.46 37.94
C TYR D 690 18.70 -0.35 37.40
N THR D 691 17.75 0.03 38.25
CA THR D 691 16.37 0.10 37.84
C THR D 691 15.73 1.48 37.91
N LEU D 692 15.21 1.95 36.79
CA LEU D 692 14.50 3.24 36.73
C LEU D 692 13.04 2.83 36.60
N PHE D 693 12.24 3.16 37.60
CA PHE D 693 10.84 2.80 37.63
C PHE D 693 9.93 4.02 37.70
N ALA D 694 9.41 4.43 36.55
CA ALA D 694 8.51 5.57 36.46
C ALA D 694 7.14 5.03 36.83
N THR D 695 6.50 5.64 37.82
CA THR D 695 5.20 5.14 38.28
C THR D 695 4.33 6.22 38.89
N HIS D 696 3.07 5.87 39.16
CA HIS D 696 2.11 6.78 39.77
C HIS D 696 1.86 6.34 41.21
N TYR D 697 2.33 5.17 41.57
CA TYR D 697 2.14 4.61 42.91
C TYR D 697 2.97 5.30 43.97
N PHE D 698 2.42 6.34 44.59
CA PHE D 698 3.14 7.06 45.65
C PHE D 698 3.53 6.03 46.70
N GLU D 699 2.77 4.94 46.73
CA GLU D 699 2.96 3.85 47.66
C GLU D 699 4.33 3.16 47.57
N LEU D 700 4.87 3.06 46.36
CA LEU D 700 6.18 2.43 46.18
C LEU D 700 7.26 3.37 46.69
N THR D 701 6.93 4.64 46.72
CA THR D 701 7.84 5.69 47.15
C THR D 701 8.29 5.59 48.60
N ALA D 702 7.56 4.82 49.40
CA ALA D 702 7.90 4.68 50.81
C ALA D 702 8.21 3.25 51.30
N LEU D 703 8.78 2.43 50.43
CA LEU D 703 9.10 1.06 50.82
C LEU D 703 10.25 1.01 51.81
N GLY D 704 11.08 2.06 51.82
CA GLY D 704 12.17 2.10 52.76
C GLY D 704 13.32 1.12 52.57
N LEU D 705 13.40 0.51 51.39
CA LEU D 705 14.49 -0.42 51.11
C LEU D 705 15.75 0.44 51.11
N PRO D 706 16.88 -0.11 51.58
CA PRO D 706 18.16 0.60 51.65
C PRO D 706 18.72 1.23 50.37
N ARG D 707 18.52 0.60 49.22
CA ARG D 707 19.02 1.14 47.96
C ARG D 707 17.89 1.74 47.13
N LEU D 708 16.82 2.17 47.81
CA LEU D 708 15.69 2.78 47.13
C LEU D 708 15.89 4.29 47.08
N LYS D 709 15.72 4.87 45.90
CA LYS D 709 15.92 6.31 45.71
C LYS D 709 14.73 6.91 44.95
N ASN D 710 14.36 8.13 45.32
CA ASN D 710 13.22 8.81 44.70
C ASN D 710 13.57 10.04 43.87
N LEU D 711 12.85 10.20 42.77
CA LEU D 711 12.99 11.34 41.87
C LEU D 711 11.58 11.60 41.38
N HIS D 712 11.35 12.76 40.79
CA HIS D 712 10.00 13.05 40.29
C HIS D 712 9.98 14.25 39.38
N VAL D 713 8.88 14.41 38.66
CA VAL D 713 8.67 15.55 37.78
C VAL D 713 7.38 16.21 38.28
N ALA D 714 7.25 17.51 38.04
CA ALA D 714 6.06 18.21 38.49
C ALA D 714 5.50 19.14 37.43
N ALA D 715 4.33 19.70 37.72
CA ALA D 715 3.67 20.62 36.80
C ALA D 715 3.24 21.86 37.58
N ARG D 716 3.14 22.98 36.87
CA ARG D 716 2.74 24.25 37.46
C ARG D 716 1.60 24.88 36.63
N GLU D 717 0.53 25.28 37.30
CA GLU D 717 -0.62 25.87 36.63
C GLU D 717 -0.37 27.33 36.21
N GLU D 718 0.60 27.54 35.31
CA GLU D 718 0.91 28.88 34.84
C GLU D 718 -0.20 29.43 33.95
N ALA D 719 0.08 30.57 33.32
CA ALA D 719 -0.87 31.24 32.43
C ALA D 719 -1.80 30.26 31.72
N GLY D 720 -1.25 29.17 31.19
CA GLY D 720 -2.05 28.18 30.50
C GLY D 720 -3.12 27.52 31.34
N GLY D 721 -2.74 27.03 32.52
CA GLY D 721 -3.67 26.35 33.40
C GLY D 721 -3.01 25.13 34.01
N LEU D 722 -1.80 24.86 33.53
CA LEU D 722 -0.97 23.74 33.97
C LEU D 722 0.05 23.45 32.89
N VAL D 723 1.32 23.68 33.21
CA VAL D 723 2.41 23.43 32.28
C VAL D 723 3.33 22.39 32.89
N PHE D 724 3.56 21.30 32.16
CA PHE D 724 4.41 20.22 32.63
C PHE D 724 5.89 20.49 32.35
N TYR D 725 6.65 20.59 33.43
CA TYR D 725 8.09 20.84 33.35
C TYR D 725 8.85 19.52 33.30
N HIS D 726 9.75 19.41 32.31
CA HIS D 726 10.53 18.20 32.12
C HIS D 726 11.76 18.10 32.97
N GLN D 727 11.90 19.01 33.94
CA GLN D 727 13.03 18.99 34.86
C GLN D 727 12.86 17.84 35.84
N VAL D 728 13.81 16.89 35.87
CA VAL D 728 13.72 15.77 36.81
C VAL D 728 14.21 16.21 38.18
N LEU D 729 13.30 16.16 39.15
CA LEU D 729 13.58 16.61 40.51
C LEU D 729 13.82 15.51 41.55
N PRO D 730 14.62 15.83 42.58
CA PRO D 730 14.92 14.87 43.66
C PRO D 730 13.72 14.68 44.58
N GLY D 731 13.68 13.57 45.29
CA GLY D 731 12.58 13.31 46.20
C GLY D 731 11.33 12.83 45.46
N PRO D 732 10.33 12.31 46.19
CA PRO D 732 9.09 11.83 45.57
C PRO D 732 8.14 12.96 45.23
N ALA D 733 7.11 12.64 44.43
CA ALA D 733 6.12 13.64 44.07
C ALA D 733 5.29 13.91 45.31
N SER D 734 4.97 15.18 45.54
CA SER D 734 4.18 15.56 46.71
C SER D 734 2.72 15.72 46.33
N LYS D 735 2.47 15.92 45.04
CA LYS D 735 1.11 16.10 44.55
C LYS D 735 0.72 15.14 43.42
N SER D 736 -0.58 15.10 43.14
CA SER D 736 -1.15 14.27 42.08
C SER D 736 -1.97 15.22 41.20
N TYR D 737 -1.80 15.14 39.88
CA TYR D 737 -2.53 16.03 38.97
C TYR D 737 -3.57 15.33 38.13
N GLY D 738 -3.88 14.08 38.48
CA GLY D 738 -4.87 13.33 37.73
C GLY D 738 -6.14 14.14 37.52
N VAL D 739 -6.69 14.63 38.62
CA VAL D 739 -7.91 15.43 38.56
C VAL D 739 -7.71 16.74 37.82
N GLU D 740 -6.60 17.42 38.09
CA GLU D 740 -6.30 18.68 37.42
C GLU D 740 -6.23 18.49 35.91
N VAL D 741 -5.69 17.36 35.49
CA VAL D 741 -5.59 17.05 34.06
C VAL D 741 -7.00 16.84 33.51
N ALA D 742 -7.84 16.17 34.30
CA ALA D 742 -9.21 15.91 33.89
C ALA D 742 -9.92 17.24 33.75
N ALA D 743 -9.66 18.15 34.68
CA ALA D 743 -10.27 19.45 34.64
C ALA D 743 -9.82 20.15 33.38
N ALA D 745 -8.99 18.67 30.67
CA ALA D 745 -9.51 17.92 29.53
C ALA D 745 -10.91 18.40 29.14
N GLY D 746 -11.52 19.23 29.97
CA GLY D 746 -12.85 19.74 29.66
C GLY D 746 -13.98 19.01 30.34
N LEU D 747 -13.66 18.22 31.36
CA LEU D 747 -14.64 17.47 32.12
C LEU D 747 -15.48 18.50 32.91
N PRO D 748 -16.82 18.36 32.91
CA PRO D 748 -17.68 19.30 33.62
C PRO D 748 -17.15 19.75 34.99
N LYS D 749 -17.23 21.05 35.25
CA LYS D 749 -16.76 21.63 36.51
C LYS D 749 -17.33 20.86 37.70
N GLU D 750 -18.61 20.52 37.63
CA GLU D 750 -19.26 19.78 38.70
C GLU D 750 -18.52 18.48 38.95
N VAL D 751 -18.30 17.71 37.88
CA VAL D 751 -17.61 16.43 37.99
C VAL D 751 -16.21 16.61 38.52
N VAL D 752 -15.52 17.65 38.06
CA VAL D 752 -14.16 17.93 38.54
C VAL D 752 -14.21 18.19 40.04
N ALA D 753 -15.23 18.93 40.47
CA ALA D 753 -15.39 19.27 41.89
C ALA D 753 -15.65 18.05 42.77
N ARG D 754 -16.53 17.16 42.32
CA ARG D 754 -16.82 15.96 43.10
C ARG D 754 -15.54 15.18 43.31
N ALA D 755 -14.79 15.00 42.22
CA ALA D 755 -13.53 14.27 42.25
C ALA D 755 -12.57 14.82 43.29
N ARG D 756 -12.42 16.14 43.32
CA ARG D 756 -11.54 16.75 44.31
C ARG D 756 -12.08 16.37 45.70
N ALA D 757 -13.36 16.66 45.92
CA ALA D 757 -14.01 16.36 47.19
C ALA D 757 -13.71 14.92 47.59
N LEU D 758 -14.03 13.99 46.70
CA LEU D 758 -13.80 12.57 46.96
C LEU D 758 -12.32 12.31 47.18
N LEU D 759 -11.49 12.89 46.34
CA LEU D 759 -10.04 12.72 46.43
C LEU D 759 -9.57 13.03 47.84
N GLN D 760 -9.86 14.24 48.31
CA GLN D 760 -9.45 14.64 49.64
C GLN D 760 -10.14 13.82 50.71
N ALA D 761 -11.45 13.62 50.55
CA ALA D 761 -12.21 12.85 51.53
C ALA D 761 -11.59 11.48 51.75
#